data_9UJO
#
_entry.id   9UJO
#
loop_
_entity.id
_entity.type
_entity.pdbx_description
1 polymer 'Non-structural protein V'
2 non-polymer 'ZINC ION'
#
_entity_poly.entity_id   1
_entity_poly.type   'polypeptide(L)'
_entity_poly.pdbx_seq_one_letter_code
;GPASTSETPIKKGHRREIGLIWNGDRVFIDRWCNPMCSKVTLGTIRARCTCGECPRVCEQCRTDTGVDTRIWYHNLPEIP
E
;
_entity_poly.pdbx_strand_id   A
#
# COMPACT_ATOMS: atom_id res chain seq x y z
N GLY A 1 -0.59 31.83 -7.02
CA GLY A 1 -0.90 31.58 -8.43
C GLY A 1 -0.53 30.16 -8.83
N PRO A 2 -0.24 29.99 -10.14
CA PRO A 2 0.12 28.68 -10.67
C PRO A 2 1.56 28.32 -10.28
N ALA A 3 2.50 29.04 -10.88
CA ALA A 3 3.90 28.80 -10.60
C ALA A 3 4.21 29.20 -9.16
N SER A 4 4.26 28.19 -8.30
CA SER A 4 4.53 28.41 -6.90
C SER A 4 4.65 27.07 -6.16
N THR A 5 5.54 27.04 -5.19
CA THR A 5 5.76 25.84 -4.41
C THR A 5 4.42 25.24 -3.96
N SER A 6 4.22 23.98 -4.32
CA SER A 6 2.99 23.29 -3.97
C SER A 6 3.25 22.30 -2.83
N GLU A 7 3.00 22.78 -1.61
CA GLU A 7 3.20 21.96 -0.44
C GLU A 7 2.55 20.58 -0.64
N THR A 8 2.77 19.72 0.36
CA THR A 8 2.22 18.38 0.30
C THR A 8 2.08 17.80 1.71
N PRO A 9 0.97 18.18 2.40
CA PRO A 9 0.72 17.70 3.74
C PRO A 9 0.25 16.25 3.74
N ILE A 10 -0.34 15.84 4.85
CA ILE A 10 -0.83 14.48 4.98
C ILE A 10 -2.02 14.29 4.04
N LYS A 11 -1.87 13.31 3.16
CA LYS A 11 -2.92 13.00 2.20
C LYS A 11 -3.00 11.48 2.01
N LYS A 12 -3.15 10.78 3.13
CA LYS A 12 -3.25 9.33 3.11
C LYS A 12 -4.25 8.91 2.03
N GLY A 13 -4.34 7.61 1.82
CA GLY A 13 -5.26 7.07 0.84
C GLY A 13 -4.78 5.70 0.34
N HIS A 14 -4.96 5.48 -0.96
CA HIS A 14 -4.56 4.22 -1.57
C HIS A 14 -3.84 4.50 -2.89
N ARG A 15 -2.55 4.19 -2.90
CA ARG A 15 -1.75 4.40 -4.10
C ARG A 15 -1.10 3.09 -4.54
N ARG A 16 -1.46 2.66 -5.74
CA ARG A 16 -0.93 1.43 -6.29
C ARG A 16 0.59 1.54 -6.46
N GLU A 17 1.28 0.47 -6.08
CA GLU A 17 2.72 0.44 -6.18
C GLU A 17 3.15 -0.47 -7.33
N ILE A 18 4.46 -0.65 -7.45
CA ILE A 18 5.01 -1.49 -8.51
C ILE A 18 6.27 -2.17 -8.00
N GLY A 19 6.24 -3.49 -8.01
CA GLY A 19 7.38 -4.28 -7.56
C GLY A 19 7.80 -5.30 -8.61
N LEU A 20 8.47 -4.80 -9.64
CA LEU A 20 8.93 -5.65 -10.72
C LEU A 20 9.80 -6.78 -10.14
N ILE A 21 9.66 -7.96 -10.73
CA ILE A 21 10.42 -9.10 -10.29
C ILE A 21 11.14 -9.74 -11.48
N TRP A 22 12.47 -9.77 -11.39
CA TRP A 22 13.27 -10.35 -12.45
C TRP A 22 13.26 -11.87 -12.30
N ASN A 23 12.63 -12.52 -13.26
CA ASN A 23 12.54 -13.97 -13.24
C ASN A 23 12.51 -14.50 -14.68
N GLY A 24 13.58 -15.20 -15.04
CA GLY A 24 13.69 -15.76 -16.37
C GLY A 24 14.01 -14.67 -17.40
N ASP A 25 13.27 -14.70 -18.50
CA ASP A 25 13.45 -13.72 -19.56
C ASP A 25 12.27 -12.75 -19.56
N ARG A 26 11.55 -12.74 -18.45
CA ARG A 26 10.40 -11.86 -18.32
C ARG A 26 10.36 -11.23 -16.92
N VAL A 27 9.50 -10.24 -16.77
CA VAL A 27 9.37 -9.56 -15.50
C VAL A 27 7.91 -9.62 -15.05
N PHE A 28 7.73 -9.54 -13.73
CA PHE A 28 6.39 -9.58 -13.16
C PHE A 28 6.14 -8.36 -12.27
N ILE A 29 4.98 -7.75 -12.48
CA ILE A 29 4.60 -6.57 -11.71
C ILE A 29 3.69 -6.99 -10.56
N ASP A 30 4.01 -6.48 -9.38
CA ASP A 30 3.23 -6.79 -8.20
C ASP A 30 2.36 -5.60 -7.83
N ARG A 31 1.12 -5.90 -7.44
CA ARG A 31 0.18 -4.85 -7.07
C ARG A 31 -0.07 -4.89 -5.55
N TRP A 32 -0.19 -3.69 -4.98
CA TRP A 32 -0.44 -3.57 -3.56
C TRP A 32 -0.61 -2.09 -3.23
N CYS A 33 -0.82 -1.82 -1.95
CA CYS A 33 -1.02 -0.45 -1.47
C CYS A 33 0.06 -0.08 -0.46
N ASN A 34 0.71 1.05 -0.68
CA ASN A 34 1.76 1.49 0.22
C ASN A 34 1.19 1.60 1.64
N PRO A 35 -0.03 2.16 1.73
CA PRO A 35 -0.73 2.64 0.55
C PRO A 35 -0.12 3.96 0.04
N MET A 36 0.11 4.86 0.98
CA MET A 36 0.68 6.15 0.65
C MET A 36 1.58 6.66 1.78
N CYS A 37 1.03 6.63 2.99
CA CYS A 37 1.76 7.08 4.17
C CYS A 37 3.20 6.60 4.14
N SER A 38 3.43 5.50 3.43
CA SER A 38 4.78 4.95 3.34
C SER A 38 5.42 5.35 2.01
N LYS A 39 6.66 5.77 2.08
CA LYS A 39 7.39 6.19 0.90
C LYS A 39 7.52 5.01 -0.06
N VAL A 40 6.86 5.13 -1.19
CA VAL A 40 6.89 4.09 -2.20
C VAL A 40 8.33 3.80 -2.59
N THR A 41 8.63 2.51 -2.75
CA THR A 41 9.96 2.10 -3.12
C THR A 41 9.91 1.16 -4.33
N LEU A 42 10.80 1.41 -5.28
CA LEU A 42 10.86 0.61 -6.49
C LEU A 42 11.11 -0.86 -6.10
N GLY A 43 10.03 -1.57 -5.89
CA GLY A 43 10.10 -2.98 -5.52
C GLY A 43 9.03 -3.34 -4.50
N THR A 44 8.71 -4.63 -4.46
CA THR A 44 7.69 -5.11 -3.54
C THR A 44 8.06 -4.76 -2.09
N ILE A 45 7.14 -4.08 -1.42
CA ILE A 45 7.36 -3.69 -0.05
C ILE A 45 6.03 -3.35 0.60
N ARG A 46 5.84 -3.86 1.82
CA ARG A 46 4.61 -3.62 2.55
C ARG A 46 4.90 -2.81 3.82
N ALA A 47 4.46 -1.56 3.81
CA ALA A 47 4.66 -0.68 4.94
C ALA A 47 3.43 -0.72 5.84
N ARG A 48 3.69 -0.64 7.14
CA ARG A 48 2.60 -0.66 8.11
C ARG A 48 2.22 0.76 8.52
N CYS A 49 1.08 1.20 8.01
CA CYS A 49 0.59 2.53 8.32
C CYS A 49 0.64 2.73 9.84
N THR A 50 0.95 3.96 10.24
CA THR A 50 1.03 4.28 11.66
C THR A 50 -0.18 5.12 12.08
N CYS A 51 -0.78 5.78 11.09
CA CYS A 51 -1.94 6.61 11.35
C CYS A 51 -3.00 5.75 12.03
N GLY A 52 -3.31 4.62 11.40
CA GLY A 52 -4.30 3.71 11.94
C GLY A 52 -5.69 4.00 11.36
N GLU A 53 -5.68 4.70 10.23
CA GLU A 53 -6.92 5.05 9.56
C GLU A 53 -6.88 4.61 8.10
N CYS A 54 -5.78 3.98 7.74
CA CYS A 54 -5.60 3.50 6.38
C CYS A 54 -4.31 2.68 6.32
N PRO A 55 -4.29 1.72 5.35
CA PRO A 55 -5.41 1.51 4.47
C PRO A 55 -6.56 0.80 5.19
N ARG A 56 -7.76 1.36 5.03
CA ARG A 56 -8.93 0.79 5.66
C ARG A 56 -9.58 -0.24 4.73
N VAL A 57 -9.57 0.07 3.44
CA VAL A 57 -10.15 -0.81 2.45
C VAL A 57 -9.99 -0.19 1.06
N CYS A 58 -10.36 -0.95 0.05
CA CYS A 58 -10.26 -0.49 -1.32
C CYS A 58 -10.74 -1.61 -2.24
N GLU A 59 -10.25 -1.58 -3.47
CA GLU A 59 -10.62 -2.59 -4.45
C GLU A 59 -9.62 -3.74 -4.43
N GLN A 60 -8.98 -3.91 -3.29
CA GLN A 60 -8.00 -4.97 -3.12
C GLN A 60 -8.08 -5.55 -1.71
N CYS A 61 -8.17 -4.66 -0.74
CA CYS A 61 -8.26 -5.07 0.65
C CYS A 61 -9.69 -5.51 0.94
N ARG A 62 -10.63 -4.71 0.43
CA ARG A 62 -12.04 -5.02 0.62
C ARG A 62 -12.31 -6.50 0.33
N THR A 63 -11.81 -6.93 -0.82
CA THR A 63 -12.01 -8.32 -1.23
C THR A 63 -11.24 -9.26 -0.29
N ASP A 64 -10.03 -8.84 0.05
CA ASP A 64 -9.20 -9.64 0.95
C ASP A 64 -10.03 -10.10 2.14
N THR A 65 -9.64 -11.25 2.67
CA THR A 65 -10.34 -11.81 3.81
C THR A 65 -9.80 -11.22 5.12
N GLY A 66 -8.48 -11.20 5.22
CA GLY A 66 -7.83 -10.66 6.41
C GLY A 66 -8.27 -9.22 6.67
N VAL A 67 -8.85 -8.61 5.64
CA VAL A 67 -9.31 -7.25 5.75
C VAL A 67 -10.27 -7.13 6.94
N ASP A 68 -10.93 -8.24 7.24
CA ASP A 68 -11.87 -8.28 8.35
C ASP A 68 -11.13 -7.92 9.64
N THR A 69 -9.88 -8.34 9.71
CA THR A 69 -9.06 -8.09 10.88
C THR A 69 -7.87 -7.20 10.51
N ARG A 70 -8.06 -6.42 9.46
CA ARG A 70 -7.01 -5.52 8.99
C ARG A 70 -6.43 -4.74 10.17
N ILE A 71 -5.11 -4.70 10.20
CA ILE A 71 -4.40 -3.99 11.25
C ILE A 71 -3.77 -2.71 10.69
N TRP A 72 -4.53 -1.63 10.81
CA TRP A 72 -4.06 -0.34 10.31
C TRP A 72 -2.92 0.13 11.22
N TYR A 73 -2.80 -0.54 12.36
CA TYR A 73 -1.76 -0.20 13.32
C TYR A 73 -0.47 -0.98 13.04
N HIS A 74 0.65 -0.28 13.16
CA HIS A 74 1.94 -0.90 12.92
C HIS A 74 2.47 -1.50 14.22
N ASN A 75 1.56 -2.12 14.96
CA ASN A 75 1.93 -2.75 16.22
C ASN A 75 2.24 -4.23 15.98
N LEU A 76 1.38 -4.86 15.18
CA LEU A 76 1.56 -6.27 14.86
C LEU A 76 3.04 -6.54 14.59
N PRO A 77 3.42 -7.85 14.76
CA PRO A 77 4.80 -8.26 14.54
C PRO A 77 5.11 -8.31 13.04
N GLU A 78 4.69 -9.40 12.42
CA GLU A 78 4.92 -9.59 11.00
C GLU A 78 3.65 -10.08 10.31
N ILE A 79 3.85 -10.74 9.17
CA ILE A 79 2.72 -11.26 8.41
C ILE A 79 3.02 -12.71 8.00
N PRO A 80 2.72 -13.64 8.95
CA PRO A 80 2.95 -15.06 8.70
C PRO A 80 1.90 -15.62 7.74
N GLU A 81 0.94 -14.78 7.41
CA GLU A 81 -0.13 -15.18 6.50
C GLU A 81 0.06 -14.54 5.13
N GLY A 1 -4.56 16.82 -18.47
CA GLY A 1 -3.38 15.97 -18.56
C GLY A 1 -2.20 16.60 -17.79
N PRO A 2 -1.84 17.84 -18.19
CA PRO A 2 -0.75 18.55 -17.55
C PRO A 2 -1.16 19.07 -16.18
N ALA A 3 -0.23 19.79 -15.55
CA ALA A 3 -0.49 20.35 -14.24
C ALA A 3 -0.44 21.88 -14.33
N SER A 4 -1.43 22.51 -13.71
CA SER A 4 -1.51 23.96 -13.72
C SER A 4 -1.31 24.49 -12.30
N THR A 5 -2.31 24.26 -11.47
CA THR A 5 -2.26 24.71 -10.09
C THR A 5 -0.90 24.39 -9.47
N SER A 6 -0.52 23.12 -9.56
CA SER A 6 0.75 22.69 -9.02
C SER A 6 0.61 22.40 -7.52
N GLU A 7 -0.61 22.07 -7.13
CA GLU A 7 -0.89 21.77 -5.74
C GLU A 7 -1.14 20.27 -5.55
N THR A 8 -0.86 19.80 -4.35
CA THR A 8 -1.06 18.39 -4.04
C THR A 8 -0.56 18.09 -2.63
N PRO A 9 -1.46 18.31 -1.63
CA PRO A 9 -1.11 18.06 -0.24
C PRO A 9 -1.10 16.55 0.06
N ILE A 10 -1.16 16.24 1.34
CA ILE A 10 -1.16 14.86 1.78
C ILE A 10 -2.51 14.22 1.46
N LYS A 11 -2.50 13.38 0.42
CA LYS A 11 -3.71 12.70 0.01
C LYS A 11 -3.73 11.30 0.60
N LYS A 12 -3.48 11.22 1.89
CA LYS A 12 -3.47 9.95 2.59
C LYS A 12 -4.62 9.08 2.07
N GLY A 13 -4.25 7.91 1.57
CA GLY A 13 -5.24 6.98 1.03
C GLY A 13 -4.60 5.62 0.73
N HIS A 14 -4.91 5.10 -0.44
CA HIS A 14 -4.38 3.81 -0.86
C HIS A 14 -4.06 3.85 -2.35
N ARG A 15 -2.77 3.76 -2.65
CA ARG A 15 -2.31 3.79 -4.03
C ARG A 15 -1.63 2.46 -4.39
N ARG A 16 -2.20 1.79 -5.38
CA ARG A 16 -1.67 0.51 -5.82
C ARG A 16 -0.25 0.70 -6.35
N GLU A 17 0.71 0.17 -5.60
CA GLU A 17 2.10 0.27 -5.98
C GLU A 17 2.45 -0.78 -7.04
N ILE A 18 3.72 -0.85 -7.39
CA ILE A 18 4.18 -1.80 -8.38
C ILE A 18 5.49 -2.43 -7.89
N GLY A 19 5.43 -3.75 -7.67
CA GLY A 19 6.59 -4.48 -7.21
C GLY A 19 6.86 -5.71 -8.10
N LEU A 20 7.57 -5.47 -9.18
CA LEU A 20 7.90 -6.54 -10.11
C LEU A 20 8.55 -7.69 -9.35
N ILE A 21 8.23 -8.91 -9.78
CA ILE A 21 8.79 -10.10 -9.15
C ILE A 21 9.68 -10.82 -10.14
N TRP A 22 10.95 -10.91 -9.79
CA TRP A 22 11.94 -11.57 -10.64
C TRP A 22 11.89 -13.07 -10.33
N ASN A 23 11.22 -13.80 -11.20
CA ASN A 23 11.09 -15.24 -11.04
C ASN A 23 11.08 -15.91 -12.42
N GLY A 24 11.87 -16.98 -12.52
CA GLY A 24 11.95 -17.71 -13.77
C GLY A 24 12.43 -16.80 -14.91
N ASP A 25 11.62 -16.76 -15.96
CA ASP A 25 11.94 -15.93 -17.12
C ASP A 25 10.79 -14.97 -17.40
N ARG A 26 10.15 -14.54 -16.32
CA ARG A 26 9.04 -13.61 -16.43
C ARG A 26 8.97 -12.72 -15.19
N VAL A 27 8.46 -11.52 -15.40
CA VAL A 27 8.33 -10.55 -14.32
C VAL A 27 6.85 -10.42 -13.94
N PHE A 28 6.59 -10.59 -12.65
CA PHE A 28 5.23 -10.50 -12.14
C PHE A 28 5.08 -9.28 -11.22
N ILE A 29 4.14 -8.42 -11.60
CA ILE A 29 3.88 -7.22 -10.81
C ILE A 29 3.14 -7.60 -9.54
N ASP A 30 3.51 -6.94 -8.45
CA ASP A 30 2.89 -7.20 -7.16
C ASP A 30 2.00 -6.02 -6.79
N ARG A 31 0.73 -6.31 -6.56
CA ARG A 31 -0.23 -5.29 -6.19
C ARG A 31 -0.40 -5.25 -4.67
N TRP A 32 -0.53 -4.03 -4.15
CA TRP A 32 -0.70 -3.84 -2.72
C TRP A 32 -0.88 -2.34 -2.47
N CYS A 33 -0.94 -1.99 -1.19
CA CYS A 33 -1.11 -0.61 -0.78
C CYS A 33 0.08 -0.12 0.05
N ASN A 34 0.52 1.10 -0.22
CA ASN A 34 1.64 1.67 0.51
C ASN A 34 1.37 1.59 2.01
N PRO A 35 0.12 1.97 2.39
CA PRO A 35 -0.86 2.41 1.39
C PRO A 35 -0.54 3.82 0.90
N MET A 36 -0.06 4.64 1.81
CA MET A 36 0.28 6.02 1.48
C MET A 36 1.11 6.66 2.59
N CYS A 37 0.66 6.44 3.83
CA CYS A 37 1.33 6.99 4.99
C CYS A 37 2.84 6.81 4.89
N SER A 38 3.26 5.82 4.11
CA SER A 38 4.68 5.55 3.93
C SER A 38 5.21 6.32 2.71
N LYS A 39 6.51 6.20 2.51
CA LYS A 39 7.15 6.87 1.39
C LYS A 39 7.36 5.87 0.26
N VAL A 40 6.57 6.03 -0.79
CA VAL A 40 6.66 5.16 -1.94
C VAL A 40 8.11 5.10 -2.43
N THR A 41 8.49 3.92 -2.91
CA THR A 41 9.85 3.73 -3.39
C THR A 41 9.82 3.20 -4.83
N LEU A 42 10.95 3.35 -5.50
CA LEU A 42 11.08 2.90 -6.88
C LEU A 42 11.42 1.40 -6.89
N GLY A 43 10.59 0.63 -6.20
CA GLY A 43 10.79 -0.80 -6.11
C GLY A 43 9.56 -1.50 -5.55
N THR A 44 9.61 -1.78 -4.25
CA THR A 44 8.50 -2.44 -3.58
C THR A 44 8.79 -2.57 -2.09
N ILE A 45 7.85 -2.10 -1.29
CA ILE A 45 7.98 -2.17 0.16
C ILE A 45 6.61 -2.00 0.81
N ARG A 46 6.34 -2.87 1.77
CA ARG A 46 5.06 -2.83 2.47
C ARG A 46 5.23 -2.13 3.82
N ALA A 47 4.55 -1.00 3.95
CA ALA A 47 4.62 -0.23 5.17
C ALA A 47 3.36 -0.49 6.00
N ARG A 48 3.37 0.04 7.22
CA ARG A 48 2.24 -0.14 8.12
C ARG A 48 1.68 1.22 8.53
N CYS A 49 0.46 1.48 8.09
CA CYS A 49 -0.21 2.74 8.40
C CYS A 49 -0.52 2.74 9.90
N THR A 50 -0.75 3.94 10.42
CA THR A 50 -1.05 4.11 11.83
C THR A 50 -2.20 5.11 12.00
N CYS A 51 -2.11 6.20 11.26
CA CYS A 51 -3.12 7.24 11.33
C CYS A 51 -4.49 6.56 11.47
N GLY A 52 -4.71 5.57 10.62
CA GLY A 52 -5.97 4.84 10.64
C GLY A 52 -7.00 5.51 9.73
N GLU A 53 -6.86 6.83 9.59
CA GLU A 53 -7.78 7.59 8.76
C GLU A 53 -7.29 7.59 7.30
N CYS A 54 -6.39 6.67 7.02
CA CYS A 54 -5.84 6.55 5.67
C CYS A 54 -7.01 6.54 4.68
N PRO A 55 -8.02 5.68 4.99
CA PRO A 55 -7.96 4.85 6.18
C PRO A 55 -6.98 3.69 6.00
N ARG A 56 -6.45 3.22 7.12
CA ARG A 56 -5.51 2.12 7.09
C ARG A 56 -5.87 1.13 5.98
N VAL A 57 -7.17 0.97 5.78
CA VAL A 57 -7.67 0.07 4.76
C VAL A 57 -8.51 0.85 3.76
N CYS A 58 -8.52 0.36 2.52
CA CYS A 58 -9.29 0.99 1.47
C CYS A 58 -10.36 0.01 0.99
N GLU A 59 -11.25 0.53 0.16
CA GLU A 59 -12.33 -0.29 -0.39
C GLU A 59 -11.82 -1.10 -1.59
N GLN A 60 -10.53 -1.02 -1.81
CA GLN A 60 -9.91 -1.74 -2.92
C GLN A 60 -9.02 -2.87 -2.40
N CYS A 61 -8.66 -2.76 -1.12
CA CYS A 61 -7.82 -3.76 -0.49
C CYS A 61 -8.66 -4.49 0.56
N ARG A 62 -9.37 -3.71 1.35
CA ARG A 62 -10.21 -4.27 2.39
C ARG A 62 -11.04 -5.43 1.85
N THR A 63 -11.45 -5.29 0.60
CA THR A 63 -12.24 -6.32 -0.06
C THR A 63 -11.33 -7.43 -0.59
N ASP A 64 -10.10 -7.05 -0.89
CA ASP A 64 -9.13 -8.01 -1.41
C ASP A 64 -9.21 -9.30 -0.60
N THR A 65 -8.63 -10.35 -1.14
CA THR A 65 -8.62 -11.64 -0.49
C THR A 65 -7.35 -11.82 0.34
N GLY A 66 -6.38 -10.95 0.06
CA GLY A 66 -5.11 -10.99 0.77
C GLY A 66 -5.15 -10.12 2.03
N VAL A 67 -5.85 -8.99 1.90
CA VAL A 67 -5.97 -8.07 3.01
C VAL A 67 -6.31 -8.85 4.29
N ASP A 68 -6.94 -10.00 4.08
CA ASP A 68 -7.33 -10.84 5.21
C ASP A 68 -6.07 -11.39 5.88
N THR A 69 -5.19 -11.95 5.07
CA THR A 69 -3.95 -12.51 5.58
C THR A 69 -3.00 -11.40 6.01
N ARG A 70 -3.28 -10.19 5.52
CA ARG A 70 -2.46 -9.04 5.85
C ARG A 70 -3.00 -8.35 7.10
N ILE A 71 -2.09 -7.70 7.81
CA ILE A 71 -2.46 -6.99 9.03
C ILE A 71 -3.15 -5.67 8.66
N TRP A 72 -3.93 -5.17 9.59
CA TRP A 72 -4.66 -3.92 9.38
C TRP A 72 -3.89 -2.81 10.10
N TYR A 73 -3.12 -3.21 11.09
CA TYR A 73 -2.34 -2.26 11.87
C TYR A 73 -0.92 -2.79 12.12
N HIS A 74 -0.13 -1.97 12.78
CA HIS A 74 1.25 -2.35 13.09
C HIS A 74 1.26 -3.29 14.29
N ASN A 75 0.07 -3.55 14.81
CA ASN A 75 -0.08 -4.43 15.96
C ASN A 75 0.85 -5.63 15.79
N LEU A 76 0.70 -6.30 14.66
CA LEU A 76 1.51 -7.47 14.37
C LEU A 76 1.41 -8.46 15.53
N PRO A 77 0.44 -9.40 15.39
CA PRO A 77 0.23 -10.41 16.42
C PRO A 77 1.32 -11.49 16.37
N GLU A 78 1.51 -12.03 15.18
CA GLU A 78 2.52 -13.06 14.98
C GLU A 78 3.52 -12.63 13.91
N ILE A 79 4.05 -13.62 13.21
CA ILE A 79 5.02 -13.36 12.15
C ILE A 79 4.33 -12.61 11.02
N PRO A 80 5.15 -11.85 10.25
CA PRO A 80 4.63 -11.08 9.12
C PRO A 80 4.32 -11.99 7.94
N GLU A 81 4.97 -13.15 7.92
CA GLU A 81 4.77 -14.12 6.86
C GLU A 81 4.16 -15.41 7.42
N GLY A 1 -2.14 26.46 -20.91
CA GLY A 1 -0.74 26.76 -21.21
C GLY A 1 0.07 26.92 -19.92
N PRO A 2 -0.31 27.96 -19.14
CA PRO A 2 0.38 28.24 -17.89
C PRO A 2 -0.02 27.22 -16.81
N ALA A 3 0.39 27.51 -15.59
CA ALA A 3 0.08 26.65 -14.46
C ALA A 3 -0.01 27.48 -13.18
N SER A 4 -0.16 26.78 -12.07
CA SER A 4 -0.25 27.44 -10.78
C SER A 4 0.27 26.51 -9.67
N THR A 5 0.18 27.00 -8.45
CA THR A 5 0.63 26.22 -7.30
C THR A 5 -0.30 25.04 -7.05
N SER A 6 0.30 23.92 -6.70
CA SER A 6 -0.46 22.71 -6.43
C SER A 6 0.11 21.98 -5.22
N GLU A 7 0.15 22.70 -4.11
CA GLU A 7 0.67 22.13 -2.87
C GLU A 7 0.25 20.67 -2.72
N THR A 8 1.19 19.85 -2.27
CA THR A 8 0.92 18.44 -2.10
C THR A 8 1.03 18.06 -0.62
N PRO A 9 -0.10 18.25 0.11
CA PRO A 9 -0.14 17.94 1.53
C PRO A 9 -0.21 16.43 1.76
N ILE A 10 -0.63 16.06 2.96
CA ILE A 10 -0.75 14.66 3.31
C ILE A 10 -1.47 13.91 2.19
N LYS A 11 -1.33 12.59 2.22
CA LYS A 11 -1.98 11.75 1.22
C LYS A 11 -2.55 10.51 1.89
N LYS A 12 -3.65 10.72 2.61
CA LYS A 12 -4.30 9.62 3.30
C LYS A 12 -5.29 8.94 2.36
N GLY A 13 -4.94 7.72 1.98
CA GLY A 13 -5.78 6.95 1.08
C GLY A 13 -5.09 5.65 0.66
N HIS A 14 -5.23 5.34 -0.63
CA HIS A 14 -4.62 4.13 -1.17
C HIS A 14 -4.18 4.38 -2.61
N ARG A 15 -2.88 4.28 -2.83
CA ARG A 15 -2.33 4.50 -4.15
C ARG A 15 -1.69 3.21 -4.68
N ARG A 16 -2.22 2.75 -5.81
CA ARG A 16 -1.73 1.53 -6.42
C ARG A 16 -0.26 1.68 -6.81
N GLU A 17 0.46 0.57 -6.77
CA GLU A 17 1.87 0.58 -7.12
C GLU A 17 2.18 -0.55 -8.11
N ILE A 18 3.46 -0.66 -8.44
CA ILE A 18 3.90 -1.70 -9.36
C ILE A 18 5.19 -2.32 -8.84
N GLY A 19 5.09 -3.59 -8.49
CA GLY A 19 6.24 -4.31 -7.98
C GLY A 19 6.49 -5.60 -8.78
N LEU A 20 7.35 -5.47 -9.78
CA LEU A 20 7.69 -6.61 -10.63
C LEU A 20 8.31 -7.70 -9.78
N ILE A 21 7.91 -8.94 -10.06
CA ILE A 21 8.44 -10.08 -9.33
C ILE A 21 9.38 -10.87 -10.24
N TRP A 22 10.66 -10.80 -9.91
CA TRP A 22 11.68 -11.51 -10.67
C TRP A 22 11.69 -12.97 -10.21
N ASN A 23 11.09 -13.81 -11.02
CA ASN A 23 11.03 -15.24 -10.71
C ASN A 23 11.11 -16.04 -12.01
N GLY A 24 11.86 -17.13 -11.95
CA GLY A 24 12.02 -18.00 -13.10
C GLY A 24 12.58 -17.22 -14.30
N ASP A 25 11.83 -17.26 -15.38
CA ASP A 25 12.25 -16.56 -16.59
C ASP A 25 11.13 -15.62 -17.04
N ARG A 26 10.38 -15.12 -16.06
CA ARG A 26 9.28 -14.22 -16.33
C ARG A 26 9.09 -13.25 -15.16
N VAL A 27 8.36 -12.18 -15.43
CA VAL A 27 8.09 -11.18 -14.41
C VAL A 27 6.59 -11.14 -14.14
N PHE A 28 6.24 -10.69 -12.93
CA PHE A 28 4.86 -10.60 -12.53
C PHE A 28 4.62 -9.37 -11.65
N ILE A 29 3.90 -8.40 -12.20
CA ILE A 29 3.60 -7.19 -11.47
C ILE A 29 2.75 -7.53 -10.25
N ASP A 30 3.08 -6.89 -9.14
CA ASP A 30 2.35 -7.12 -7.89
C ASP A 30 1.62 -5.83 -7.50
N ARG A 31 0.31 -5.94 -7.42
CA ARG A 31 -0.52 -4.80 -7.05
C ARG A 31 -0.79 -4.81 -5.55
N TRP A 32 -0.84 -3.61 -4.97
CA TRP A 32 -1.10 -3.46 -3.55
C TRP A 32 -1.19 -1.98 -3.23
N CYS A 33 -1.11 -1.67 -1.94
CA CYS A 33 -1.17 -0.28 -1.48
C CYS A 33 -0.10 -0.01 -0.43
N ASN A 34 0.47 1.18 -0.48
CA ASN A 34 1.51 1.55 0.48
C ASN A 34 0.97 1.39 1.90
N PRO A 35 -0.30 1.86 2.09
CA PRO A 35 -1.04 2.47 1.00
C PRO A 35 -0.52 3.87 0.68
N MET A 36 -0.24 4.61 1.75
CA MET A 36 0.26 5.97 1.61
C MET A 36 1.03 6.40 2.85
N CYS A 37 0.44 6.11 4.00
CA CYS A 37 1.04 6.45 5.29
C CYS A 37 2.57 6.44 5.20
N SER A 38 3.10 5.47 4.48
CA SER A 38 4.54 5.35 4.32
C SER A 38 4.97 5.94 2.97
N LYS A 39 6.18 6.48 2.97
CA LYS A 39 6.72 7.08 1.76
C LYS A 39 7.34 5.99 0.89
N VAL A 40 6.79 5.87 -0.32
CA VAL A 40 7.27 4.86 -1.26
C VAL A 40 8.80 5.00 -1.40
N THR A 41 9.44 3.85 -1.55
CA THR A 41 10.89 3.83 -1.70
C THR A 41 11.28 3.21 -3.04
N LEU A 42 12.51 3.49 -3.45
CA LEU A 42 13.01 2.97 -4.71
C LEU A 42 12.99 1.45 -4.68
N GLY A 43 11.83 0.90 -5.00
CA GLY A 43 11.66 -0.54 -5.02
C GLY A 43 10.40 -0.96 -4.24
N THR A 44 9.58 -1.75 -4.91
CA THR A 44 8.35 -2.22 -4.30
C THR A 44 8.60 -2.66 -2.86
N ILE A 45 7.69 -2.27 -1.99
CA ILE A 45 7.79 -2.62 -0.58
C ILE A 45 6.43 -2.46 0.09
N ARG A 46 6.17 -3.33 1.06
CA ARG A 46 4.91 -3.29 1.78
C ARG A 46 5.08 -2.57 3.12
N ALA A 47 4.49 -1.39 3.19
CA ALA A 47 4.56 -0.59 4.41
C ALA A 47 3.35 -0.89 5.30
N ARG A 48 3.31 -0.20 6.43
CA ARG A 48 2.22 -0.39 7.37
C ARG A 48 1.46 0.93 7.58
N CYS A 49 0.48 0.88 8.46
CA CYS A 49 -0.31 2.06 8.76
C CYS A 49 0.05 2.54 10.17
N THR A 50 -0.38 3.76 10.47
CA THR A 50 -0.10 4.34 11.77
C THR A 50 -1.36 5.01 12.33
N CYS A 51 -1.90 5.92 11.53
CA CYS A 51 -3.10 6.65 11.92
C CYS A 51 -4.20 5.63 12.22
N GLY A 52 -4.51 4.83 11.20
CA GLY A 52 -5.54 3.82 11.33
C GLY A 52 -6.82 4.24 10.62
N GLU A 53 -6.86 5.51 10.23
CA GLU A 53 -8.01 6.05 9.54
C GLU A 53 -7.64 6.46 8.11
N CYS A 54 -6.69 5.72 7.56
CA CYS A 54 -6.23 6.00 6.20
C CYS A 54 -7.45 6.09 5.29
N PRO A 55 -8.35 5.08 5.43
CA PRO A 55 -8.13 4.00 6.37
C PRO A 55 -7.05 3.03 5.86
N ARG A 56 -6.39 2.38 6.80
CA ARG A 56 -5.35 1.43 6.47
C ARG A 56 -5.78 0.57 5.28
N VAL A 57 -7.09 0.40 5.15
CA VAL A 57 -7.65 -0.40 4.07
C VAL A 57 -8.53 0.49 3.19
N CYS A 58 -8.75 0.03 1.98
CA CYS A 58 -9.57 0.75 1.03
C CYS A 58 -10.70 -0.16 0.55
N GLU A 59 -11.45 0.33 -0.43
CA GLU A 59 -12.55 -0.44 -0.97
C GLU A 59 -12.04 -1.54 -1.88
N GLN A 60 -10.72 -1.60 -2.01
CA GLN A 60 -10.08 -2.60 -2.85
C GLN A 60 -9.49 -3.71 -1.98
N CYS A 61 -8.82 -3.30 -0.92
CA CYS A 61 -8.19 -4.24 -0.01
C CYS A 61 -9.30 -5.00 0.72
N ARG A 62 -10.17 -4.24 1.38
CA ARG A 62 -11.27 -4.83 2.11
C ARG A 62 -11.92 -5.96 1.31
N THR A 63 -12.09 -5.70 0.01
CA THR A 63 -12.69 -6.68 -0.88
C THR A 63 -11.64 -7.73 -1.28
N ASP A 64 -10.40 -7.30 -1.36
CA ASP A 64 -9.32 -8.19 -1.72
C ASP A 64 -9.42 -9.47 -0.90
N THR A 65 -8.60 -10.45 -1.28
CA THR A 65 -8.60 -11.72 -0.59
C THR A 65 -7.33 -11.87 0.26
N GLY A 66 -6.40 -10.96 0.02
CA GLY A 66 -5.14 -10.97 0.75
C GLY A 66 -5.14 -9.92 1.87
N VAL A 67 -6.27 -9.24 1.98
CA VAL A 67 -6.41 -8.21 3.00
C VAL A 67 -6.56 -8.88 4.37
N ASP A 68 -6.85 -10.17 4.34
CA ASP A 68 -7.01 -10.93 5.57
C ASP A 68 -5.66 -11.05 6.27
N THR A 69 -4.62 -10.79 5.51
CA THR A 69 -3.27 -10.88 6.06
C THR A 69 -2.67 -9.48 6.23
N ARG A 70 -3.47 -8.48 5.85
CA ARG A 70 -3.04 -7.10 5.95
C ARG A 70 -2.95 -6.68 7.42
N ILE A 71 -2.05 -5.74 7.68
CA ILE A 71 -1.85 -5.24 9.04
C ILE A 71 -2.66 -3.95 9.22
N TRP A 72 -3.38 -3.89 10.33
CA TRP A 72 -4.18 -2.72 10.63
C TRP A 72 -3.24 -1.61 11.13
N TYR A 73 -2.45 -1.96 12.15
CA TYR A 73 -1.52 -1.01 12.72
C TYR A 73 -0.09 -1.57 12.68
N HIS A 74 0.87 -0.68 12.94
CA HIS A 74 2.26 -1.07 12.94
C HIS A 74 2.66 -1.54 14.34
N ASN A 75 1.66 -1.79 15.16
CA ASN A 75 1.88 -2.25 16.52
C ASN A 75 2.17 -3.76 16.51
N LEU A 76 1.85 -4.38 15.38
CA LEU A 76 2.06 -5.80 15.23
C LEU A 76 1.97 -6.17 13.75
N PRO A 77 2.95 -5.65 12.96
CA PRO A 77 2.98 -5.91 11.53
C PRO A 77 3.48 -7.33 11.26
N GLU A 78 4.69 -7.61 11.73
CA GLU A 78 5.28 -8.92 11.55
C GLU A 78 5.61 -9.55 12.90
N ILE A 79 6.57 -10.47 12.87
CA ILE A 79 6.99 -11.15 14.08
C ILE A 79 8.51 -11.15 14.16
N PRO A 80 9.05 -10.08 14.82
CA PRO A 80 10.50 -9.95 14.97
C PRO A 80 11.02 -10.90 16.03
N GLU A 81 10.10 -11.67 16.60
CA GLU A 81 10.46 -12.63 17.64
C GLU A 81 11.77 -13.34 17.27
N GLY A 1 -10.94 6.11 -21.84
CA GLY A 1 -10.53 6.32 -20.47
C GLY A 1 -10.01 7.75 -20.26
N PRO A 2 -10.92 8.62 -19.75
CA PRO A 2 -10.57 10.00 -19.51
C PRO A 2 -9.70 10.14 -18.25
N ALA A 3 -9.63 11.36 -17.75
CA ALA A 3 -8.85 11.63 -16.55
C ALA A 3 -9.55 12.69 -15.71
N SER A 4 -8.88 13.08 -14.63
CA SER A 4 -9.43 14.09 -13.74
C SER A 4 -8.32 14.73 -12.91
N THR A 5 -8.72 15.61 -12.01
CA THR A 5 -7.76 16.29 -11.15
C THR A 5 -7.62 15.55 -9.82
N SER A 6 -6.83 16.15 -8.94
CA SER A 6 -6.61 15.56 -7.63
C SER A 6 -6.42 16.66 -6.58
N GLU A 7 -7.32 17.63 -6.63
CA GLU A 7 -7.26 18.75 -5.70
C GLU A 7 -7.25 18.24 -4.26
N THR A 8 -6.97 19.15 -3.34
CA THR A 8 -6.92 18.81 -1.92
C THR A 8 -6.27 17.43 -1.73
N PRO A 9 -4.91 17.42 -1.89
CA PRO A 9 -4.16 16.19 -1.72
C PRO A 9 -4.03 15.81 -0.25
N ILE A 10 -3.08 14.92 0.02
CA ILE A 10 -2.84 14.48 1.38
C ILE A 10 -1.64 13.52 1.40
N LYS A 11 -1.11 13.32 2.59
CA LYS A 11 0.03 12.43 2.75
C LYS A 11 -0.45 10.99 2.91
N LYS A 12 -1.68 10.86 3.40
CA LYS A 12 -2.27 9.55 3.60
C LYS A 12 -3.17 9.22 2.41
N GLY A 13 -3.87 8.10 2.53
CA GLY A 13 -4.76 7.66 1.47
C GLY A 13 -4.47 6.21 1.08
N HIS A 14 -4.58 5.95 -0.22
CA HIS A 14 -4.32 4.62 -0.74
C HIS A 14 -3.98 4.70 -2.23
N ARG A 15 -2.73 4.38 -2.53
CA ARG A 15 -2.26 4.41 -3.90
C ARG A 15 -1.65 3.06 -4.30
N ARG A 16 -2.33 2.39 -5.22
CA ARG A 16 -1.87 1.09 -5.69
C ARG A 16 -0.48 1.22 -6.31
N GLU A 17 0.40 0.32 -5.91
CA GLU A 17 1.75 0.31 -6.44
C GLU A 17 2.03 -0.99 -7.20
N ILE A 18 3.03 -0.93 -8.07
CA ILE A 18 3.40 -2.08 -8.86
C ILE A 18 4.68 -2.70 -8.29
N GLY A 19 4.63 -4.00 -8.06
CA GLY A 19 5.78 -4.71 -7.53
C GLY A 19 6.15 -5.91 -8.42
N LEU A 20 6.91 -5.61 -9.46
CA LEU A 20 7.34 -6.65 -10.39
C LEU A 20 8.41 -7.51 -9.71
N ILE A 21 8.16 -8.82 -9.73
CA ILE A 21 9.09 -9.75 -9.13
C ILE A 21 9.86 -10.49 -10.24
N TRP A 22 11.15 -10.65 -10.00
CA TRP A 22 12.00 -11.33 -10.97
C TRP A 22 12.31 -12.73 -10.44
N ASN A 23 11.61 -13.70 -10.98
CA ASN A 23 11.80 -15.08 -10.58
C ASN A 23 11.81 -15.98 -11.81
N GLY A 24 13.01 -16.17 -12.36
CA GLY A 24 13.18 -16.99 -13.53
C GLY A 24 13.27 -16.15 -14.80
N ASP A 25 12.34 -16.41 -15.71
CA ASP A 25 12.31 -15.68 -16.97
C ASP A 25 10.94 -15.03 -17.13
N ARG A 26 10.33 -14.70 -16.00
CA ARG A 26 9.02 -14.07 -16.00
C ARG A 26 8.93 -13.02 -14.90
N VAL A 27 7.97 -12.12 -15.06
CA VAL A 27 7.77 -11.06 -14.09
C VAL A 27 6.36 -11.17 -13.50
N PHE A 28 6.30 -11.06 -12.18
CA PHE A 28 5.02 -11.15 -11.49
C PHE A 28 4.63 -9.80 -10.88
N ILE A 29 3.43 -9.37 -11.20
CA ILE A 29 2.93 -8.11 -10.69
C ILE A 29 2.20 -8.35 -9.36
N ASP A 30 2.57 -7.54 -8.38
CA ASP A 30 1.96 -7.65 -7.06
C ASP A 30 1.33 -6.31 -6.68
N ARG A 31 0.01 -6.34 -6.51
CA ARG A 31 -0.72 -5.13 -6.14
C ARG A 31 -0.87 -5.05 -4.62
N TRP A 32 -0.97 -3.81 -4.14
CA TRP A 32 -1.11 -3.57 -2.72
C TRP A 32 -1.28 -2.06 -2.50
N CYS A 33 -0.90 -1.62 -1.31
CA CYS A 33 -0.99 -0.21 -0.96
C CYS A 33 0.16 0.20 -0.04
N ASN A 34 0.65 1.41 -0.22
CA ASN A 34 1.75 1.91 0.60
C ASN A 34 1.37 1.80 2.07
N PRO A 35 0.10 2.20 2.38
CA PRO A 35 -0.80 2.68 1.33
C PRO A 35 -0.42 4.09 0.91
N MET A 36 -0.06 4.90 1.90
CA MET A 36 0.32 6.28 1.63
C MET A 36 1.13 6.86 2.79
N CYS A 37 0.56 6.73 3.99
CA CYS A 37 1.20 7.23 5.20
C CYS A 37 2.71 7.03 5.14
N SER A 38 3.15 5.99 4.43
CA SER A 38 4.56 5.71 4.30
C SER A 38 5.07 6.21 2.95
N LYS A 39 6.37 6.47 2.90
CA LYS A 39 6.99 6.95 1.68
C LYS A 39 7.37 5.75 0.81
N VAL A 40 6.86 5.75 -0.41
CA VAL A 40 7.13 4.67 -1.34
C VAL A 40 8.65 4.47 -1.45
N THR A 41 9.03 3.49 -2.25
CA THR A 41 10.44 3.18 -2.43
C THR A 41 10.73 2.92 -3.92
N LEU A 42 12.00 3.05 -4.26
CA LEU A 42 12.42 2.83 -5.64
C LEU A 42 12.14 1.38 -6.03
N GLY A 43 12.08 0.52 -5.02
CA GLY A 43 11.82 -0.89 -5.25
C GLY A 43 10.48 -1.30 -4.63
N THR A 44 10.09 -2.53 -4.91
CA THR A 44 8.84 -3.05 -4.40
C THR A 44 8.91 -3.19 -2.87
N ILE A 45 8.00 -2.48 -2.20
CA ILE A 45 7.96 -2.51 -0.75
C ILE A 45 6.60 -1.99 -0.28
N ARG A 46 6.20 -2.44 0.89
CA ARG A 46 4.93 -2.03 1.47
C ARG A 46 5.10 -1.70 2.95
N ALA A 47 4.63 -0.52 3.33
CA ALA A 47 4.72 -0.08 4.71
C ALA A 47 3.46 -0.53 5.46
N ARG A 48 3.49 -0.30 6.77
CA ARG A 48 2.36 -0.67 7.62
C ARG A 48 1.61 0.58 8.06
N CYS A 49 0.33 0.63 7.69
CA CYS A 49 -0.51 1.75 8.04
C CYS A 49 -0.30 2.06 9.54
N THR A 50 -0.51 3.32 9.88
CA THR A 50 -0.34 3.76 11.26
C THR A 50 -1.50 4.67 11.67
N CYS A 51 -1.76 5.65 10.81
CA CYS A 51 -2.84 6.60 11.08
C CYS A 51 -4.08 5.81 11.52
N GLY A 52 -4.48 4.88 10.66
CA GLY A 52 -5.65 4.06 10.94
C GLY A 52 -6.91 4.67 10.34
N GLU A 53 -6.75 5.85 9.76
CA GLU A 53 -7.86 6.55 9.14
C GLU A 53 -7.59 6.77 7.66
N CYS A 54 -6.71 5.94 7.11
CA CYS A 54 -6.37 6.03 5.71
C CYS A 54 -7.65 6.09 4.89
N PRO A 55 -8.59 5.16 5.21
CA PRO A 55 -8.34 4.19 6.25
C PRO A 55 -7.37 3.11 5.77
N ARG A 56 -6.68 2.50 6.73
CA ARG A 56 -5.72 1.46 6.42
C ARG A 56 -6.24 0.57 5.29
N VAL A 57 -7.57 0.46 5.23
CA VAL A 57 -8.20 -0.34 4.20
C VAL A 57 -8.97 0.57 3.25
N CYS A 58 -9.02 0.14 1.98
CA CYS A 58 -9.71 0.91 0.97
C CYS A 58 -10.79 0.02 0.34
N GLU A 59 -11.38 0.52 -0.73
CA GLU A 59 -12.43 -0.22 -1.42
C GLU A 59 -11.82 -1.37 -2.21
N GLN A 60 -10.50 -1.46 -2.17
CA GLN A 60 -9.79 -2.51 -2.87
C GLN A 60 -9.31 -3.58 -1.89
N CYS A 61 -8.78 -3.13 -0.77
CA CYS A 61 -8.30 -4.03 0.25
C CYS A 61 -9.48 -4.77 0.85
N ARG A 62 -10.44 -3.99 1.35
CA ARG A 62 -11.63 -4.55 1.95
C ARG A 62 -12.23 -5.63 1.05
N THR A 63 -12.24 -5.33 -0.24
CA THR A 63 -12.78 -6.26 -1.22
C THR A 63 -11.74 -7.32 -1.56
N ASP A 64 -10.48 -6.96 -1.38
CA ASP A 64 -9.38 -7.87 -1.66
C ASP A 64 -9.63 -9.20 -0.94
N THR A 65 -8.85 -10.20 -1.34
CA THR A 65 -8.98 -11.52 -0.74
C THR A 65 -7.78 -11.81 0.17
N GLY A 66 -6.91 -10.82 0.28
CA GLY A 66 -5.72 -10.95 1.11
C GLY A 66 -5.56 -9.73 2.02
N VAL A 67 -6.67 -9.08 2.31
CA VAL A 67 -6.67 -7.91 3.16
C VAL A 67 -6.73 -8.35 4.63
N ASP A 68 -7.08 -9.61 4.81
CA ASP A 68 -7.17 -10.17 6.15
C ASP A 68 -5.83 -10.78 6.55
N THR A 69 -4.99 -10.96 5.55
CA THR A 69 -3.67 -11.54 5.78
C THR A 69 -2.63 -10.43 5.98
N ARG A 70 -2.89 -9.31 5.33
CA ARG A 70 -1.99 -8.17 5.43
C ARG A 70 -2.03 -7.57 6.84
N ILE A 71 -1.32 -6.47 7.01
CA ILE A 71 -1.26 -5.80 8.29
C ILE A 71 -2.00 -4.47 8.20
N TRP A 72 -2.71 -4.15 9.28
CA TRP A 72 -3.47 -2.91 9.33
C TRP A 72 -2.74 -1.95 10.28
N TYR A 73 -2.09 -2.53 11.28
CA TYR A 73 -1.36 -1.73 12.25
C TYR A 73 0.04 -2.31 12.48
N HIS A 74 0.90 -1.48 13.06
CA HIS A 74 2.26 -1.90 13.35
C HIS A 74 2.27 -2.93 14.47
N ASN A 75 1.09 -3.13 15.06
CA ASN A 75 0.94 -4.08 16.14
C ASN A 75 1.76 -5.33 15.83
N LEU A 76 1.47 -5.91 14.68
CA LEU A 76 2.17 -7.11 14.25
C LEU A 76 1.92 -8.23 15.27
N PRO A 77 0.84 -9.01 15.03
CA PRO A 77 0.49 -10.11 15.91
C PRO A 77 1.44 -11.30 15.71
N GLU A 78 1.32 -11.90 14.53
CA GLU A 78 2.16 -13.05 14.22
C GLU A 78 2.96 -12.77 12.93
N ILE A 79 3.32 -13.85 12.25
CA ILE A 79 4.08 -13.74 11.02
C ILE A 79 3.53 -14.73 9.99
N PRO A 80 2.44 -14.29 9.31
CA PRO A 80 1.81 -15.13 8.30
C PRO A 80 2.64 -15.16 7.01
N GLU A 81 3.74 -14.42 7.04
CA GLU A 81 4.63 -14.35 5.89
C GLU A 81 5.96 -15.03 6.22
N GLY A 1 0.57 24.05 -22.86
CA GLY A 1 1.76 24.39 -22.09
C GLY A 1 2.05 23.31 -21.05
N PRO A 2 3.34 23.30 -20.58
CA PRO A 2 3.75 22.33 -19.58
C PRO A 2 3.23 22.70 -18.20
N ALA A 3 3.70 21.96 -17.21
CA ALA A 3 3.28 22.20 -15.83
C ALA A 3 4.23 23.22 -15.19
N SER A 4 4.00 23.46 -13.90
CA SER A 4 4.82 24.40 -13.17
C SER A 4 4.43 24.39 -11.69
N THR A 5 5.44 24.31 -10.84
CA THR A 5 5.22 24.28 -9.41
C THR A 5 4.27 23.15 -9.03
N SER A 6 4.66 21.95 -9.44
CA SER A 6 3.86 20.77 -9.15
C SER A 6 4.01 20.37 -7.69
N GLU A 7 3.13 20.92 -6.86
CA GLU A 7 3.16 20.62 -5.43
C GLU A 7 2.95 19.13 -5.20
N THR A 8 2.89 18.77 -3.91
CA THR A 8 2.71 17.39 -3.53
C THR A 8 2.48 17.28 -2.02
N PRO A 9 1.29 17.75 -1.59
CA PRO A 9 0.94 17.71 -0.18
C PRO A 9 0.56 16.29 0.25
N ILE A 10 -0.11 16.21 1.38
CA ILE A 10 -0.54 14.92 1.92
C ILE A 10 -1.84 14.49 1.22
N LYS A 11 -1.86 13.24 0.83
CA LYS A 11 -3.03 12.69 0.15
C LYS A 11 -3.34 11.30 0.72
N LYS A 12 -3.73 11.29 1.99
CA LYS A 12 -4.05 10.04 2.66
C LYS A 12 -4.86 9.15 1.72
N GLY A 13 -4.88 7.87 2.03
CA GLY A 13 -5.62 6.91 1.23
C GLY A 13 -4.80 5.64 1.01
N HIS A 14 -4.74 5.23 -0.25
CA HIS A 14 -3.99 4.04 -0.61
C HIS A 14 -3.34 4.23 -1.99
N ARG A 15 -2.03 4.09 -2.00
CA ARG A 15 -1.27 4.26 -3.24
C ARG A 15 -0.84 2.89 -3.77
N ARG A 16 -1.49 2.48 -4.84
CA ARG A 16 -1.18 1.19 -5.45
C ARG A 16 0.27 1.18 -5.96
N GLU A 17 0.84 -0.01 -5.99
CA GLU A 17 2.20 -0.18 -6.45
C GLU A 17 2.38 -1.53 -7.16
N ILE A 18 3.33 -1.55 -8.07
CA ILE A 18 3.60 -2.77 -8.82
C ILE A 18 4.97 -3.32 -8.41
N GLY A 19 4.96 -4.57 -7.97
CA GLY A 19 6.19 -5.23 -7.55
C GLY A 19 6.60 -6.32 -8.54
N LEU A 20 7.30 -5.88 -9.57
CA LEU A 20 7.76 -6.81 -10.60
C LEU A 20 8.81 -7.75 -9.99
N ILE A 21 8.53 -9.05 -10.12
CA ILE A 21 9.44 -10.06 -9.59
C ILE A 21 10.21 -10.69 -10.75
N TRP A 22 11.51 -10.85 -10.53
CA TRP A 22 12.37 -11.44 -11.55
C TRP A 22 12.66 -12.89 -11.13
N ASN A 23 12.01 -13.81 -11.83
CA ASN A 23 12.19 -15.23 -11.56
C ASN A 23 12.01 -16.02 -12.85
N GLY A 24 13.13 -16.45 -13.41
CA GLY A 24 13.12 -17.21 -14.64
C GLY A 24 13.23 -16.30 -15.87
N ASP A 25 12.24 -16.40 -16.73
CA ASP A 25 12.21 -15.59 -17.94
C ASP A 25 10.87 -14.86 -18.03
N ARG A 26 10.31 -14.58 -16.87
CA ARG A 26 9.03 -13.89 -16.80
C ARG A 26 8.98 -12.98 -15.58
N VAL A 27 8.15 -11.95 -15.68
CA VAL A 27 8.01 -11.00 -14.59
C VAL A 27 6.60 -11.10 -14.01
N PHE A 28 6.53 -10.99 -12.69
CA PHE A 28 5.26 -11.08 -11.99
C PHE A 28 4.93 -9.77 -11.28
N ILE A 29 3.73 -9.28 -11.53
CA ILE A 29 3.29 -8.04 -10.90
C ILE A 29 2.58 -8.36 -9.59
N ASP A 30 2.85 -7.53 -8.59
CA ASP A 30 2.24 -7.71 -7.28
C ASP A 30 1.60 -6.40 -6.84
N ARG A 31 0.34 -6.51 -6.40
CA ARG A 31 -0.39 -5.34 -5.95
C ARG A 31 -0.45 -5.31 -4.41
N TRP A 32 -0.44 -4.10 -3.89
CA TRP A 32 -0.49 -3.92 -2.44
C TRP A 32 -0.72 -2.43 -2.16
N CYS A 33 -0.30 -2.02 -0.97
CA CYS A 33 -0.44 -0.63 -0.55
C CYS A 33 0.67 -0.24 0.43
N ASN A 34 1.17 0.97 0.28
CA ASN A 34 2.23 1.45 1.15
C ASN A 34 1.73 1.47 2.59
N PRO A 35 0.44 1.87 2.74
CA PRO A 35 -0.37 2.26 1.60
C PRO A 35 0.03 3.63 1.07
N MET A 36 0.11 4.58 2.00
CA MET A 36 0.49 5.94 1.64
C MET A 36 1.24 6.62 2.79
N CYS A 37 0.62 6.61 3.95
CA CYS A 37 1.20 7.21 5.14
C CYS A 37 2.72 7.04 5.16
N SER A 38 3.18 5.92 4.60
CA SER A 38 4.61 5.65 4.57
C SER A 38 5.17 6.03 3.19
N LYS A 39 6.30 6.72 3.21
CA LYS A 39 6.94 7.15 1.98
C LYS A 39 7.59 5.95 1.30
N VAL A 40 7.00 5.55 0.18
CA VAL A 40 7.51 4.41 -0.57
C VAL A 40 8.96 4.70 -1.01
N THR A 41 9.53 3.73 -1.68
CA THR A 41 10.90 3.86 -2.16
C THR A 41 10.95 3.80 -3.69
N LEU A 42 12.03 4.33 -4.23
CA LEU A 42 12.21 4.35 -5.67
C LEU A 42 12.16 2.92 -6.21
N GLY A 43 10.94 2.47 -6.51
CA GLY A 43 10.75 1.13 -7.02
C GLY A 43 9.53 0.46 -6.37
N THR A 44 9.82 -0.53 -5.54
CA THR A 44 8.77 -1.24 -4.84
C THR A 44 9.13 -1.44 -3.36
N ILE A 45 8.23 -1.02 -2.50
CA ILE A 45 8.45 -1.14 -1.07
C ILE A 45 7.10 -1.26 -0.36
N ARG A 46 7.10 -2.05 0.70
CA ARG A 46 5.89 -2.26 1.47
C ARG A 46 6.02 -1.63 2.87
N ALA A 47 5.00 -0.89 3.24
CA ALA A 47 4.99 -0.24 4.55
C ALA A 47 3.69 -0.58 5.28
N ARG A 48 3.57 -0.05 6.49
CA ARG A 48 2.39 -0.29 7.30
C ARG A 48 1.58 0.99 7.44
N CYS A 49 0.50 0.89 8.21
CA CYS A 49 -0.37 2.04 8.42
C CYS A 49 -0.15 2.56 9.84
N THR A 50 -0.44 3.84 10.03
CA THR A 50 -0.26 4.46 11.33
C THR A 50 -1.46 5.36 11.65
N CYS A 51 -1.86 6.12 10.65
CA CYS A 51 -2.98 7.03 10.81
C CYS A 51 -4.22 6.20 11.20
N GLY A 52 -4.53 5.24 10.34
CA GLY A 52 -5.67 4.37 10.58
C GLY A 52 -6.89 4.82 9.76
N GLU A 53 -6.96 6.13 9.55
CA GLU A 53 -8.05 6.70 8.79
C GLU A 53 -7.68 6.79 7.31
N CYS A 54 -6.83 5.87 6.89
CA CYS A 54 -6.38 5.83 5.51
C CYS A 54 -7.62 5.93 4.60
N PRO A 55 -8.63 5.08 4.92
CA PRO A 55 -8.52 4.17 6.04
C PRO A 55 -7.60 2.99 5.71
N ARG A 56 -7.05 2.38 6.75
CA ARG A 56 -6.17 1.25 6.58
C ARG A 56 -6.63 0.38 5.40
N VAL A 57 -7.94 0.37 5.19
CA VAL A 57 -8.52 -0.41 4.12
C VAL A 57 -8.95 0.54 2.99
N CYS A 58 -8.86 0.02 1.77
CA CYS A 58 -9.24 0.81 0.60
C CYS A 58 -10.26 0.00 -0.20
N GLU A 59 -10.55 0.50 -1.40
CA GLU A 59 -11.50 -0.16 -2.27
C GLU A 59 -10.91 -1.45 -2.83
N GLN A 60 -9.65 -1.69 -2.48
CA GLN A 60 -8.95 -2.88 -2.93
C GLN A 60 -8.86 -3.91 -1.81
N CYS A 61 -8.41 -3.44 -0.66
CA CYS A 61 -8.27 -4.31 0.50
C CYS A 61 -9.67 -4.75 0.93
N ARG A 62 -10.60 -3.81 0.91
CA ARG A 62 -11.97 -4.10 1.30
C ARG A 62 -12.57 -5.15 0.37
N THR A 63 -11.88 -5.38 -0.74
CA THR A 63 -12.34 -6.37 -1.72
C THR A 63 -11.30 -7.48 -1.87
N ASP A 64 -10.28 -7.42 -1.02
CA ASP A 64 -9.22 -8.41 -1.05
C ASP A 64 -9.82 -9.79 -0.76
N THR A 65 -8.95 -10.79 -0.72
CA THR A 65 -9.37 -12.15 -0.46
C THR A 65 -8.97 -12.57 0.96
N GLY A 66 -8.27 -11.66 1.64
CA GLY A 66 -7.83 -11.92 2.99
C GLY A 66 -7.38 -10.63 3.69
N VAL A 67 -8.10 -9.55 3.39
CA VAL A 67 -7.79 -8.26 3.97
C VAL A 67 -7.99 -8.32 5.49
N ASP A 68 -8.76 -9.32 5.90
CA ASP A 68 -9.03 -9.50 7.33
C ASP A 68 -7.81 -10.12 8.00
N THR A 69 -7.01 -10.81 7.20
CA THR A 69 -5.80 -11.45 7.71
C THR A 69 -4.62 -10.49 7.64
N ARG A 70 -4.65 -9.63 6.63
CA ARG A 70 -3.59 -8.65 6.45
C ARG A 70 -3.36 -7.87 7.74
N ILE A 71 -2.21 -7.21 7.80
CA ILE A 71 -1.85 -6.42 8.97
C ILE A 71 -2.90 -5.33 9.18
N TRP A 72 -2.96 -4.83 10.41
CA TRP A 72 -3.89 -3.78 10.75
C TRP A 72 -3.10 -2.54 11.15
N TYR A 73 -2.05 -2.77 11.93
CA TYR A 73 -1.20 -1.69 12.38
C TYR A 73 0.24 -2.17 12.57
N HIS A 74 1.12 -1.21 12.86
CA HIS A 74 2.52 -1.51 13.08
C HIS A 74 2.68 -2.39 14.32
N ASN A 75 1.59 -2.48 15.08
CA ASN A 75 1.60 -3.27 16.30
C ASN A 75 2.39 -4.57 16.05
N LEU A 76 1.84 -5.38 15.15
CA LEU A 76 2.48 -6.65 14.82
C LEU A 76 2.64 -7.49 16.08
N PRO A 77 1.58 -8.28 16.38
CA PRO A 77 1.60 -9.14 17.56
C PRO A 77 2.51 -10.35 17.36
N GLU A 78 2.06 -11.24 16.47
CA GLU A 78 2.82 -12.44 16.18
C GLU A 78 3.17 -12.50 14.69
N ILE A 79 3.35 -13.71 14.20
CA ILE A 79 3.68 -13.92 12.81
C ILE A 79 2.88 -15.11 12.26
N PRO A 80 1.67 -14.80 11.73
CA PRO A 80 0.80 -15.83 11.18
C PRO A 80 1.32 -16.30 9.82
N GLU A 81 2.41 -15.69 9.39
CA GLU A 81 3.01 -16.04 8.11
C GLU A 81 3.91 -17.27 8.27
N GLY A 1 -6.44 24.86 -16.39
CA GLY A 1 -6.20 23.43 -16.44
C GLY A 1 -7.03 22.70 -15.36
N PRO A 2 -6.68 21.41 -15.15
CA PRO A 2 -7.37 20.60 -14.16
C PRO A 2 -6.94 20.98 -12.75
N ALA A 3 -5.75 20.55 -12.38
CA ALA A 3 -5.21 20.84 -11.06
C ALA A 3 -5.29 22.35 -10.81
N SER A 4 -4.36 23.06 -11.42
CA SER A 4 -4.31 24.50 -11.27
C SER A 4 -3.96 24.87 -9.83
N THR A 5 -3.12 24.04 -9.22
CA THR A 5 -2.71 24.26 -7.84
C THR A 5 -1.18 24.26 -7.74
N SER A 6 -0.70 24.80 -6.63
CA SER A 6 0.73 24.88 -6.40
C SER A 6 1.06 24.29 -5.02
N GLU A 7 0.06 23.66 -4.42
CA GLU A 7 0.24 23.08 -3.11
C GLU A 7 0.20 21.54 -3.20
N THR A 8 0.56 20.91 -2.10
CA THR A 8 0.58 19.45 -2.05
C THR A 8 0.57 18.97 -0.60
N PRO A 9 -0.62 19.09 0.04
CA PRO A 9 -0.78 18.67 1.43
C PRO A 9 -0.83 17.15 1.53
N ILE A 10 -1.33 16.68 2.67
CA ILE A 10 -1.44 15.25 2.91
C ILE A 10 -2.73 14.73 2.28
N LYS A 11 -2.60 13.64 1.55
CA LYS A 11 -3.74 13.04 0.88
C LYS A 11 -3.77 11.54 1.19
N LYS A 12 -3.81 11.23 2.48
CA LYS A 12 -3.84 9.84 2.92
C LYS A 12 -4.77 9.04 2.00
N GLY A 13 -4.32 7.84 1.67
CA GLY A 13 -5.10 6.97 0.81
C GLY A 13 -4.39 5.64 0.57
N HIS A 14 -4.34 5.25 -0.70
CA HIS A 14 -3.69 4.01 -1.08
C HIS A 14 -2.99 4.19 -2.43
N ARG A 15 -1.66 4.12 -2.38
CA ARG A 15 -0.87 4.27 -3.59
C ARG A 15 -0.47 2.90 -4.14
N ARG A 16 -1.23 2.45 -5.13
CA ARG A 16 -0.97 1.17 -5.74
C ARG A 16 0.42 1.15 -6.39
N GLU A 17 1.12 0.06 -6.16
CA GLU A 17 2.47 -0.09 -6.71
C GLU A 17 2.57 -1.39 -7.51
N ILE A 18 3.69 -1.54 -8.21
CA ILE A 18 3.92 -2.71 -9.01
C ILE A 18 5.32 -3.26 -8.71
N GLY A 19 5.34 -4.46 -8.16
CA GLY A 19 6.61 -5.11 -7.82
C GLY A 19 7.03 -6.09 -8.92
N LEU A 20 7.74 -5.55 -9.90
CA LEU A 20 8.21 -6.36 -11.00
C LEU A 20 9.38 -7.23 -10.53
N ILE A 21 9.17 -8.54 -10.62
CA ILE A 21 10.19 -9.49 -10.20
C ILE A 21 10.77 -10.18 -11.43
N TRP A 22 12.08 -10.07 -11.58
CA TRP A 22 12.77 -10.67 -12.71
C TRP A 22 13.04 -12.14 -12.35
N ASN A 23 12.22 -13.01 -12.94
CA ASN A 23 12.37 -14.44 -12.71
C ASN A 23 12.27 -15.18 -14.04
N GLY A 24 13.15 -16.16 -14.20
CA GLY A 24 13.17 -16.95 -15.43
C GLY A 24 13.33 -16.05 -16.65
N ASP A 25 12.29 -16.05 -17.47
CA ASP A 25 12.30 -15.25 -18.69
C ASP A 25 11.02 -14.40 -18.75
N ARG A 26 10.58 -13.99 -17.56
CA ARG A 26 9.38 -13.18 -17.46
C ARG A 26 9.38 -12.38 -16.16
N VAL A 27 8.54 -11.36 -16.12
CA VAL A 27 8.45 -10.51 -14.95
C VAL A 27 7.14 -10.82 -14.21
N PHE A 28 7.13 -10.48 -12.93
CA PHE A 28 5.96 -10.71 -12.09
C PHE A 28 5.53 -9.43 -11.39
N ILE A 29 4.28 -9.04 -11.64
CA ILE A 29 3.73 -7.84 -11.04
C ILE A 29 3.05 -8.20 -9.71
N ASP A 30 3.30 -7.38 -8.71
CA ASP A 30 2.71 -7.60 -7.39
C ASP A 30 2.03 -6.32 -6.92
N ARG A 31 0.74 -6.43 -6.66
CA ARG A 31 -0.04 -5.30 -6.20
C ARG A 31 -0.08 -5.26 -4.68
N TRP A 32 -0.12 -4.05 -4.14
CA TRP A 32 -0.17 -3.86 -2.70
C TRP A 32 -0.38 -2.38 -2.42
N CYS A 33 -0.05 -1.98 -1.21
CA CYS A 33 -0.19 -0.59 -0.79
C CYS A 33 0.85 -0.22 0.27
N ASN A 34 1.37 0.99 0.18
CA ASN A 34 2.38 1.44 1.12
C ASN A 34 1.78 1.45 2.54
N PRO A 35 0.49 1.86 2.61
CA PRO A 35 -0.24 2.27 1.42
C PRO A 35 0.21 3.65 0.94
N MET A 36 0.28 4.57 1.89
CA MET A 36 0.69 5.93 1.58
C MET A 36 1.51 6.53 2.73
N CYS A 37 0.91 6.49 3.92
CA CYS A 37 1.55 7.02 5.11
C CYS A 37 3.05 6.74 5.10
N SER A 38 3.42 5.64 4.47
CA SER A 38 4.83 5.26 4.39
C SER A 38 5.42 5.72 3.06
N LYS A 39 6.44 6.56 3.14
CA LYS A 39 7.09 7.07 1.96
C LYS A 39 7.69 5.90 1.16
N VAL A 40 7.04 5.61 0.04
CA VAL A 40 7.49 4.52 -0.81
C VAL A 40 8.95 4.76 -1.22
N THR A 41 9.59 3.70 -1.65
CA THR A 41 10.98 3.78 -2.08
C THR A 41 11.10 3.58 -3.59
N LEU A 42 11.91 4.42 -4.21
CA LEU A 42 12.11 4.35 -5.65
C LEU A 42 12.29 2.90 -6.06
N GLY A 43 11.20 2.30 -6.52
CA GLY A 43 11.23 0.91 -6.95
C GLY A 43 10.00 0.15 -6.44
N THR A 44 10.22 -0.66 -5.43
CA THR A 44 9.14 -1.44 -4.85
C THR A 44 9.40 -1.72 -3.37
N ILE A 45 8.57 -1.13 -2.53
CA ILE A 45 8.71 -1.31 -1.09
C ILE A 45 7.32 -1.47 -0.47
N ARG A 46 7.26 -2.30 0.57
CA ARG A 46 6.01 -2.54 1.26
C ARG A 46 6.08 -2.00 2.69
N ALA A 47 5.03 -1.27 3.06
CA ALA A 47 4.96 -0.68 4.39
C ALA A 47 3.58 -0.95 4.98
N ARG A 48 3.48 -0.72 6.28
CA ARG A 48 2.22 -0.92 6.98
C ARG A 48 1.48 0.41 7.16
N CYS A 49 0.34 0.32 7.84
CA CYS A 49 -0.46 1.51 8.09
C CYS A 49 -0.30 1.90 9.56
N THR A 50 -0.54 3.17 9.83
CA THR A 50 -0.44 3.68 11.19
C THR A 50 -1.62 4.59 11.51
N CYS A 51 -1.83 5.57 10.64
CA CYS A 51 -2.92 6.51 10.82
C CYS A 51 -4.22 5.72 11.03
N GLY A 52 -4.46 4.80 10.11
CA GLY A 52 -5.65 3.98 10.17
C GLY A 52 -6.80 4.60 9.38
N GLU A 53 -6.78 5.92 9.31
CA GLU A 53 -7.80 6.66 8.59
C GLU A 53 -7.40 6.84 7.13
N CYS A 54 -6.51 5.96 6.67
CA CYS A 54 -6.04 6.01 5.31
C CYS A 54 -7.25 6.09 4.38
N PRO A 55 -8.23 5.17 4.64
CA PRO A 55 -8.09 4.22 5.72
C PRO A 55 -7.10 3.11 5.34
N ARG A 56 -6.50 2.54 6.37
CA ARG A 56 -5.53 1.47 6.17
C ARG A 56 -6.05 0.48 5.13
N VAL A 57 -7.38 0.42 5.01
CA VAL A 57 -8.01 -0.47 4.05
C VAL A 57 -8.54 0.35 2.87
N CYS A 58 -8.51 -0.28 1.70
CA CYS A 58 -9.00 0.38 0.50
C CYS A 58 -10.10 -0.49 -0.11
N GLU A 59 -10.51 -0.12 -1.32
CA GLU A 59 -11.54 -0.85 -2.02
C GLU A 59 -10.99 -2.20 -2.51
N GLN A 60 -9.71 -2.40 -2.27
CA GLN A 60 -9.06 -3.64 -2.69
C GLN A 60 -8.81 -4.53 -1.47
N CYS A 61 -8.37 -3.90 -0.40
CA CYS A 61 -8.09 -4.63 0.84
C CYS A 61 -9.42 -5.00 1.49
N ARG A 62 -10.36 -4.06 1.43
CA ARG A 62 -11.67 -4.28 2.00
C ARG A 62 -12.38 -5.44 1.29
N THR A 63 -11.86 -5.77 0.12
CA THR A 63 -12.44 -6.86 -0.67
C THR A 63 -11.44 -8.01 -0.78
N ASP A 64 -10.35 -7.90 -0.03
CA ASP A 64 -9.33 -8.92 -0.03
C ASP A 64 -9.95 -10.27 0.32
N THR A 65 -9.08 -11.24 0.57
CA THR A 65 -9.53 -12.57 0.92
C THR A 65 -9.38 -12.81 2.43
N GLY A 66 -8.65 -11.90 3.06
CA GLY A 66 -8.42 -11.99 4.49
C GLY A 66 -7.90 -10.67 5.05
N VAL A 67 -8.65 -9.61 4.79
CA VAL A 67 -8.28 -8.29 5.25
C VAL A 67 -8.80 -8.09 6.68
N ASP A 68 -9.87 -8.81 6.98
CA ASP A 68 -10.50 -8.71 8.29
C ASP A 68 -9.58 -9.37 9.33
N THR A 69 -9.06 -10.53 8.97
CA THR A 69 -8.18 -11.27 9.86
C THR A 69 -6.80 -10.59 9.92
N ARG A 70 -6.55 -9.75 8.94
CA ARG A 70 -5.30 -9.02 8.88
C ARG A 70 -5.30 -7.87 9.87
N ILE A 71 -4.17 -7.18 9.94
CA ILE A 71 -4.03 -6.06 10.85
C ILE A 71 -4.31 -4.76 10.10
N TRP A 72 -4.93 -3.83 10.81
CA TRP A 72 -5.26 -2.54 10.22
C TRP A 72 -4.13 -1.56 10.53
N TYR A 73 -3.46 -1.83 11.64
CA TYR A 73 -2.35 -0.99 12.06
C TYR A 73 -1.01 -1.70 11.89
N HIS A 74 0.05 -0.97 12.16
CA HIS A 74 1.39 -1.53 12.05
C HIS A 74 1.80 -2.16 13.39
N ASN A 75 1.39 -3.42 13.55
CA ASN A 75 1.70 -4.15 14.77
C ASN A 75 0.81 -3.65 15.90
N LEU A 76 0.97 -2.37 16.22
CA LEU A 76 0.18 -1.76 17.28
C LEU A 76 -1.25 -2.29 17.22
N PRO A 77 -1.89 -2.35 18.42
CA PRO A 77 -3.26 -2.84 18.52
C PRO A 77 -4.24 -1.79 18.00
N GLU A 78 -4.60 -0.86 18.87
CA GLU A 78 -5.53 0.19 18.52
C GLU A 78 -4.89 1.56 18.76
N ILE A 79 -5.75 2.53 19.00
CA ILE A 79 -5.29 3.89 19.24
C ILE A 79 -5.36 4.19 20.74
N PRO A 80 -4.16 4.29 21.35
CA PRO A 80 -4.06 4.58 22.78
C PRO A 80 -4.37 6.05 23.06
N GLU A 81 -3.34 6.86 22.92
CA GLU A 81 -3.47 8.29 23.17
C GLU A 81 -4.82 8.79 22.65
N GLY A 1 -1.52 35.01 -17.77
CA GLY A 1 -2.38 34.10 -17.04
C GLY A 1 -1.99 34.03 -15.56
N PRO A 2 -2.94 33.55 -14.73
CA PRO A 2 -2.69 33.44 -13.30
C PRO A 2 -1.78 32.25 -12.99
N ALA A 3 -0.94 32.42 -11.99
CA ALA A 3 -0.01 31.38 -11.59
C ALA A 3 0.01 31.29 -10.06
N SER A 4 -0.70 30.30 -9.55
CA SER A 4 -0.77 30.09 -8.11
C SER A 4 -0.09 28.76 -7.74
N THR A 5 -0.07 28.48 -6.45
CA THR A 5 0.53 27.26 -5.95
C THR A 5 -0.53 26.18 -5.74
N SER A 6 -0.88 25.50 -6.82
CA SER A 6 -1.87 24.45 -6.76
C SER A 6 -1.21 23.12 -6.41
N GLU A 7 0.03 23.22 -5.94
CA GLU A 7 0.78 22.03 -5.57
C GLU A 7 -0.13 21.03 -4.85
N THR A 8 0.08 19.76 -5.16
CA THR A 8 -0.71 18.70 -4.56
C THR A 8 -0.23 18.43 -3.13
N PRO A 9 -1.12 18.75 -2.16
CA PRO A 9 -0.81 18.55 -0.76
C PRO A 9 -0.87 17.06 -0.38
N ILE A 10 -0.97 16.81 0.91
CA ILE A 10 -1.04 15.45 1.41
C ILE A 10 -2.45 14.90 1.19
N LYS A 11 -2.52 13.84 0.38
CA LYS A 11 -3.79 13.22 0.08
C LYS A 11 -3.80 11.79 0.63
N LYS A 12 -3.54 11.68 1.92
CA LYS A 12 -3.51 10.38 2.57
C LYS A 12 -4.66 9.51 2.03
N GLY A 13 -4.30 8.29 1.67
CA GLY A 13 -5.30 7.36 1.14
C GLY A 13 -4.63 6.05 0.73
N HIS A 14 -5.08 5.53 -0.41
CA HIS A 14 -4.54 4.29 -0.93
C HIS A 14 -4.28 4.42 -2.43
N ARG A 15 -3.01 4.37 -2.78
CA ARG A 15 -2.61 4.49 -4.18
C ARG A 15 -1.97 3.19 -4.66
N ARG A 16 -2.55 2.63 -5.71
CA ARG A 16 -2.04 1.39 -6.28
C ARG A 16 -0.61 1.57 -6.77
N GLU A 17 0.26 0.69 -6.29
CA GLU A 17 1.66 0.74 -6.67
C GLU A 17 2.06 -0.54 -7.41
N ILE A 18 3.07 -0.41 -8.26
CA ILE A 18 3.55 -1.55 -9.02
C ILE A 18 4.89 -2.00 -8.46
N GLY A 19 5.05 -3.31 -8.36
CA GLY A 19 6.28 -3.89 -7.85
C GLY A 19 6.67 -5.15 -8.63
N LEU A 20 7.36 -4.91 -9.73
CA LEU A 20 7.81 -6.01 -10.59
C LEU A 20 8.61 -7.00 -9.75
N ILE A 21 8.34 -8.28 -9.99
CA ILE A 21 9.03 -9.34 -9.26
C ILE A 21 10.04 -10.01 -10.19
N TRP A 22 11.31 -9.87 -9.83
CA TRP A 22 12.38 -10.46 -10.61
C TRP A 22 12.56 -11.92 -10.16
N ASN A 23 12.04 -12.82 -10.99
CA ASN A 23 12.14 -14.23 -10.70
C ASN A 23 12.12 -15.03 -12.00
N GLY A 24 13.23 -15.71 -12.25
CA GLY A 24 13.36 -16.51 -13.46
C GLY A 24 13.62 -15.62 -14.68
N ASP A 25 12.99 -15.99 -15.78
CA ASP A 25 13.12 -15.24 -17.01
C ASP A 25 11.83 -14.50 -17.32
N ARG A 26 11.15 -14.09 -16.25
CA ARG A 26 9.90 -13.38 -16.38
C ARG A 26 9.73 -12.38 -15.24
N VAL A 27 8.83 -11.43 -15.44
CA VAL A 27 8.57 -10.41 -14.43
C VAL A 27 7.07 -10.43 -14.08
N PHE A 28 6.81 -10.40 -12.78
CA PHE A 28 5.44 -10.41 -12.29
C PHE A 28 5.12 -9.12 -11.53
N ILE A 29 4.05 -8.47 -11.95
CA ILE A 29 3.63 -7.23 -11.33
C ILE A 29 2.83 -7.55 -10.06
N ASP A 30 3.21 -6.89 -8.97
CA ASP A 30 2.55 -7.10 -7.70
C ASP A 30 1.89 -5.79 -7.25
N ARG A 31 0.58 -5.85 -7.15
CA ARG A 31 -0.19 -4.68 -6.73
C ARG A 31 -0.41 -4.70 -5.22
N TRP A 32 -0.60 -3.51 -4.66
CA TRP A 32 -0.83 -3.37 -3.23
C TRP A 32 -1.08 -1.89 -2.94
N CYS A 33 -0.80 -1.51 -1.69
CA CYS A 33 -0.99 -0.14 -1.26
C CYS A 33 0.16 0.31 -0.35
N ASN A 34 0.62 1.52 -0.55
CA ASN A 34 1.71 2.06 0.25
C ASN A 34 1.36 1.94 1.73
N PRO A 35 0.08 2.31 2.05
CA PRO A 35 -0.83 2.79 1.03
C PRO A 35 -0.49 4.21 0.59
N MET A 36 -0.07 5.01 1.57
CA MET A 36 0.30 6.39 1.30
C MET A 36 1.26 6.91 2.37
N CYS A 37 0.81 6.83 3.62
CA CYS A 37 1.60 7.29 4.74
C CYS A 37 3.08 6.97 4.55
N SER A 38 3.35 5.90 3.82
CA SER A 38 4.72 5.51 3.56
C SER A 38 5.12 5.87 2.13
N LYS A 39 6.27 6.51 2.00
CA LYS A 39 6.76 6.92 0.70
C LYS A 39 6.98 5.67 -0.17
N VAL A 40 6.54 5.77 -1.41
CA VAL A 40 6.69 4.67 -2.35
C VAL A 40 8.15 4.21 -2.36
N THR A 41 8.34 2.96 -2.79
CA THR A 41 9.67 2.39 -2.85
C THR A 41 9.88 1.68 -4.19
N LEU A 42 11.13 1.65 -4.63
CA LEU A 42 11.48 1.01 -5.88
C LEU A 42 11.88 -0.44 -5.61
N GLY A 43 11.56 -0.90 -4.41
CA GLY A 43 11.88 -2.26 -4.02
C GLY A 43 10.61 -3.08 -3.79
N THR A 44 9.51 -2.56 -4.31
CA THR A 44 8.23 -3.23 -4.17
C THR A 44 8.06 -3.76 -2.74
N ILE A 45 7.80 -2.83 -1.83
CA ILE A 45 7.61 -3.18 -0.44
C ILE A 45 6.26 -2.64 0.05
N ARG A 46 5.78 -3.23 1.14
CA ARG A 46 4.51 -2.81 1.72
C ARG A 46 4.72 -2.27 3.13
N ALA A 47 4.45 -0.98 3.29
CA ALA A 47 4.60 -0.34 4.58
C ALA A 47 3.31 -0.53 5.40
N ARG A 48 3.47 -0.49 6.71
CA ARG A 48 2.34 -0.64 7.60
C ARG A 48 1.52 0.65 7.67
N CYS A 49 0.49 0.63 8.50
CA CYS A 49 -0.37 1.78 8.66
C CYS A 49 -0.40 2.16 10.14
N THR A 50 -0.54 3.45 10.39
CA THR A 50 -0.58 3.96 11.75
C THR A 50 -1.70 4.99 11.91
N CYS A 51 -1.70 5.95 10.99
CA CYS A 51 -2.71 7.00 11.01
C CYS A 51 -4.07 6.36 11.29
N GLY A 52 -4.29 5.22 10.67
CA GLY A 52 -5.54 4.49 10.84
C GLY A 52 -6.71 5.27 10.23
N GLU A 53 -6.37 6.34 9.53
CA GLU A 53 -7.37 7.17 8.89
C GLU A 53 -7.04 7.37 7.41
N CYS A 54 -6.20 6.49 6.91
CA CYS A 54 -5.79 6.55 5.51
C CYS A 54 -7.05 6.69 4.65
N PRO A 55 -8.04 5.81 4.94
CA PRO A 55 -7.88 4.82 5.99
C PRO A 55 -6.96 3.69 5.55
N ARG A 56 -6.32 3.06 6.53
CA ARG A 56 -5.41 1.97 6.25
C ARG A 56 -6.04 0.99 5.25
N VAL A 57 -7.36 1.01 5.22
CA VAL A 57 -8.09 0.14 4.31
C VAL A 57 -8.74 0.97 3.21
N CYS A 58 -9.05 0.31 2.11
CA CYS A 58 -9.66 0.97 0.97
C CYS A 58 -10.72 0.04 0.38
N GLU A 59 -11.29 0.47 -0.73
CA GLU A 59 -12.31 -0.31 -1.41
C GLU A 59 -11.67 -1.47 -2.18
N GLN A 60 -10.35 -1.54 -2.08
CA GLN A 60 -9.61 -2.59 -2.75
C GLN A 60 -8.96 -3.52 -1.73
N CYS A 61 -8.74 -2.99 -0.53
CA CYS A 61 -8.13 -3.76 0.53
C CYS A 61 -9.25 -4.36 1.39
N ARG A 62 -10.19 -3.50 1.75
CA ARG A 62 -11.32 -3.94 2.57
C ARG A 62 -12.07 -5.08 1.89
N THR A 63 -11.94 -5.11 0.57
CA THR A 63 -12.61 -6.15 -0.21
C THR A 63 -11.69 -7.37 -0.36
N ASP A 64 -10.41 -7.14 -0.12
CA ASP A 64 -9.42 -8.20 -0.23
C ASP A 64 -9.58 -9.16 0.95
N THR A 65 -9.88 -10.41 0.64
CA THR A 65 -10.07 -11.42 1.66
C THR A 65 -8.78 -11.61 2.45
N GLY A 66 -7.67 -11.25 1.82
CA GLY A 66 -6.37 -11.38 2.45
C GLY A 66 -6.02 -10.12 3.25
N VAL A 67 -7.02 -9.27 3.41
CA VAL A 67 -6.84 -8.03 4.14
C VAL A 67 -7.04 -8.29 5.64
N ASP A 68 -7.84 -9.31 5.93
CA ASP A 68 -8.13 -9.68 7.30
C ASP A 68 -7.16 -10.79 7.74
N THR A 69 -6.54 -11.41 6.75
CA THR A 69 -5.60 -12.48 7.02
C THR A 69 -4.17 -11.94 7.03
N ARG A 70 -3.96 -10.86 6.27
CA ARG A 70 -2.65 -10.25 6.19
C ARG A 70 -2.57 -9.05 7.14
N ILE A 71 -1.54 -9.06 7.97
CA ILE A 71 -1.33 -7.98 8.92
C ILE A 71 -1.12 -6.67 8.17
N TRP A 72 -2.03 -5.73 8.42
CA TRP A 72 -1.96 -4.43 7.77
C TRP A 72 -1.66 -3.39 8.84
N TYR A 73 -2.30 -3.55 9.99
CA TYR A 73 -2.11 -2.64 11.09
C TYR A 73 -0.97 -3.11 12.02
N HIS A 74 -0.06 -2.19 12.29
CA HIS A 74 1.07 -2.50 13.15
C HIS A 74 0.60 -3.33 14.35
N ASN A 75 -0.65 -3.11 14.71
CA ASN A 75 -1.23 -3.82 15.84
C ASN A 75 -0.79 -5.29 15.80
N LEU A 76 -1.25 -5.99 14.77
CA LEU A 76 -0.90 -7.39 14.60
C LEU A 76 0.61 -7.51 14.37
N PRO A 77 1.13 -8.72 14.67
CA PRO A 77 2.55 -8.98 14.49
C PRO A 77 2.90 -9.17 13.02
N GLU A 78 2.81 -10.41 12.57
CA GLU A 78 3.11 -10.74 11.19
C GLU A 78 2.08 -11.73 10.64
N ILE A 79 2.47 -12.42 9.58
CA ILE A 79 1.60 -13.40 8.95
C ILE A 79 1.85 -14.76 9.57
N PRO A 80 0.75 -15.53 9.74
CA PRO A 80 0.84 -16.87 10.31
C PRO A 80 1.41 -17.86 9.30
N GLU A 81 0.52 -18.47 8.53
CA GLU A 81 0.92 -19.44 7.54
C GLU A 81 1.69 -18.74 6.41
N GLY A 1 -7.80 24.89 -17.01
CA GLY A 1 -7.89 26.17 -16.33
C GLY A 1 -6.94 26.21 -15.13
N PRO A 2 -7.42 25.68 -13.98
CA PRO A 2 -6.63 25.66 -12.76
C PRO A 2 -5.56 24.57 -12.83
N ALA A 3 -4.36 24.95 -12.41
CA ALA A 3 -3.24 24.02 -12.42
C ALA A 3 -2.01 24.70 -11.80
N SER A 4 -1.02 23.88 -11.47
CA SER A 4 0.20 24.39 -10.87
C SER A 4 -0.12 25.12 -9.56
N THR A 5 -0.93 24.46 -8.74
CA THR A 5 -1.33 25.03 -7.46
C THR A 5 -0.11 25.20 -6.56
N SER A 6 -0.38 25.54 -5.31
CA SER A 6 0.69 25.73 -4.34
C SER A 6 0.37 24.95 -3.06
N GLU A 7 -0.66 24.13 -3.15
CA GLU A 7 -1.07 23.31 -2.02
C GLU A 7 -0.62 21.86 -2.21
N THR A 8 -0.40 21.19 -1.08
CA THR A 8 0.04 19.80 -1.12
C THR A 8 0.08 19.22 0.30
N PRO A 9 -1.13 19.16 0.93
CA PRO A 9 -1.24 18.62 2.27
C PRO A 9 -1.11 17.10 2.27
N ILE A 10 -1.56 16.50 3.37
CA ILE A 10 -1.51 15.06 3.51
C ILE A 10 -2.68 14.43 2.76
N LYS A 11 -2.34 13.63 1.76
CA LYS A 11 -3.36 12.96 0.96
C LYS A 11 -3.48 11.50 1.41
N LYS A 12 -3.41 11.31 2.72
CA LYS A 12 -3.50 9.97 3.28
C LYS A 12 -4.62 9.19 2.57
N GLY A 13 -4.34 7.94 2.29
CA GLY A 13 -5.30 7.09 1.61
C GLY A 13 -4.67 5.75 1.21
N HIS A 14 -4.99 5.32 0.00
CA HIS A 14 -4.46 4.07 -0.51
C HIS A 14 -4.16 4.21 -2.01
N ARG A 15 -2.87 4.17 -2.33
CA ARG A 15 -2.45 4.30 -3.71
C ARG A 15 -1.81 2.98 -4.19
N ARG A 16 -2.45 2.39 -5.19
CA ARG A 16 -1.97 1.14 -5.75
C ARG A 16 -0.55 1.32 -6.31
N GLU A 17 0.18 0.21 -6.36
CA GLU A 17 1.54 0.23 -6.86
C GLU A 17 1.84 -1.06 -7.62
N ILE A 18 3.09 -1.17 -8.06
CA ILE A 18 3.53 -2.35 -8.79
C ILE A 18 5.04 -2.48 -8.68
N GLY A 19 5.48 -3.63 -8.19
CA GLY A 19 6.89 -3.90 -8.03
C GLY A 19 7.30 -5.19 -8.76
N LEU A 20 7.68 -5.01 -10.02
CA LEU A 20 8.09 -6.14 -10.84
C LEU A 20 9.17 -6.93 -10.10
N ILE A 21 8.96 -8.24 -10.03
CA ILE A 21 9.90 -9.12 -9.36
C ILE A 21 10.75 -9.84 -10.40
N TRP A 22 12.04 -9.54 -10.39
CA TRP A 22 12.97 -10.14 -11.32
C TRP A 22 13.42 -11.49 -10.73
N ASN A 23 12.82 -12.54 -11.25
CA ASN A 23 13.16 -13.88 -10.79
C ASN A 23 13.16 -14.85 -11.98
N GLY A 24 14.37 -15.26 -12.34
CA GLY A 24 14.53 -16.19 -13.46
C GLY A 24 14.63 -15.43 -14.78
N ASP A 25 13.77 -15.82 -15.72
CA ASP A 25 13.75 -15.19 -17.03
C ASP A 25 12.35 -14.66 -17.31
N ARG A 26 11.70 -14.22 -16.24
CA ARG A 26 10.36 -13.69 -16.36
C ARG A 26 10.07 -12.69 -15.24
N VAL A 27 9.08 -11.85 -15.46
CA VAL A 27 8.70 -10.85 -14.47
C VAL A 27 7.29 -11.15 -13.96
N PHE A 28 7.00 -10.64 -12.77
CA PHE A 28 5.71 -10.84 -12.16
C PHE A 28 5.21 -9.57 -11.48
N ILE A 29 4.03 -9.14 -11.87
CA ILE A 29 3.43 -7.95 -11.31
C ILE A 29 2.61 -8.32 -10.07
N ASP A 30 2.55 -7.39 -9.14
CA ASP A 30 1.81 -7.60 -7.90
C ASP A 30 1.18 -6.28 -7.46
N ARG A 31 -0.03 -6.40 -6.93
CA ARG A 31 -0.76 -5.22 -6.46
C ARG A 31 -0.83 -5.22 -4.94
N TRP A 32 -0.82 -4.02 -4.37
CA TRP A 32 -0.89 -3.88 -2.93
C TRP A 32 -0.95 -2.38 -2.61
N CYS A 33 -0.68 -2.06 -1.34
CA CYS A 33 -0.69 -0.68 -0.87
C CYS A 33 0.43 -0.44 0.13
N ASN A 34 1.06 0.72 0.04
CA ASN A 34 2.13 1.06 0.95
C ASN A 34 1.60 1.11 2.38
N PRO A 35 0.35 1.64 2.51
CA PRO A 35 -0.38 2.11 1.34
C PRO A 35 0.16 3.44 0.84
N MET A 36 0.23 4.40 1.76
CA MET A 36 0.74 5.72 1.43
C MET A 36 1.62 6.26 2.56
N CYS A 37 1.06 6.24 3.77
CA CYS A 37 1.76 6.73 4.95
C CYS A 37 3.23 6.37 4.89
N SER A 38 3.55 5.28 4.20
CA SER A 38 4.93 4.85 4.08
C SER A 38 5.53 5.36 2.76
N LYS A 39 6.73 5.90 2.88
CA LYS A 39 7.42 6.44 1.72
C LYS A 39 7.64 5.32 0.70
N VAL A 40 6.87 5.40 -0.37
CA VAL A 40 6.98 4.40 -1.43
C VAL A 40 8.43 4.26 -1.86
N THR A 41 8.67 3.27 -2.72
CA THR A 41 10.02 3.02 -3.20
C THR A 41 10.03 2.95 -4.74
N LEU A 42 11.16 3.30 -5.31
CA LEU A 42 11.31 3.28 -6.76
C LEU A 42 11.55 1.84 -7.22
N GLY A 43 10.63 0.98 -6.85
CA GLY A 43 10.74 -0.43 -7.22
C GLY A 43 9.64 -1.26 -6.55
N THR A 44 10.05 -2.00 -5.53
CA THR A 44 9.12 -2.84 -4.79
C THR A 44 9.37 -2.71 -3.29
N ILE A 45 8.32 -2.29 -2.58
CA ILE A 45 8.41 -2.13 -1.14
C ILE A 45 7.01 -2.22 -0.54
N ARG A 46 6.89 -3.05 0.49
CA ARG A 46 5.63 -3.24 1.17
C ARG A 46 5.71 -2.74 2.61
N ALA A 47 5.16 -1.56 2.83
CA ALA A 47 5.17 -0.96 4.16
C ALA A 47 3.87 -1.32 4.88
N ARG A 48 3.76 -0.83 6.12
CA ARG A 48 2.58 -1.09 6.91
C ARG A 48 1.82 0.22 7.17
N CYS A 49 0.75 0.10 7.94
CA CYS A 49 -0.06 1.26 8.26
C CYS A 49 0.25 1.69 9.70
N THR A 50 0.07 2.97 9.95
CA THR A 50 0.33 3.52 11.28
C THR A 50 -0.79 4.47 11.70
N CYS A 51 -1.17 5.33 10.76
CA CYS A 51 -2.22 6.30 11.02
C CYS A 51 -3.50 5.53 11.39
N GLY A 52 -3.88 4.62 10.50
CA GLY A 52 -5.07 3.83 10.72
C GLY A 52 -6.29 4.44 10.03
N GLU A 53 -6.26 5.77 9.94
CA GLU A 53 -7.36 6.50 9.31
C GLU A 53 -7.05 6.73 7.83
N CYS A 54 -6.25 5.83 7.27
CA CYS A 54 -5.88 5.92 5.87
C CYS A 54 -7.15 6.12 5.04
N PRO A 55 -8.16 5.24 5.33
CA PRO A 55 -8.00 4.23 6.35
C PRO A 55 -7.11 3.09 5.85
N ARG A 56 -6.47 2.41 6.81
CA ARG A 56 -5.59 1.30 6.48
C ARG A 56 -6.22 0.44 5.39
N VAL A 57 -7.55 0.46 5.34
CA VAL A 57 -8.27 -0.31 4.35
C VAL A 57 -8.82 0.63 3.27
N CYS A 58 -9.10 0.05 2.12
CA CYS A 58 -9.63 0.83 1.01
C CYS A 58 -10.85 0.09 0.45
N GLU A 59 -11.37 0.62 -0.65
CA GLU A 59 -12.53 0.02 -1.30
C GLU A 59 -12.11 -1.16 -2.16
N GLN A 60 -10.82 -1.48 -2.09
CA GLN A 60 -10.28 -2.59 -2.87
C GLN A 60 -9.70 -3.66 -1.93
N CYS A 61 -9.13 -3.19 -0.84
CA CYS A 61 -8.52 -4.08 0.14
C CYS A 61 -9.66 -4.71 0.96
N ARG A 62 -10.66 -3.90 1.24
CA ARG A 62 -11.80 -4.36 2.01
C ARG A 62 -12.48 -5.54 1.31
N THR A 63 -12.16 -5.69 0.04
CA THR A 63 -12.72 -6.77 -0.75
C THR A 63 -11.61 -7.69 -1.27
N ASP A 64 -10.41 -7.43 -0.80
CA ASP A 64 -9.26 -8.22 -1.22
C ASP A 64 -9.53 -9.70 -0.93
N THR A 65 -8.48 -10.49 -1.05
CA THR A 65 -8.59 -11.92 -0.82
C THR A 65 -8.88 -12.21 0.66
N GLY A 66 -7.87 -11.92 1.49
CA GLY A 66 -8.02 -12.12 2.92
C GLY A 66 -7.72 -10.83 3.69
N VAL A 67 -8.60 -9.86 3.50
CA VAL A 67 -8.46 -8.59 4.18
C VAL A 67 -9.11 -8.67 5.56
N ASP A 68 -9.85 -9.73 5.77
CA ASP A 68 -10.54 -9.95 7.04
C ASP A 68 -9.51 -9.86 8.17
N THR A 69 -8.28 -10.23 7.85
CA THR A 69 -7.21 -10.20 8.82
C THR A 69 -6.21 -9.09 8.49
N ARG A 70 -6.74 -8.01 7.93
CA ARG A 70 -5.91 -6.87 7.56
C ARG A 70 -4.98 -6.49 8.71
N ILE A 71 -4.10 -5.55 8.43
CA ILE A 71 -3.15 -5.09 9.44
C ILE A 71 -3.71 -3.84 10.12
N TRP A 72 -3.53 -3.80 11.43
CA TRP A 72 -4.00 -2.67 12.22
C TRP A 72 -2.94 -1.58 12.17
N TYR A 73 -1.71 -1.99 12.47
CA TYR A 73 -0.59 -1.06 12.47
C TYR A 73 0.71 -1.77 12.13
N HIS A 74 1.78 -0.99 12.06
CA HIS A 74 3.09 -1.53 11.74
C HIS A 74 3.40 -2.70 12.68
N ASN A 75 2.76 -2.68 13.84
CA ASN A 75 2.96 -3.73 14.83
C ASN A 75 3.03 -5.07 14.11
N LEU A 76 1.89 -5.48 13.57
CA LEU A 76 1.81 -6.75 12.86
C LEU A 76 3.09 -6.96 12.05
N PRO A 77 4.01 -7.78 12.61
CA PRO A 77 5.27 -8.07 11.96
C PRO A 77 5.07 -9.04 10.79
N GLU A 78 5.10 -10.32 11.12
CA GLU A 78 4.93 -11.36 10.13
C GLU A 78 3.79 -12.30 10.53
N ILE A 79 3.82 -13.50 9.96
CA ILE A 79 2.81 -14.50 10.25
C ILE A 79 3.46 -15.88 10.30
N PRO A 80 2.74 -16.84 10.93
CA PRO A 80 3.23 -18.20 11.06
C PRO A 80 3.12 -18.95 9.72
N GLU A 81 2.60 -18.23 8.72
CA GLU A 81 2.44 -18.82 7.40
C GLU A 81 3.78 -19.31 6.87
N GLY A 1 -1.81 31.07 -12.63
CA GLY A 1 -0.38 31.33 -12.50
C GLY A 1 0.44 30.07 -12.78
N PRO A 2 0.73 29.84 -14.08
CA PRO A 2 1.50 28.69 -14.50
C PRO A 2 2.99 28.88 -14.17
N ALA A 3 3.30 28.77 -12.89
CA ALA A 3 4.66 28.92 -12.44
C ALA A 3 5.22 27.56 -12.01
N SER A 4 4.50 26.52 -12.40
CA SER A 4 4.89 25.17 -12.08
C SER A 4 5.15 25.04 -10.57
N THR A 5 4.21 25.58 -9.81
CA THR A 5 4.33 25.55 -8.35
C THR A 5 4.76 24.16 -7.89
N SER A 6 5.21 24.10 -6.64
CA SER A 6 5.66 22.84 -6.07
C SER A 6 4.98 22.62 -4.71
N GLU A 7 3.94 21.81 -4.74
CA GLU A 7 3.19 21.49 -3.54
C GLU A 7 2.89 20.00 -3.47
N THR A 8 2.74 19.51 -2.25
CA THR A 8 2.45 18.10 -2.03
C THR A 8 2.18 17.82 -0.55
N PRO A 9 0.92 18.12 -0.13
CA PRO A 9 0.53 17.91 1.25
C PRO A 9 0.33 16.43 1.54
N ILE A 10 -0.38 16.16 2.64
CA ILE A 10 -0.66 14.79 3.05
C ILE A 10 -1.95 14.32 2.39
N LYS A 11 -1.78 13.58 1.30
CA LYS A 11 -2.94 13.06 0.57
C LYS A 11 -3.19 11.62 0.99
N LYS A 12 -3.19 11.40 2.30
CA LYS A 12 -3.41 10.07 2.83
C LYS A 12 -4.52 9.38 2.04
N GLY A 13 -4.18 8.20 1.52
CA GLY A 13 -5.13 7.43 0.73
C GLY A 13 -4.56 6.06 0.36
N HIS A 14 -4.62 5.76 -0.93
CA HIS A 14 -4.11 4.50 -1.42
C HIS A 14 -3.34 4.74 -2.73
N ARG A 15 -2.04 4.50 -2.67
CA ARG A 15 -1.19 4.68 -3.84
C ARG A 15 -0.82 3.32 -4.44
N ARG A 16 -1.46 3.01 -5.56
CA ARG A 16 -1.21 1.75 -6.24
C ARG A 16 0.25 1.67 -6.68
N GLU A 17 1.00 0.82 -5.98
CA GLU A 17 2.40 0.64 -6.29
C GLU A 17 2.59 -0.50 -7.30
N ILE A 18 3.71 -0.46 -7.99
CA ILE A 18 4.02 -1.47 -8.99
C ILE A 18 5.14 -2.37 -8.46
N GLY A 19 4.81 -3.65 -8.29
CA GLY A 19 5.77 -4.61 -7.80
C GLY A 19 6.28 -5.51 -8.93
N LEU A 20 7.39 -5.09 -9.52
CA LEU A 20 7.99 -5.84 -10.61
C LEU A 20 9.14 -6.68 -10.08
N ILE A 21 8.99 -7.99 -10.22
CA ILE A 21 10.00 -8.92 -9.75
C ILE A 21 10.63 -9.62 -10.96
N TRP A 22 11.93 -9.40 -11.12
CA TRP A 22 12.66 -10.01 -12.22
C TRP A 22 12.88 -11.49 -11.88
N ASN A 23 12.05 -12.33 -12.49
CA ASN A 23 12.13 -13.76 -12.26
C ASN A 23 12.46 -14.46 -13.59
N GLY A 24 13.66 -15.00 -13.66
CA GLY A 24 14.10 -15.70 -14.85
C GLY A 24 14.17 -14.75 -16.05
N ASP A 25 13.37 -15.04 -17.06
CA ASP A 25 13.34 -14.22 -18.26
C ASP A 25 11.99 -13.49 -18.33
N ARG A 26 11.35 -13.38 -17.18
CA ARG A 26 10.07 -12.71 -17.10
C ARG A 26 9.95 -11.94 -15.77
N VAL A 27 9.13 -10.91 -15.79
CA VAL A 27 8.92 -10.09 -14.61
C VAL A 27 7.57 -10.43 -14.00
N PHE A 28 7.45 -10.12 -12.71
CA PHE A 28 6.21 -10.39 -11.99
C PHE A 28 5.60 -9.09 -11.45
N ILE A 29 4.42 -8.77 -11.95
CA ILE A 29 3.73 -7.56 -11.53
C ILE A 29 2.98 -7.84 -10.22
N ASP A 30 3.15 -6.95 -9.27
CA ASP A 30 2.50 -7.08 -7.98
C ASP A 30 1.86 -5.74 -7.59
N ARG A 31 0.57 -5.81 -7.31
CA ARG A 31 -0.18 -4.62 -6.93
C ARG A 31 -0.58 -4.70 -5.45
N TRP A 32 -0.69 -3.52 -4.85
CA TRP A 32 -1.07 -3.44 -3.45
C TRP A 32 -1.24 -1.97 -3.09
N CYS A 33 -1.04 -1.68 -1.80
CA CYS A 33 -1.17 -0.32 -1.29
C CYS A 33 -0.08 -0.02 -0.27
N ASN A 34 0.55 1.14 -0.41
CA ASN A 34 1.60 1.53 0.51
C ASN A 34 1.06 1.48 1.94
N PRO A 35 -0.18 2.02 2.11
CA PRO A 35 -0.91 2.57 0.98
C PRO A 35 -0.34 3.94 0.59
N MET A 36 -0.01 4.72 1.59
CA MET A 36 0.55 6.05 1.37
C MET A 36 1.45 6.47 2.52
N CYS A 37 0.96 6.26 3.74
CA CYS A 37 1.70 6.62 4.94
C CYS A 37 3.16 6.18 4.82
N SER A 38 3.41 5.19 3.98
CA SER A 38 4.76 4.71 3.78
C SER A 38 5.36 5.31 2.51
N LYS A 39 6.64 5.03 2.30
CA LYS A 39 7.34 5.54 1.13
C LYS A 39 7.65 4.37 0.18
N VAL A 40 7.13 4.49 -1.03
CA VAL A 40 7.34 3.46 -2.03
C VAL A 40 8.84 3.17 -2.16
N THR A 41 9.16 1.92 -2.44
CA THR A 41 10.54 1.50 -2.58
C THR A 41 10.75 0.85 -3.95
N LEU A 42 12.02 0.79 -4.35
CA LEU A 42 12.38 0.19 -5.62
C LEU A 42 12.10 -1.31 -5.57
N GLY A 43 10.84 -1.65 -5.80
CA GLY A 43 10.43 -3.05 -5.79
C GLY A 43 9.17 -3.24 -4.94
N THR A 44 8.78 -4.50 -4.79
CA THR A 44 7.60 -4.82 -4.01
C THR A 44 7.88 -4.66 -2.52
N ILE A 45 6.99 -3.93 -1.85
CA ILE A 45 7.13 -3.69 -0.42
C ILE A 45 5.80 -3.22 0.14
N ARG A 46 5.35 -3.92 1.18
CA ARG A 46 4.10 -3.59 1.83
C ARG A 46 4.35 -3.02 3.23
N ALA A 47 4.06 -1.73 3.37
CA ALA A 47 4.24 -1.06 4.64
C ALA A 47 2.96 -1.16 5.46
N ARG A 48 3.02 -0.60 6.66
CA ARG A 48 1.87 -0.62 7.56
C ARG A 48 1.29 0.79 7.70
N CYS A 49 0.26 0.89 8.52
CA CYS A 49 -0.39 2.17 8.76
C CYS A 49 -0.39 2.44 10.26
N THR A 50 -0.73 3.67 10.61
CA THR A 50 -0.78 4.08 12.01
C THR A 50 -2.04 4.89 12.29
N CYS A 51 -2.32 5.82 11.39
CA CYS A 51 -3.49 6.66 11.53
C CYS A 51 -4.73 5.78 11.55
N GLY A 52 -4.81 4.90 10.56
CA GLY A 52 -5.94 3.98 10.46
C GLY A 52 -7.14 4.68 9.81
N GLU A 53 -6.90 5.88 9.33
CA GLU A 53 -7.95 6.65 8.69
C GLU A 53 -7.49 7.16 7.33
N CYS A 54 -6.52 6.46 6.76
CA CYS A 54 -5.99 6.82 5.47
C CYS A 54 -7.15 7.02 4.50
N PRO A 55 -8.07 6.03 4.50
CA PRO A 55 -7.93 4.87 5.37
C PRO A 55 -6.85 3.92 4.83
N ARG A 56 -6.27 3.16 5.75
CA ARG A 56 -5.23 2.21 5.39
C ARG A 56 -5.82 1.08 4.54
N VAL A 57 -7.14 1.08 4.44
CA VAL A 57 -7.83 0.07 3.66
C VAL A 57 -8.73 0.75 2.64
N CYS A 58 -8.85 0.11 1.48
CA CYS A 58 -9.68 0.65 0.41
C CYS A 58 -10.80 -0.36 0.13
N GLU A 59 -11.58 -0.04 -0.89
CA GLU A 59 -12.70 -0.89 -1.27
C GLU A 59 -12.18 -2.19 -1.90
N GLN A 60 -10.86 -2.25 -2.06
CA GLN A 60 -10.24 -3.42 -2.64
C GLN A 60 -9.62 -4.29 -1.55
N CYS A 61 -9.01 -3.63 -0.58
CA CYS A 61 -8.38 -4.33 0.53
C CYS A 61 -9.48 -4.86 1.44
N ARG A 62 -10.37 -3.96 1.84
CA ARG A 62 -11.47 -4.34 2.72
C ARG A 62 -12.19 -5.57 2.17
N THR A 63 -12.36 -5.58 0.86
CA THR A 63 -13.03 -6.69 0.20
C THR A 63 -12.07 -7.88 0.06
N ASP A 64 -10.79 -7.56 0.09
CA ASP A 64 -9.77 -8.59 -0.05
C ASP A 64 -9.98 -9.65 1.03
N THR A 65 -9.17 -10.70 0.95
CA THR A 65 -9.26 -11.79 1.92
C THR A 65 -8.04 -11.79 2.84
N GLY A 66 -7.00 -11.10 2.39
CA GLY A 66 -5.78 -11.00 3.17
C GLY A 66 -5.83 -9.81 4.13
N VAL A 67 -6.70 -8.88 3.81
CA VAL A 67 -6.85 -7.68 4.63
C VAL A 67 -7.26 -8.09 6.04
N ASP A 68 -7.90 -9.24 6.13
CA ASP A 68 -8.35 -9.76 7.42
C ASP A 68 -7.15 -10.30 8.19
N THR A 69 -6.36 -11.12 7.51
CA THR A 69 -5.18 -11.72 8.11
C THR A 69 -4.07 -10.67 8.25
N ARG A 70 -4.26 -9.56 7.55
CA ARG A 70 -3.29 -8.49 7.57
C ARG A 70 -3.56 -7.56 8.76
N ILE A 71 -2.71 -6.55 8.89
CA ILE A 71 -2.84 -5.59 9.98
C ILE A 71 -3.05 -4.19 9.39
N TRP A 72 -3.91 -3.44 10.05
CA TRP A 72 -4.20 -2.09 9.60
C TRP A 72 -3.25 -1.13 10.33
N TYR A 73 -2.76 -1.58 11.48
CA TYR A 73 -1.84 -0.78 12.27
C TYR A 73 -0.50 -1.50 12.44
N HIS A 74 0.43 -0.80 13.06
CA HIS A 74 1.75 -1.35 13.28
C HIS A 74 1.72 -2.31 14.46
N ASN A 75 0.83 -3.30 14.35
CA ASN A 75 0.69 -4.30 15.41
C ASN A 75 -0.34 -3.80 16.43
N LEU A 76 -0.53 -2.49 16.45
CA LEU A 76 -1.48 -1.88 17.37
C LEU A 76 -2.74 -2.74 17.42
N PRO A 77 -2.87 -3.50 18.54
CA PRO A 77 -4.02 -4.37 18.73
C PRO A 77 -5.26 -3.56 19.11
N GLU A 78 -5.44 -3.36 20.40
CA GLU A 78 -6.57 -2.59 20.91
C GLU A 78 -6.12 -1.20 21.34
N ILE A 79 -6.84 -0.66 22.30
CA ILE A 79 -6.55 0.67 22.82
C ILE A 79 -7.20 0.85 24.18
N PRO A 80 -6.71 1.87 24.93
CA PRO A 80 -7.24 2.16 26.25
C PRO A 80 -8.60 2.84 26.16
N GLU A 81 -9.01 3.11 24.92
CA GLU A 81 -10.29 3.76 24.68
C GLU A 81 -11.43 2.75 24.82
N GLY A 1 3.61 14.93 -26.03
CA GLY A 1 3.65 14.31 -24.71
C GLY A 1 2.78 15.09 -23.72
N PRO A 2 2.36 14.37 -22.64
CA PRO A 2 1.54 14.98 -21.61
C PRO A 2 2.36 15.92 -20.73
N ALA A 3 1.79 16.23 -19.58
CA ALA A 3 2.46 17.10 -18.63
C ALA A 3 2.04 16.73 -17.20
N SER A 4 2.52 17.51 -16.25
CA SER A 4 2.21 17.27 -14.85
C SER A 4 2.55 18.51 -14.02
N THR A 5 2.37 18.37 -12.71
CA THR A 5 2.66 19.47 -11.80
C THR A 5 3.92 19.18 -10.98
N SER A 6 4.19 20.06 -10.04
CA SER A 6 5.35 19.91 -9.19
C SER A 6 4.92 19.64 -7.74
N GLU A 7 3.82 20.27 -7.37
CA GLU A 7 3.28 20.10 -6.03
C GLU A 7 3.21 18.62 -5.65
N THR A 8 3.20 18.37 -4.36
CA THR A 8 3.12 17.00 -3.86
C THR A 8 2.84 17.00 -2.35
N PRO A 9 1.64 17.52 -2.00
CA PRO A 9 1.23 17.57 -0.60
C PRO A 9 0.82 16.20 -0.09
N ILE A 10 0.10 16.20 1.02
CA ILE A 10 -0.36 14.95 1.62
C ILE A 10 -1.69 14.55 0.99
N LYS A 11 -1.66 13.45 0.26
CA LYS A 11 -2.85 12.94 -0.40
C LYS A 11 -3.30 11.64 0.29
N LYS A 12 -3.51 11.75 1.60
CA LYS A 12 -3.94 10.59 2.36
C LYS A 12 -4.96 9.78 1.56
N GLY A 13 -5.02 8.49 1.85
CA GLY A 13 -5.93 7.61 1.16
C GLY A 13 -5.27 6.27 0.85
N HIS A 14 -5.57 5.76 -0.34
CA HIS A 14 -5.01 4.49 -0.77
C HIS A 14 -4.58 4.59 -2.23
N ARG A 15 -3.29 4.36 -2.45
CA ARG A 15 -2.74 4.42 -3.80
C ARG A 15 -2.21 3.05 -4.22
N ARG A 16 -2.60 2.64 -5.41
CA ARG A 16 -2.16 1.35 -5.94
C ARG A 16 -0.69 1.41 -6.36
N GLU A 17 -0.03 0.28 -6.22
CA GLU A 17 1.38 0.19 -6.56
C GLU A 17 1.70 -1.20 -7.12
N ILE A 18 2.79 -1.26 -7.88
CA ILE A 18 3.21 -2.51 -8.48
C ILE A 18 4.70 -2.73 -8.21
N GLY A 19 5.00 -3.89 -7.65
CA GLY A 19 6.38 -4.24 -7.34
C GLY A 19 6.86 -5.42 -8.17
N LEU A 20 7.22 -5.12 -9.41
CA LEU A 20 7.70 -6.15 -10.33
C LEU A 20 8.83 -6.94 -9.66
N ILE A 21 8.70 -8.25 -9.71
CA ILE A 21 9.70 -9.13 -9.11
C ILE A 21 10.33 -9.99 -10.21
N TRP A 22 11.65 -9.85 -10.33
CA TRP A 22 12.38 -10.60 -11.33
C TRP A 22 12.64 -12.00 -10.77
N ASN A 23 11.87 -12.95 -11.28
CA ASN A 23 12.01 -14.34 -10.85
C ASN A 23 12.39 -15.21 -12.04
N GLY A 24 13.69 -15.34 -12.23
CA GLY A 24 14.20 -16.15 -13.32
C GLY A 24 14.29 -15.33 -14.62
N ASP A 25 13.33 -15.59 -15.50
CA ASP A 25 13.27 -14.89 -16.77
C ASP A 25 11.87 -14.28 -16.95
N ARG A 26 11.16 -14.17 -15.84
CA ARG A 26 9.82 -13.62 -15.86
C ARG A 26 9.64 -12.62 -14.71
N VAL A 27 8.63 -11.78 -14.85
CA VAL A 27 8.34 -10.78 -13.84
C VAL A 27 6.98 -11.07 -13.21
N PHE A 28 6.81 -10.60 -11.98
CA PHE A 28 5.57 -10.81 -11.25
C PHE A 28 5.04 -9.50 -10.68
N ILE A 29 3.82 -9.17 -11.07
CA ILE A 29 3.19 -7.94 -10.60
C ILE A 29 2.47 -8.21 -9.28
N ASP A 30 2.55 -7.24 -8.39
CA ASP A 30 1.90 -7.36 -7.09
C ASP A 30 1.16 -6.05 -6.77
N ARG A 31 -0.15 -6.19 -6.59
CA ARG A 31 -0.98 -5.04 -6.28
C ARG A 31 -1.28 -4.99 -4.78
N TRP A 32 -1.35 -3.77 -4.26
CA TRP A 32 -1.63 -3.57 -2.86
C TRP A 32 -1.73 -2.07 -2.60
N CYS A 33 -1.68 -1.71 -1.32
CA CYS A 33 -1.76 -0.31 -0.91
C CYS A 33 -0.55 0.09 -0.07
N ASN A 34 0.01 1.25 -0.35
CA ASN A 34 1.16 1.73 0.38
C ASN A 34 0.83 1.76 1.88
N PRO A 35 -0.39 2.27 2.19
CA PRO A 35 -1.29 2.75 1.14
C PRO A 35 -0.83 4.09 0.59
N MET A 36 -0.39 4.95 1.50
CA MET A 36 0.09 6.27 1.11
C MET A 36 1.09 6.82 2.13
N CYS A 37 0.64 6.85 3.39
CA CYS A 37 1.47 7.34 4.48
C CYS A 37 2.93 6.94 4.28
N SER A 38 3.14 5.80 3.63
CA SER A 38 4.48 5.32 3.38
C SER A 38 4.83 5.47 1.90
N LYS A 39 5.96 6.12 1.65
CA LYS A 39 6.41 6.33 0.29
C LYS A 39 7.00 5.03 -0.26
N VAL A 40 6.47 4.63 -1.41
CA VAL A 40 6.93 3.40 -2.05
C VAL A 40 8.45 3.44 -2.19
N THR A 41 9.04 2.25 -2.24
CA THR A 41 10.48 2.14 -2.36
C THR A 41 10.85 1.34 -3.62
N LEU A 42 12.09 1.51 -4.04
CA LEU A 42 12.58 0.82 -5.23
C LEU A 42 12.55 -0.69 -4.97
N GLY A 43 11.36 -1.26 -5.12
CA GLY A 43 11.19 -2.70 -4.92
C GLY A 43 9.88 -2.98 -4.17
N THR A 44 9.34 -4.16 -4.43
CA THR A 44 8.10 -4.57 -3.80
C THR A 44 8.25 -4.55 -2.28
N ILE A 45 7.29 -3.90 -1.63
CA ILE A 45 7.31 -3.79 -0.18
C ILE A 45 5.91 -3.39 0.31
N ARG A 46 5.69 -3.61 1.60
CA ARG A 46 4.41 -3.28 2.20
C ARG A 46 4.61 -2.51 3.50
N ALA A 47 4.24 -1.24 3.48
CA ALA A 47 4.38 -0.39 4.64
C ALA A 47 3.20 -0.63 5.59
N ARG A 48 3.42 -0.28 6.85
CA ARG A 48 2.39 -0.46 7.86
C ARG A 48 1.75 0.89 8.20
N CYS A 49 0.50 1.05 7.79
CA CYS A 49 -0.23 2.27 8.04
C CYS A 49 -0.03 2.65 9.52
N THR A 50 -0.23 3.93 9.80
CA THR A 50 -0.09 4.42 11.16
C THR A 50 -1.24 5.36 11.50
N CYS A 51 -1.43 6.37 10.66
CA CYS A 51 -2.48 7.34 10.86
C CYS A 51 -3.74 6.60 11.32
N GLY A 52 -4.10 5.59 10.54
CA GLY A 52 -5.28 4.80 10.84
C GLY A 52 -6.54 5.41 10.22
N GLU A 53 -6.43 6.68 9.89
CA GLU A 53 -7.55 7.40 9.29
C GLU A 53 -7.36 7.50 7.77
N CYS A 54 -6.50 6.63 7.26
CA CYS A 54 -6.23 6.60 5.83
C CYS A 54 -7.56 6.59 5.08
N PRO A 55 -8.45 5.66 5.53
CA PRO A 55 -8.13 4.78 6.63
C PRO A 55 -7.15 3.68 6.19
N ARG A 56 -6.40 3.18 7.16
CA ARG A 56 -5.43 2.13 6.88
C ARG A 56 -5.99 1.16 5.84
N VAL A 57 -7.31 1.00 5.86
CA VAL A 57 -7.97 0.11 4.93
C VAL A 57 -8.89 0.93 4.01
N CYS A 58 -9.03 0.44 2.79
CA CYS A 58 -9.87 1.12 1.81
C CYS A 58 -11.01 0.18 1.43
N GLU A 59 -11.97 0.72 0.70
CA GLU A 59 -13.12 -0.05 0.26
C GLU A 59 -12.77 -0.85 -1.00
N GLN A 60 -11.49 -0.86 -1.32
CA GLN A 60 -11.02 -1.58 -2.50
C GLN A 60 -10.02 -2.66 -2.09
N CYS A 61 -9.66 -2.65 -0.82
CA CYS A 61 -8.72 -3.62 -0.30
C CYS A 61 -9.35 -4.31 0.91
N ARG A 62 -9.93 -3.48 1.78
CA ARG A 62 -10.57 -4.00 2.98
C ARG A 62 -11.49 -5.17 2.63
N THR A 63 -11.95 -5.17 1.39
CA THR A 63 -12.83 -6.22 0.91
C THR A 63 -12.02 -7.35 0.28
N ASP A 64 -10.96 -6.97 -0.41
CA ASP A 64 -10.09 -7.93 -1.06
C ASP A 64 -9.84 -9.11 -0.12
N THR A 65 -9.74 -10.28 -0.71
CA THR A 65 -9.50 -11.49 0.06
C THR A 65 -8.04 -11.58 0.48
N GLY A 66 -7.20 -10.88 -0.28
CA GLY A 66 -5.77 -10.87 -0.01
C GLY A 66 -5.45 -9.96 1.17
N VAL A 67 -6.23 -8.90 1.30
CA VAL A 67 -6.05 -7.94 2.37
C VAL A 67 -5.96 -8.68 3.70
N ASP A 68 -6.55 -9.87 3.72
CA ASP A 68 -6.55 -10.69 4.92
C ASP A 68 -5.12 -11.14 5.22
N THR A 69 -4.42 -11.52 4.15
CA THR A 69 -3.05 -11.99 4.29
C THR A 69 -2.11 -10.80 4.51
N ARG A 70 -2.70 -9.61 4.54
CA ARG A 70 -1.93 -8.39 4.73
C ARG A 70 -2.04 -7.92 6.18
N ILE A 71 -1.44 -6.77 6.45
CA ILE A 71 -1.46 -6.21 7.78
C ILE A 71 -2.36 -4.98 7.80
N TRP A 72 -2.88 -4.67 8.98
CA TRP A 72 -3.76 -3.52 9.15
C TRP A 72 -2.98 -2.43 9.88
N TYR A 73 -2.22 -2.86 10.88
CA TYR A 73 -1.42 -1.93 11.66
C TYR A 73 0.01 -2.43 11.82
N HIS A 74 0.89 -1.51 12.20
CA HIS A 74 2.29 -1.85 12.40
C HIS A 74 2.43 -2.79 13.59
N ASN A 75 1.45 -2.70 14.49
CA ASN A 75 1.45 -3.52 15.68
C ASN A 75 1.87 -4.95 15.32
N LEU A 76 1.04 -5.57 14.48
CA LEU A 76 1.30 -6.92 14.04
C LEU A 76 2.47 -6.92 13.04
N PRO A 77 3.32 -7.97 13.15
CA PRO A 77 4.47 -8.09 12.26
C PRO A 77 4.03 -8.54 10.85
N GLU A 78 3.99 -9.85 10.67
CA GLU A 78 3.60 -10.40 9.39
C GLU A 78 2.62 -11.57 9.59
N ILE A 79 2.57 -12.43 8.58
CA ILE A 79 1.69 -13.58 8.63
C ILE A 79 2.44 -14.82 8.16
N PRO A 80 3.09 -15.52 9.13
CA PRO A 80 3.85 -16.71 8.81
C PRO A 80 2.92 -17.89 8.53
N GLU A 81 1.63 -17.64 8.70
CA GLU A 81 0.62 -18.68 8.47
C GLU A 81 0.17 -18.66 7.02
N GLY A 1 -6.52 7.40 -20.77
CA GLY A 1 -5.49 8.42 -20.75
C GLY A 1 -4.29 7.99 -19.90
N PRO A 2 -3.26 7.45 -20.58
CA PRO A 2 -2.05 7.00 -19.91
C PRO A 2 -1.20 8.18 -19.46
N ALA A 3 -1.02 8.29 -18.15
CA ALA A 3 -0.23 9.37 -17.59
C ALA A 3 0.16 9.01 -16.15
N SER A 4 1.01 9.85 -15.58
CA SER A 4 1.47 9.63 -14.22
C SER A 4 1.82 10.97 -13.56
N THR A 5 2.22 10.90 -12.31
CA THR A 5 2.59 12.09 -11.56
C THR A 5 3.84 11.83 -10.72
N SER A 6 4.38 12.91 -10.17
CA SER A 6 5.57 12.81 -9.35
C SER A 6 5.41 13.66 -8.09
N GLU A 7 4.17 14.01 -7.81
CA GLU A 7 3.86 14.82 -6.64
C GLU A 7 4.06 14.00 -5.37
N THR A 8 3.82 14.66 -4.23
CA THR A 8 3.97 14.01 -2.95
C THR A 8 3.07 14.68 -1.91
N PRO A 9 1.74 14.57 -2.15
CA PRO A 9 0.76 15.15 -1.25
C PRO A 9 0.62 14.32 0.03
N ILE A 10 -0.47 14.55 0.73
CA ILE A 10 -0.74 13.83 1.96
C ILE A 10 -0.32 12.37 1.79
N LYS A 11 0.24 11.81 2.85
CA LYS A 11 0.69 10.43 2.84
C LYS A 11 -0.45 9.53 3.33
N LYS A 12 -1.66 9.90 2.95
CA LYS A 12 -2.83 9.13 3.34
C LYS A 12 -3.60 8.70 2.09
N GLY A 13 -4.37 7.64 2.25
CA GLY A 13 -5.16 7.12 1.14
C GLY A 13 -4.67 5.72 0.72
N HIS A 14 -4.77 5.45 -0.57
CA HIS A 14 -4.34 4.18 -1.10
C HIS A 14 -3.90 4.34 -2.55
N ARG A 15 -2.60 4.15 -2.76
CA ARG A 15 -2.03 4.29 -4.09
C ARG A 15 -1.44 2.95 -4.56
N ARG A 16 -1.96 2.47 -5.67
CA ARG A 16 -1.50 1.21 -6.23
C ARG A 16 -0.01 1.30 -6.58
N GLU A 17 0.73 0.28 -6.15
CA GLU A 17 2.16 0.24 -6.42
C GLU A 17 2.48 -0.92 -7.36
N ILE A 18 3.76 -1.00 -7.72
CA ILE A 18 4.21 -2.04 -8.62
C ILE A 18 5.39 -2.78 -7.99
N GLY A 19 5.31 -4.10 -7.99
CA GLY A 19 6.36 -4.92 -7.42
C GLY A 19 6.78 -6.03 -8.40
N LEU A 20 7.41 -5.59 -9.49
CA LEU A 20 7.86 -6.53 -10.50
C LEU A 20 8.73 -7.61 -9.84
N ILE A 21 8.37 -8.86 -10.13
CA ILE A 21 9.09 -9.99 -9.56
C ILE A 21 9.98 -10.60 -10.65
N TRP A 22 11.22 -10.88 -10.28
CA TRP A 22 12.17 -11.47 -11.21
C TRP A 22 12.24 -12.97 -10.92
N ASN A 23 11.68 -13.74 -11.83
CA ASN A 23 11.68 -15.19 -11.68
C ASN A 23 11.65 -15.84 -13.07
N GLY A 24 12.81 -16.29 -13.50
CA GLY A 24 12.95 -16.93 -14.79
C GLY A 24 13.26 -15.91 -15.88
N ASP A 25 12.45 -15.92 -16.93
CA ASP A 25 12.63 -15.01 -18.03
C ASP A 25 11.37 -14.15 -18.21
N ARG A 26 10.70 -13.92 -17.08
CA ARG A 26 9.48 -13.12 -17.09
C ARG A 26 9.42 -12.26 -15.83
N VAL A 27 8.50 -11.30 -15.85
CA VAL A 27 8.31 -10.41 -14.73
C VAL A 27 6.84 -10.40 -14.32
N PHE A 28 6.61 -10.50 -13.02
CA PHE A 28 5.26 -10.51 -12.49
C PHE A 28 4.99 -9.24 -11.67
N ILE A 29 3.87 -8.60 -12.00
CA ILE A 29 3.49 -7.38 -11.31
C ILE A 29 2.61 -7.74 -10.10
N ASP A 30 2.94 -7.13 -8.97
CA ASP A 30 2.19 -7.38 -7.75
C ASP A 30 1.44 -6.11 -7.35
N ARG A 31 0.15 -6.28 -7.13
CA ARG A 31 -0.70 -5.15 -6.75
C ARG A 31 -0.85 -5.10 -5.23
N TRP A 32 -0.85 -3.88 -4.72
CA TRP A 32 -0.98 -3.67 -3.28
C TRP A 32 -1.02 -2.16 -3.02
N CYS A 33 -1.00 -1.81 -1.74
CA CYS A 33 -1.03 -0.41 -1.33
C CYS A 33 0.04 -0.11 -0.29
N ASN A 34 0.62 1.08 -0.35
CA ASN A 34 1.65 1.46 0.60
C ASN A 34 1.11 1.31 2.02
N PRO A 35 -0.16 1.78 2.20
CA PRO A 35 -0.91 2.38 1.11
C PRO A 35 -0.38 3.78 0.79
N MET A 36 -0.05 4.51 1.85
CA MET A 36 0.46 5.86 1.70
C MET A 36 1.18 6.32 2.97
N CYS A 37 0.54 6.05 4.10
CA CYS A 37 1.09 6.42 5.40
C CYS A 37 2.62 6.42 5.36
N SER A 38 3.19 5.41 4.71
CA SER A 38 4.64 5.31 4.62
C SER A 38 5.10 5.78 3.23
N LYS A 39 6.37 6.15 3.17
CA LYS A 39 6.95 6.62 1.92
C LYS A 39 7.26 5.41 1.03
N VAL A 40 6.56 5.36 -0.10
CA VAL A 40 6.76 4.28 -1.05
C VAL A 40 8.18 4.34 -1.60
N THR A 41 8.78 3.16 -1.72
CA THR A 41 10.14 3.07 -2.24
C THR A 41 10.17 2.20 -3.50
N LEU A 42 11.19 2.45 -4.32
CA LEU A 42 11.33 1.72 -5.56
C LEU A 42 11.48 0.22 -5.25
N GLY A 43 10.53 -0.54 -5.76
CA GLY A 43 10.53 -1.98 -5.54
C GLY A 43 9.46 -2.39 -4.51
N THR A 44 8.96 -3.60 -4.68
CA THR A 44 7.94 -4.11 -3.79
C THR A 44 8.27 -3.75 -2.33
N ILE A 45 7.28 -3.19 -1.65
CA ILE A 45 7.45 -2.79 -0.27
C ILE A 45 6.08 -2.59 0.37
N ARG A 46 5.84 -3.36 1.43
CA ARG A 46 4.58 -3.28 2.14
C ARG A 46 4.78 -2.61 3.50
N ALA A 47 4.33 -1.36 3.58
CA ALA A 47 4.45 -0.60 4.82
C ALA A 47 3.21 -0.83 5.67
N ARG A 48 3.19 -0.16 6.82
CA ARG A 48 2.08 -0.29 7.74
C ARG A 48 1.33 1.04 7.84
N CYS A 49 0.32 1.06 8.70
CA CYS A 49 -0.47 2.25 8.91
C CYS A 49 -0.10 2.85 10.27
N THR A 50 -0.45 4.12 10.44
CA THR A 50 -0.15 4.81 11.68
C THR A 50 -1.36 5.66 12.11
N CYS A 51 -1.84 6.47 11.18
CA CYS A 51 -2.99 7.32 11.45
C CYS A 51 -4.16 6.43 11.86
N GLY A 52 -4.50 5.52 10.96
CA GLY A 52 -5.61 4.60 11.22
C GLY A 52 -6.82 4.94 10.34
N GLU A 53 -6.81 6.16 9.83
CA GLU A 53 -7.88 6.62 8.97
C GLU A 53 -7.38 6.83 7.54
N CYS A 54 -6.49 5.94 7.12
CA CYS A 54 -5.93 6.02 5.79
C CYS A 54 -7.07 6.20 4.79
N PRO A 55 -8.10 5.34 4.94
CA PRO A 55 -8.10 4.33 5.99
C PRO A 55 -7.15 3.18 5.63
N ARG A 56 -6.66 2.52 6.66
CA ARG A 56 -5.74 1.40 6.47
C ARG A 56 -6.19 0.55 5.28
N VAL A 57 -7.50 0.38 5.17
CA VAL A 57 -8.06 -0.41 4.09
C VAL A 57 -8.79 0.52 3.11
N CYS A 58 -8.89 0.07 1.87
CA CYS A 58 -9.56 0.85 0.84
C CYS A 58 -10.68 0.00 0.25
N GLU A 59 -11.18 0.45 -0.89
CA GLU A 59 -12.26 -0.27 -1.56
C GLU A 59 -11.70 -1.40 -2.42
N GLN A 60 -10.43 -1.69 -2.19
CA GLN A 60 -9.76 -2.74 -2.94
C GLN A 60 -9.21 -3.80 -1.98
N CYS A 61 -8.68 -3.33 -0.87
CA CYS A 61 -8.12 -4.23 0.13
C CYS A 61 -9.27 -4.94 0.84
N ARG A 62 -10.33 -4.19 1.08
CA ARG A 62 -11.50 -4.73 1.76
C ARG A 62 -12.10 -5.87 0.93
N THR A 63 -11.75 -5.88 -0.35
CA THR A 63 -12.23 -6.91 -1.25
C THR A 63 -11.09 -7.81 -1.71
N ASP A 64 -9.96 -7.66 -1.05
CA ASP A 64 -8.78 -8.46 -1.37
C ASP A 64 -9.04 -9.92 -1.02
N THR A 65 -8.00 -10.72 -1.15
CA THR A 65 -8.10 -12.13 -0.85
C THR A 65 -7.72 -12.40 0.61
N GLY A 66 -6.85 -11.56 1.12
CA GLY A 66 -6.40 -11.69 2.50
C GLY A 66 -5.96 -10.34 3.07
N VAL A 67 -6.93 -9.45 3.21
CA VAL A 67 -6.66 -8.13 3.74
C VAL A 67 -6.72 -8.17 5.27
N ASP A 68 -7.41 -9.17 5.77
CA ASP A 68 -7.55 -9.34 7.21
C ASP A 68 -6.22 -9.78 7.80
N THR A 69 -5.43 -10.45 6.97
CA THR A 69 -4.13 -10.94 7.40
C THR A 69 -3.09 -9.82 7.30
N ARG A 70 -3.42 -8.81 6.51
CA ARG A 70 -2.52 -7.68 6.33
C ARG A 70 -2.37 -6.90 7.64
N ILE A 71 -1.64 -5.80 7.55
CA ILE A 71 -1.41 -4.97 8.72
C ILE A 71 -2.51 -3.90 8.80
N TRP A 72 -3.08 -3.78 10.00
CA TRP A 72 -4.14 -2.82 10.22
C TRP A 72 -3.53 -1.62 10.95
N TYR A 73 -2.36 -1.85 11.52
CA TYR A 73 -1.66 -0.80 12.25
C TYR A 73 -0.18 -1.16 12.45
N HIS A 74 0.54 -0.24 13.09
CA HIS A 74 1.94 -0.45 13.35
C HIS A 74 2.12 -1.14 14.71
N ASN A 75 1.33 -2.18 14.92
CA ASN A 75 1.40 -2.93 16.17
C ASN A 75 0.49 -2.26 17.20
N LEU A 76 0.08 -1.04 16.88
CA LEU A 76 -0.78 -0.28 17.77
C LEU A 76 0.00 0.09 19.04
N PRO A 77 0.54 1.32 19.03
CA PRO A 77 1.31 1.82 20.17
C PRO A 77 0.39 2.19 21.33
N GLU A 78 -0.76 2.76 20.98
CA GLU A 78 -1.73 3.16 21.98
C GLU A 78 -3.03 2.38 21.80
N ILE A 79 -4.11 2.95 22.31
CA ILE A 79 -5.41 2.32 22.22
C ILE A 79 -6.42 3.31 21.64
N PRO A 80 -6.52 3.29 20.28
CA PRO A 80 -7.44 4.18 19.58
C PRO A 80 -8.88 3.71 19.74
N GLU A 81 -9.03 2.40 19.90
CA GLU A 81 -10.34 1.81 20.05
C GLU A 81 -10.48 1.16 21.43
N GLY A 1 6.58 11.75 -22.89
CA GLY A 1 6.28 12.93 -22.11
C GLY A 1 6.94 12.87 -20.74
N PRO A 2 6.87 14.02 -20.02
CA PRO A 2 7.46 14.10 -18.69
C PRO A 2 6.60 13.39 -17.66
N ALA A 3 5.34 13.83 -17.57
CA ALA A 3 4.41 13.23 -16.63
C ALA A 3 5.06 13.15 -15.25
N SER A 4 5.82 14.18 -14.93
CA SER A 4 6.51 14.23 -13.65
C SER A 4 5.55 14.75 -12.57
N THR A 5 5.90 14.46 -11.32
CA THR A 5 5.09 14.89 -10.19
C THR A 5 5.91 15.78 -9.25
N SER A 6 6.73 15.12 -8.44
CA SER A 6 7.58 15.83 -7.50
C SER A 6 6.71 16.69 -6.58
N GLU A 7 5.57 16.13 -6.19
CA GLU A 7 4.65 16.84 -5.31
C GLU A 7 4.38 16.01 -4.05
N THR A 8 3.83 16.68 -3.05
CA THR A 8 3.53 16.01 -1.79
C THR A 8 2.03 16.11 -1.50
N PRO A 9 1.25 15.22 -2.19
CA PRO A 9 -0.19 15.20 -2.01
C PRO A 9 -0.57 14.54 -0.68
N ILE A 10 -1.82 14.13 -0.59
CA ILE A 10 -2.32 13.50 0.61
C ILE A 10 -1.26 12.55 1.17
N LYS A 11 -1.22 12.46 2.48
CA LYS A 11 -0.25 11.60 3.14
C LYS A 11 -0.95 10.32 3.61
N LYS A 12 -2.27 10.39 3.65
CA LYS A 12 -3.08 9.25 4.07
C LYS A 12 -4.05 8.87 2.97
N GLY A 13 -3.82 7.70 2.40
CA GLY A 13 -4.67 7.21 1.32
C GLY A 13 -4.18 5.84 0.82
N HIS A 14 -4.18 5.70 -0.50
CA HIS A 14 -3.75 4.46 -1.11
C HIS A 14 -3.04 4.76 -2.44
N ARG A 15 -1.83 4.24 -2.56
CA ARG A 15 -1.05 4.45 -3.77
C ARG A 15 -0.72 3.10 -4.42
N ARG A 16 -1.38 2.84 -5.54
CA ARG A 16 -1.17 1.60 -6.27
C ARG A 16 0.28 1.51 -6.74
N GLU A 17 0.91 0.39 -6.41
CA GLU A 17 2.29 0.15 -6.80
C GLU A 17 2.41 -1.16 -7.58
N ILE A 18 3.52 -1.29 -8.28
CA ILE A 18 3.79 -2.48 -9.07
C ILE A 18 5.12 -3.09 -8.65
N GLY A 19 5.06 -4.36 -8.28
CA GLY A 19 6.26 -5.08 -7.85
C GLY A 19 6.66 -6.14 -8.87
N LEU A 20 7.57 -5.75 -9.76
CA LEU A 20 8.04 -6.66 -10.79
C LEU A 20 9.01 -7.68 -10.17
N ILE A 21 8.72 -8.94 -10.41
CA ILE A 21 9.55 -10.01 -9.88
C ILE A 21 10.42 -10.58 -11.00
N TRP A 22 11.72 -10.37 -10.87
CA TRP A 22 12.66 -10.85 -11.86
C TRP A 22 13.00 -12.31 -11.53
N ASN A 23 12.37 -13.21 -12.29
CA ASN A 23 12.58 -14.62 -12.09
C ASN A 23 12.43 -15.35 -13.43
N GLY A 24 13.56 -15.80 -13.96
CA GLY A 24 13.56 -16.50 -15.22
C GLY A 24 13.69 -15.53 -16.40
N ASP A 25 12.74 -15.65 -17.33
CA ASP A 25 12.74 -14.79 -18.50
C ASP A 25 11.40 -14.05 -18.58
N ARG A 26 10.77 -13.90 -17.41
CA ARG A 26 9.49 -13.23 -17.33
C ARG A 26 9.46 -12.30 -16.11
N VAL A 27 8.43 -11.47 -16.07
CA VAL A 27 8.26 -10.54 -14.97
C VAL A 27 6.83 -10.62 -14.44
N PHE A 28 6.72 -10.65 -13.12
CA PHE A 28 5.42 -10.73 -12.48
C PHE A 28 5.09 -9.43 -11.74
N ILE A 29 3.95 -8.87 -12.09
CA ILE A 29 3.50 -7.63 -11.46
C ILE A 29 2.63 -7.96 -10.25
N ASP A 30 2.90 -7.26 -9.16
CA ASP A 30 2.15 -7.47 -7.93
C ASP A 30 1.47 -6.15 -7.53
N ARG A 31 0.16 -6.24 -7.33
CA ARG A 31 -0.61 -5.07 -6.95
C ARG A 31 -0.81 -5.04 -5.43
N TRP A 32 -0.81 -3.82 -4.89
CA TRP A 32 -0.99 -3.65 -3.46
C TRP A 32 -1.02 -2.14 -3.17
N CYS A 33 -0.95 -1.82 -1.88
CA CYS A 33 -0.97 -0.42 -1.45
C CYS A 33 0.18 -0.14 -0.49
N ASN A 34 0.75 1.05 -0.60
CA ASN A 34 1.85 1.43 0.27
C ASN A 34 1.43 1.28 1.74
N PRO A 35 0.18 1.74 2.02
CA PRO A 35 -0.65 2.33 0.99
C PRO A 35 -0.18 3.74 0.63
N MET A 36 0.17 4.49 1.67
CA MET A 36 0.64 5.85 1.48
C MET A 36 1.37 6.36 2.73
N CYS A 37 0.73 6.13 3.88
CA CYS A 37 1.31 6.55 5.16
C CYS A 37 2.82 6.39 5.16
N SER A 38 3.32 5.41 4.41
CA SER A 38 4.75 5.18 4.34
C SER A 38 5.30 5.70 3.01
N LYS A 39 6.59 5.94 2.99
CA LYS A 39 7.26 6.43 1.80
C LYS A 39 7.65 5.25 0.91
N VAL A 40 6.92 5.12 -0.19
CA VAL A 40 7.19 4.04 -1.14
C VAL A 40 8.67 4.05 -1.51
N THR A 41 9.23 2.85 -1.61
CA THR A 41 10.63 2.71 -1.96
C THR A 41 10.78 2.03 -3.31
N LEU A 42 11.77 2.48 -4.07
CA LEU A 42 12.02 1.93 -5.38
C LEU A 42 12.03 0.40 -5.30
N GLY A 43 10.97 -0.20 -5.79
CA GLY A 43 10.85 -1.65 -5.79
C GLY A 43 9.43 -2.08 -5.42
N THR A 44 9.33 -2.88 -4.36
CA THR A 44 8.04 -3.36 -3.91
C THR A 44 8.11 -3.75 -2.43
N ILE A 45 7.50 -2.89 -1.61
CA ILE A 45 7.49 -3.14 -0.17
C ILE A 45 6.16 -2.67 0.41
N ARG A 46 5.49 -3.57 1.11
CA ARG A 46 4.20 -3.27 1.71
C ARG A 46 4.41 -2.57 3.05
N ALA A 47 3.94 -1.33 3.13
CA ALA A 47 4.06 -0.56 4.35
C ALA A 47 2.80 -0.73 5.19
N ARG A 48 2.88 -0.28 6.44
CA ARG A 48 1.76 -0.39 7.35
C ARG A 48 1.09 0.98 7.52
N CYS A 49 0.08 1.00 8.38
CA CYS A 49 -0.65 2.23 8.64
C CYS A 49 -0.50 2.56 10.13
N THR A 50 -0.89 3.79 10.47
CA THR A 50 -0.81 4.24 11.85
C THR A 50 -2.09 4.98 12.24
N CYS A 51 -2.39 6.01 11.46
CA CYS A 51 -3.58 6.81 11.71
C CYS A 51 -4.78 5.88 11.77
N GLY A 52 -4.90 5.04 10.75
CA GLY A 52 -5.99 4.10 10.68
C GLY A 52 -7.18 4.69 9.91
N GLU A 53 -7.07 5.98 9.64
CA GLU A 53 -8.13 6.68 8.91
C GLU A 53 -7.62 7.11 7.53
N CYS A 54 -6.65 6.36 7.03
CA CYS A 54 -6.08 6.65 5.72
C CYS A 54 -7.23 6.82 4.72
N PRO A 55 -8.17 5.84 4.75
CA PRO A 55 -8.07 4.73 5.68
C PRO A 55 -6.99 3.73 5.23
N ARG A 56 -6.45 3.01 6.20
CA ARG A 56 -5.42 2.02 5.91
C ARG A 56 -5.92 1.02 4.87
N VAL A 57 -7.23 0.99 4.71
CA VAL A 57 -7.85 0.09 3.74
C VAL A 57 -8.58 0.90 2.67
N CYS A 58 -9.17 0.19 1.74
CA CYS A 58 -9.90 0.83 0.65
C CYS A 58 -11.09 -0.06 0.29
N GLU A 59 -11.78 0.34 -0.77
CA GLU A 59 -12.94 -0.42 -1.23
C GLU A 59 -12.50 -1.60 -2.09
N GLN A 60 -11.19 -1.72 -2.25
CA GLN A 60 -10.62 -2.80 -3.04
C GLN A 60 -9.82 -3.75 -2.14
N CYS A 61 -9.30 -3.18 -1.06
CA CYS A 61 -8.50 -3.95 -0.12
C CYS A 61 -9.46 -4.70 0.81
N ARG A 62 -10.55 -4.03 1.16
CA ARG A 62 -11.54 -4.63 2.04
C ARG A 62 -12.15 -5.87 1.39
N THR A 63 -12.07 -5.91 0.06
CA THR A 63 -12.61 -7.03 -0.68
C THR A 63 -11.47 -7.98 -1.10
N ASP A 64 -10.32 -7.76 -0.52
CA ASP A 64 -9.15 -8.58 -0.81
C ASP A 64 -9.05 -9.71 0.21
N THR A 65 -8.45 -10.81 -0.22
CA THR A 65 -8.29 -11.97 0.65
C THR A 65 -6.96 -11.88 1.41
N GLY A 66 -7.07 -11.46 2.65
CA GLY A 66 -5.89 -11.32 3.50
C GLY A 66 -5.82 -9.94 4.13
N VAL A 67 -6.73 -9.08 3.70
CA VAL A 67 -6.78 -7.72 4.22
C VAL A 67 -7.13 -7.76 5.71
N ASP A 68 -7.63 -8.91 6.14
CA ASP A 68 -8.00 -9.09 7.54
C ASP A 68 -6.85 -9.76 8.29
N THR A 69 -6.06 -10.53 7.54
CA THR A 69 -4.92 -11.23 8.11
C THR A 69 -3.78 -10.25 8.38
N ARG A 70 -3.66 -9.26 7.51
CA ARG A 70 -2.62 -8.26 7.63
C ARG A 70 -2.90 -7.36 8.85
N ILE A 71 -1.83 -7.01 9.54
CA ILE A 71 -1.94 -6.15 10.70
C ILE A 71 -2.53 -4.81 10.29
N TRP A 72 -3.72 -4.53 10.82
CA TRP A 72 -4.40 -3.28 10.51
C TRP A 72 -3.49 -2.12 10.96
N TYR A 73 -3.22 -2.09 12.25
CA TYR A 73 -2.37 -1.05 12.81
C TYR A 73 -0.99 -1.60 13.15
N HIS A 74 -0.02 -0.69 13.24
CA HIS A 74 1.34 -1.07 13.55
C HIS A 74 1.48 -1.27 15.06
N ASN A 75 0.85 -2.32 15.55
CA ASN A 75 0.90 -2.64 16.96
C ASN A 75 -0.19 -1.85 17.69
N LEU A 76 -0.25 -0.56 17.37
CA LEU A 76 -1.24 0.31 17.99
C LEU A 76 -2.56 -0.46 18.15
N PRO A 77 -3.21 -0.23 19.33
CA PRO A 77 -4.47 -0.88 19.63
C PRO A 77 -5.61 -0.26 18.82
N GLU A 78 -6.13 0.84 19.34
CA GLU A 78 -7.22 1.54 18.68
C GLU A 78 -6.69 2.76 17.94
N ILE A 79 -7.57 3.75 17.78
CA ILE A 79 -7.21 4.97 17.09
C ILE A 79 -7.91 6.16 17.76
N PRO A 80 -7.39 7.38 17.47
CA PRO A 80 -7.95 8.59 18.03
C PRO A 80 -9.27 8.95 17.35
N GLU A 81 -9.51 8.32 16.21
CA GLU A 81 -10.72 8.57 15.45
C GLU A 81 -11.60 7.32 15.45
N GLY A 1 -4.28 20.56 -18.44
CA GLY A 1 -4.58 21.96 -18.62
C GLY A 1 -3.48 22.84 -18.03
N PRO A 2 -3.57 24.17 -18.34
CA PRO A 2 -2.59 25.12 -17.85
C PRO A 2 -2.81 25.42 -16.37
N ALA A 3 -1.73 25.30 -15.61
CA ALA A 3 -1.78 25.55 -14.18
C ALA A 3 -0.37 25.82 -13.66
N SER A 4 -0.30 26.69 -12.65
CA SER A 4 0.98 27.04 -12.05
C SER A 4 0.90 26.89 -10.54
N THR A 5 -0.22 26.37 -10.08
CA THR A 5 -0.43 26.16 -8.65
C THR A 5 -1.04 24.79 -8.40
N SER A 6 -0.24 23.92 -7.79
CA SER A 6 -0.67 22.58 -7.49
C SER A 6 -0.19 22.17 -6.09
N GLU A 7 -0.97 22.55 -5.10
CA GLU A 7 -0.63 22.23 -3.71
C GLU A 7 -0.29 20.75 -3.58
N THR A 8 0.06 20.36 -2.36
CA THR A 8 0.42 18.98 -2.09
C THR A 8 0.28 18.68 -0.59
N PRO A 9 -0.98 18.78 -0.09
CA PRO A 9 -1.26 18.53 1.32
C PRO A 9 -1.22 17.03 1.62
N ILE A 10 -1.81 16.68 2.74
CA ILE A 10 -1.85 15.29 3.16
C ILE A 10 -3.18 14.67 2.72
N LYS A 11 -3.11 13.88 1.64
CA LYS A 11 -4.29 13.23 1.11
C LYS A 11 -4.26 11.76 1.50
N LYS A 12 -4.08 11.52 2.79
CA LYS A 12 -4.04 10.16 3.32
C LYS A 12 -5.12 9.33 2.62
N GLY A 13 -4.70 8.17 2.14
CA GLY A 13 -5.61 7.27 1.46
C GLY A 13 -4.92 5.96 1.09
N HIS A 14 -5.16 5.52 -0.15
CA HIS A 14 -4.56 4.29 -0.63
C HIS A 14 -4.22 4.44 -2.11
N ARG A 15 -2.94 4.38 -2.40
CA ARG A 15 -2.46 4.51 -3.77
C ARG A 15 -1.78 3.21 -4.21
N ARG A 16 -2.38 2.57 -5.22
CA ARG A 16 -1.85 1.34 -5.74
C ARG A 16 -0.42 1.56 -6.27
N GLU A 17 0.41 0.55 -6.10
CA GLU A 17 1.79 0.61 -6.55
C GLU A 17 2.04 -0.46 -7.62
N ILE A 18 3.30 -0.52 -8.05
CA ILE A 18 3.69 -1.49 -9.06
C ILE A 18 5.04 -2.10 -8.68
N GLY A 19 5.02 -3.38 -8.34
CA GLY A 19 6.23 -4.08 -7.95
C GLY A 19 6.32 -5.44 -8.67
N LEU A 20 7.11 -5.45 -9.73
CA LEU A 20 7.29 -6.67 -10.50
C LEU A 20 8.06 -7.68 -9.67
N ILE A 21 7.62 -8.93 -9.74
CA ILE A 21 8.26 -10.01 -9.00
C ILE A 21 9.16 -10.81 -9.94
N TRP A 22 10.45 -10.78 -9.64
CA TRP A 22 11.42 -11.49 -10.45
C TRP A 22 11.53 -12.92 -9.91
N ASN A 23 10.88 -13.84 -10.61
CA ASN A 23 10.89 -15.24 -10.21
C ASN A 23 10.93 -16.12 -11.45
N GLY A 24 11.92 -16.97 -11.51
CA GLY A 24 12.09 -17.88 -12.64
C GLY A 24 12.29 -17.10 -13.94
N ASP A 25 11.71 -17.63 -15.00
CA ASP A 25 11.82 -17.01 -16.30
C ASP A 25 10.54 -16.21 -16.59
N ARG A 26 9.91 -15.75 -15.51
CA ARG A 26 8.68 -14.98 -15.63
C ARG A 26 8.62 -13.91 -14.53
N VAL A 27 7.85 -12.88 -14.81
CA VAL A 27 7.69 -11.79 -13.85
C VAL A 27 6.21 -11.67 -13.47
N PHE A 28 5.99 -11.31 -12.22
CA PHE A 28 4.63 -11.16 -11.71
C PHE A 28 4.47 -9.83 -10.97
N ILE A 29 3.59 -8.99 -11.52
CA ILE A 29 3.34 -7.69 -10.93
C ILE A 29 2.80 -7.88 -9.51
N ASP A 30 3.31 -7.05 -8.60
CA ASP A 30 2.89 -7.12 -7.21
C ASP A 30 2.10 -5.86 -6.87
N ARG A 31 0.85 -6.06 -6.48
CA ARG A 31 -0.02 -4.96 -6.11
C ARG A 31 -0.22 -4.91 -4.60
N TRP A 32 -0.34 -3.70 -4.09
CA TRP A 32 -0.53 -3.51 -2.66
C TRP A 32 -0.70 -2.01 -2.41
N CYS A 33 -0.35 -1.60 -1.19
CA CYS A 33 -0.45 -0.20 -0.79
C CYS A 33 0.57 0.13 0.30
N ASN A 34 1.13 1.32 0.22
CA ASN A 34 2.13 1.74 1.19
C ASN A 34 1.49 1.74 2.58
N PRO A 35 0.21 2.18 2.64
CA PRO A 35 -0.49 2.61 1.44
C PRO A 35 0.01 3.99 0.99
N MET A 36 0.00 4.92 1.93
CA MET A 36 0.44 6.28 1.65
C MET A 36 1.28 6.83 2.79
N CYS A 37 0.71 6.76 4.00
CA CYS A 37 1.38 7.25 5.19
C CYS A 37 2.88 6.96 5.14
N SER A 38 3.23 5.89 4.44
CA SER A 38 4.63 5.50 4.32
C SER A 38 5.20 6.02 3.00
N LYS A 39 6.25 6.81 3.11
CA LYS A 39 6.90 7.38 1.94
C LYS A 39 7.42 6.25 1.05
N VAL A 40 6.78 6.10 -0.10
CA VAL A 40 7.16 5.06 -1.04
C VAL A 40 8.66 5.15 -1.30
N THR A 41 9.20 4.08 -1.87
CA THR A 41 10.62 4.02 -2.18
C THR A 41 10.83 3.88 -3.69
N LEU A 42 12.04 4.25 -4.12
CA LEU A 42 12.37 4.17 -5.52
C LEU A 42 12.47 2.70 -5.95
N GLY A 43 11.38 2.21 -6.52
CA GLY A 43 11.33 0.83 -6.96
C GLY A 43 10.07 0.13 -6.45
N THR A 44 10.17 -0.42 -5.25
CA THR A 44 9.05 -1.11 -4.65
C THR A 44 9.35 -1.43 -3.18
N ILE A 45 8.49 -0.95 -2.31
CA ILE A 45 8.65 -1.17 -0.88
C ILE A 45 7.28 -1.28 -0.23
N ARG A 46 7.21 -2.10 0.82
CA ARG A 46 5.97 -2.31 1.54
C ARG A 46 6.09 -1.76 2.96
N ALA A 47 5.14 -0.90 3.31
CA ALA A 47 5.13 -0.30 4.64
C ALA A 47 3.88 -0.77 5.39
N ARG A 48 3.74 -0.27 6.61
CA ARG A 48 2.61 -0.63 7.44
C ARG A 48 1.75 0.62 7.72
N CYS A 49 0.52 0.36 8.13
CA CYS A 49 -0.41 1.44 8.44
C CYS A 49 -0.35 1.71 9.95
N THR A 50 -0.58 2.96 10.30
CA THR A 50 -0.57 3.36 11.70
C THR A 50 -1.75 4.28 12.01
N CYS A 51 -1.95 5.24 11.12
CA CYS A 51 -3.05 6.19 11.29
C CYS A 51 -4.35 5.39 11.45
N GLY A 52 -4.59 4.52 10.49
CA GLY A 52 -5.79 3.70 10.50
C GLY A 52 -6.94 4.39 9.78
N GLU A 53 -6.91 5.71 9.80
CA GLU A 53 -7.94 6.51 9.16
C GLU A 53 -7.55 6.80 7.71
N CYS A 54 -6.67 5.96 7.18
CA CYS A 54 -6.21 6.11 5.81
C CYS A 54 -7.44 6.27 4.92
N PRO A 55 -8.43 5.35 5.11
CA PRO A 55 -8.28 4.31 6.12
C PRO A 55 -7.32 3.23 5.65
N ARG A 56 -6.71 2.56 6.61
CA ARG A 56 -5.76 1.49 6.32
C ARG A 56 -6.32 0.58 5.23
N VAL A 57 -7.63 0.57 5.13
CA VAL A 57 -8.30 -0.27 4.14
C VAL A 57 -8.93 0.64 3.07
N CYS A 58 -8.96 0.11 1.85
CA CYS A 58 -9.53 0.86 0.73
C CYS A 58 -10.71 0.06 0.16
N GLU A 59 -11.25 0.57 -0.93
CA GLU A 59 -12.37 -0.10 -1.58
C GLU A 59 -11.88 -1.25 -2.45
N GLN A 60 -10.58 -1.51 -2.37
CA GLN A 60 -9.97 -2.57 -3.13
C GLN A 60 -9.35 -3.62 -2.21
N CYS A 61 -8.79 -3.12 -1.11
CA CYS A 61 -8.16 -4.00 -0.14
C CYS A 61 -9.25 -4.63 0.72
N ARG A 62 -10.23 -3.82 1.06
CA ARG A 62 -11.34 -4.28 1.88
C ARG A 62 -12.06 -5.45 1.20
N THR A 63 -11.95 -5.46 -0.13
CA THR A 63 -12.58 -6.52 -0.91
C THR A 63 -11.52 -7.42 -1.54
N ASP A 64 -10.30 -7.30 -1.02
CA ASP A 64 -9.18 -8.10 -1.51
C ASP A 64 -9.51 -9.58 -1.31
N THR A 65 -8.55 -10.41 -1.67
CA THR A 65 -8.71 -11.85 -1.54
C THR A 65 -8.02 -12.35 -0.26
N GLY A 66 -7.30 -11.45 0.37
CA GLY A 66 -6.59 -11.78 1.59
C GLY A 66 -6.17 -10.51 2.35
N VAL A 67 -7.15 -9.65 2.59
CA VAL A 67 -6.90 -8.41 3.30
C VAL A 67 -6.77 -8.70 4.80
N ASP A 68 -7.25 -9.87 5.19
CA ASP A 68 -7.19 -10.28 6.58
C ASP A 68 -5.77 -10.69 6.93
N THR A 69 -5.01 -11.03 5.89
CA THR A 69 -3.63 -11.44 6.07
C THR A 69 -2.70 -10.22 6.04
N ARG A 70 -3.11 -9.22 5.28
CA ARG A 70 -2.33 -8.01 5.17
C ARG A 70 -1.99 -7.45 6.55
N ILE A 71 -1.33 -6.31 6.56
CA ILE A 71 -0.94 -5.68 7.80
C ILE A 71 -1.98 -4.61 8.18
N TRP A 72 -2.93 -5.04 8.99
CA TRP A 72 -3.99 -4.14 9.44
C TRP A 72 -3.36 -3.07 10.34
N TYR A 73 -2.27 -3.46 10.99
CA TYR A 73 -1.58 -2.56 11.89
C TYR A 73 -0.19 -3.11 12.25
N HIS A 74 0.60 -2.26 12.89
CA HIS A 74 1.94 -2.65 13.30
C HIS A 74 1.86 -3.52 14.55
N ASN A 75 0.64 -3.73 15.01
CA ASN A 75 0.42 -4.53 16.19
C ASN A 75 0.58 -6.01 15.85
N LEU A 76 -0.13 -6.42 14.79
CA LEU A 76 -0.07 -7.80 14.35
C LEU A 76 1.39 -8.28 14.36
N PRO A 77 1.55 -9.62 14.45
CA PRO A 77 2.88 -10.21 14.46
C PRO A 77 3.52 -10.19 13.07
N GLU A 78 3.26 -11.26 12.32
CA GLU A 78 3.80 -11.37 10.98
C GLU A 78 2.75 -11.94 10.03
N ILE A 79 3.23 -12.66 9.02
CA ILE A 79 2.34 -13.27 8.05
C ILE A 79 2.87 -14.65 7.67
N PRO A 80 1.94 -15.52 7.20
CA PRO A 80 2.30 -16.87 6.81
C PRO A 80 3.02 -16.86 5.45
N GLU A 81 2.76 -15.82 4.69
CA GLU A 81 3.38 -15.68 3.38
C GLU A 81 4.68 -14.89 3.48
N GLY A 1 18.07 19.96 -2.56
CA GLY A 1 17.86 19.16 -3.74
C GLY A 1 17.07 19.94 -4.80
N PRO A 2 16.93 19.30 -6.00
CA PRO A 2 16.22 19.93 -7.09
C PRO A 2 14.70 19.89 -6.85
N ALA A 3 14.09 21.07 -6.96
CA ALA A 3 12.66 21.17 -6.75
C ALA A 3 12.30 20.68 -5.35
N SER A 4 13.14 21.06 -4.40
CA SER A 4 12.93 20.66 -3.01
C SER A 4 12.12 21.72 -2.28
N THR A 5 10.92 21.34 -1.88
CA THR A 5 10.04 22.25 -1.16
C THR A 5 9.28 21.51 -0.06
N SER A 6 8.56 22.28 0.74
CA SER A 6 7.79 21.71 1.82
C SER A 6 6.32 21.55 1.40
N GLU A 7 6.00 22.14 0.26
CA GLU A 7 4.65 22.07 -0.26
C GLU A 7 4.17 20.62 -0.32
N THR A 8 3.00 20.43 -0.91
CA THR A 8 2.43 19.10 -1.04
C THR A 8 2.63 18.31 0.24
N PRO A 9 1.67 18.50 1.19
CA PRO A 9 1.73 17.80 2.46
C PRO A 9 1.35 16.33 2.31
N ILE A 10 1.02 15.71 3.44
CA ILE A 10 0.62 14.31 3.44
C ILE A 10 -0.69 14.16 2.67
N LYS A 11 -0.84 13.00 2.04
CA LYS A 11 -2.03 12.71 1.27
C LYS A 11 -2.48 11.28 1.54
N LYS A 12 -2.62 10.97 2.82
CA LYS A 12 -3.03 9.64 3.23
C LYS A 12 -4.16 9.16 2.30
N GLY A 13 -3.97 7.95 1.79
CA GLY A 13 -4.96 7.36 0.89
C GLY A 13 -4.56 5.94 0.49
N HIS A 14 -4.70 5.65 -0.79
CA HIS A 14 -4.36 4.34 -1.30
C HIS A 14 -3.81 4.48 -2.73
N ARG A 15 -2.53 4.17 -2.86
CA ARG A 15 -1.88 4.26 -4.16
C ARG A 15 -1.36 2.89 -4.59
N ARG A 16 -1.98 2.36 -5.63
CA ARG A 16 -1.59 1.05 -6.15
C ARG A 16 -0.13 1.07 -6.60
N GLU A 17 0.62 0.12 -6.07
CA GLU A 17 2.03 0.02 -6.41
C GLU A 17 2.28 -1.20 -7.31
N ILE A 18 3.31 -1.09 -8.13
CA ILE A 18 3.66 -2.18 -9.04
C ILE A 18 5.01 -2.78 -8.60
N GLY A 19 4.98 -4.08 -8.36
CA GLY A 19 6.18 -4.79 -7.95
C GLY A 19 6.49 -5.94 -8.91
N LEU A 20 7.39 -5.67 -9.84
CA LEU A 20 7.78 -6.68 -10.82
C LEU A 20 8.70 -7.70 -10.14
N ILE A 21 8.50 -8.96 -10.51
CA ILE A 21 9.30 -10.04 -9.96
C ILE A 21 10.08 -10.71 -11.08
N TRP A 22 11.39 -10.54 -11.03
CA TRP A 22 12.27 -11.13 -12.04
C TRP A 22 12.49 -12.60 -11.67
N ASN A 23 11.90 -13.46 -12.47
CA ASN A 23 12.02 -14.89 -12.25
C ASN A 23 12.34 -15.59 -13.57
N GLY A 24 13.64 -15.69 -13.85
CA GLY A 24 14.09 -16.32 -15.08
C GLY A 24 14.09 -15.33 -16.24
N ASP A 25 13.11 -15.51 -17.12
CA ASP A 25 12.98 -14.63 -18.28
C ASP A 25 11.55 -14.09 -18.35
N ARG A 26 10.94 -14.00 -17.19
CA ARG A 26 9.57 -13.50 -17.10
C ARG A 26 9.43 -12.54 -15.92
N VAL A 27 8.30 -11.85 -15.88
CA VAL A 27 8.03 -10.90 -14.81
C VAL A 27 6.56 -11.02 -14.40
N PHE A 28 6.32 -10.69 -13.13
CA PHE A 28 4.97 -10.77 -12.59
C PHE A 28 4.67 -9.53 -11.74
N ILE A 29 3.64 -8.81 -12.16
CA ILE A 29 3.23 -7.60 -11.45
C ILE A 29 2.43 -8.00 -10.21
N ASP A 30 2.60 -7.20 -9.16
CA ASP A 30 1.90 -7.45 -7.91
C ASP A 30 1.16 -6.19 -7.48
N ARG A 31 -0.12 -6.34 -7.23
CA ARG A 31 -0.95 -5.22 -6.80
C ARG A 31 -1.14 -5.25 -5.29
N TRP A 32 -1.10 -4.06 -4.70
CA TRP A 32 -1.27 -3.93 -3.26
C TRP A 32 -1.24 -2.45 -2.91
N CYS A 33 -1.19 -2.18 -1.61
CA CYS A 33 -1.15 -0.80 -1.11
C CYS A 33 -0.23 -0.70 0.10
N ASN A 34 0.47 0.43 0.20
CA ASN A 34 1.38 0.64 1.31
C ASN A 34 0.57 0.70 2.61
N PRO A 35 -0.62 1.34 2.53
CA PRO A 35 -1.06 1.91 1.27
C PRO A 35 -0.31 3.21 0.96
N MET A 36 -0.31 4.10 1.94
CA MET A 36 0.36 5.38 1.78
C MET A 36 1.20 5.71 3.02
N CYS A 37 0.64 5.40 4.18
CA CYS A 37 1.32 5.65 5.45
C CYS A 37 2.82 5.47 5.30
N SER A 38 3.22 4.54 4.46
CA SER A 38 4.64 4.28 4.24
C SER A 38 5.09 4.91 2.93
N LYS A 39 6.12 5.74 3.02
CA LYS A 39 6.65 6.41 1.85
C LYS A 39 7.15 5.37 0.85
N VAL A 40 6.61 5.44 -0.35
CA VAL A 40 6.99 4.51 -1.40
C VAL A 40 8.51 4.49 -1.54
N THR A 41 9.03 3.32 -1.89
CA THR A 41 10.46 3.16 -2.06
C THR A 41 10.77 2.41 -3.36
N LEU A 42 11.80 2.89 -4.05
CA LEU A 42 12.20 2.29 -5.31
C LEU A 42 12.23 0.77 -5.15
N GLY A 43 11.15 0.13 -5.60
CA GLY A 43 11.05 -1.31 -5.51
C GLY A 43 9.72 -1.73 -4.89
N THR A 44 9.65 -3.00 -4.50
CA THR A 44 8.45 -3.53 -3.89
C THR A 44 8.62 -3.65 -2.38
N ILE A 45 7.62 -3.18 -1.66
CA ILE A 45 7.64 -3.22 -0.21
C ILE A 45 6.22 -3.06 0.33
N ARG A 46 5.94 -3.80 1.40
CA ARG A 46 4.62 -3.74 2.02
C ARG A 46 4.73 -3.20 3.44
N ALA A 47 4.08 -2.06 3.66
CA ALA A 47 4.10 -1.43 4.96
C ALA A 47 2.71 -1.54 5.60
N ARG A 48 2.59 -0.98 6.79
CA ARG A 48 1.33 -1.01 7.51
C ARG A 48 0.76 0.40 7.66
N CYS A 49 -0.37 0.48 8.36
CA CYS A 49 -1.02 1.76 8.57
C CYS A 49 -0.71 2.22 10.00
N THR A 50 -0.97 3.50 10.24
CA THR A 50 -0.72 4.07 11.55
C THR A 50 -1.90 4.96 11.98
N CYS A 51 -2.19 5.93 11.14
CA CYS A 51 -3.28 6.85 11.42
C CYS A 51 -4.57 6.04 11.57
N GLY A 52 -4.83 5.21 10.59
CA GLY A 52 -6.02 4.37 10.61
C GLY A 52 -7.01 4.80 9.52
N GLU A 53 -7.14 6.10 9.36
CA GLU A 53 -8.04 6.65 8.37
C GLU A 53 -7.31 6.84 7.03
N CYS A 54 -6.44 5.90 6.74
CA CYS A 54 -5.67 5.94 5.50
C CYS A 54 -6.65 6.14 4.34
N PRO A 55 -7.73 5.32 4.35
CA PRO A 55 -7.91 4.33 5.39
C PRO A 55 -6.97 3.15 5.19
N ARG A 56 -6.64 2.49 6.31
CA ARG A 56 -5.75 1.34 6.26
C ARG A 56 -6.03 0.50 5.01
N VAL A 57 -7.28 0.51 4.60
CA VAL A 57 -7.69 -0.25 3.43
C VAL A 57 -8.60 0.62 2.55
N CYS A 58 -8.48 0.41 1.25
CA CYS A 58 -9.29 1.17 0.31
C CYS A 58 -10.62 0.45 0.12
N GLU A 59 -11.51 1.10 -0.63
CA GLU A 59 -12.82 0.53 -0.88
C GLU A 59 -12.78 -0.39 -2.10
N GLN A 60 -11.71 -1.17 -2.17
CA GLN A 60 -11.53 -2.09 -3.28
C GLN A 60 -10.76 -3.33 -2.81
N CYS A 61 -9.74 -3.09 -2.01
CA CYS A 61 -8.92 -4.17 -1.49
C CYS A 61 -9.46 -4.56 -0.12
N ARG A 62 -10.42 -3.79 0.34
CA ARG A 62 -11.04 -4.05 1.64
C ARG A 62 -11.45 -5.51 1.74
N THR A 63 -11.62 -6.14 0.60
CA THR A 63 -12.02 -7.54 0.55
C THR A 63 -10.88 -8.39 0.00
N ASP A 64 -9.94 -7.73 -0.65
CA ASP A 64 -8.79 -8.42 -1.22
C ASP A 64 -8.33 -9.52 -0.26
N THR A 65 -7.81 -10.59 -0.85
CA THR A 65 -7.34 -11.72 -0.06
C THR A 65 -5.95 -11.41 0.53
N GLY A 66 -5.95 -11.13 1.83
CA GLY A 66 -4.72 -10.82 2.52
C GLY A 66 -4.72 -9.39 3.04
N VAL A 67 -5.86 -8.73 2.89
CA VAL A 67 -6.02 -7.37 3.34
C VAL A 67 -6.39 -7.36 4.83
N ASP A 68 -7.00 -8.45 5.25
CA ASP A 68 -7.42 -8.58 6.64
C ASP A 68 -6.22 -9.03 7.48
N THR A 69 -5.30 -9.71 6.82
CA THR A 69 -4.10 -10.19 7.49
C THR A 69 -3.16 -9.04 7.81
N ARG A 70 -3.54 -7.86 7.36
CA ARG A 70 -2.74 -6.68 7.59
C ARG A 70 -2.79 -6.28 9.07
N ILE A 71 -2.16 -5.15 9.37
CA ILE A 71 -2.12 -4.66 10.73
C ILE A 71 -2.78 -3.28 10.80
N TRP A 72 -3.95 -3.25 11.42
CA TRP A 72 -4.69 -2.01 11.54
C TRP A 72 -3.76 -0.96 12.17
N TYR A 73 -2.95 -1.43 13.12
CA TYR A 73 -2.02 -0.55 13.80
C TYR A 73 -0.73 -1.29 14.14
N HIS A 74 0.39 -0.67 13.77
CA HIS A 74 1.69 -1.25 14.03
C HIS A 74 1.81 -1.61 15.51
N ASN A 75 0.99 -0.95 16.32
CA ASN A 75 0.98 -1.19 17.75
C ASN A 75 0.04 -2.36 18.07
N LEU A 76 -0.96 -2.51 17.21
CA LEU A 76 -1.93 -3.59 17.39
C LEU A 76 -2.70 -3.35 18.69
N PRO A 77 -3.95 -3.91 18.73
CA PRO A 77 -4.79 -3.76 19.91
C PRO A 77 -4.32 -4.67 21.04
N GLU A 78 -4.81 -5.91 21.00
CA GLU A 78 -4.44 -6.88 22.01
C GLU A 78 -3.95 -8.17 21.35
N ILE A 79 -4.14 -9.27 22.06
CA ILE A 79 -3.72 -10.57 21.56
C ILE A 79 -4.53 -10.92 20.31
N PRO A 80 -3.94 -11.81 19.47
CA PRO A 80 -4.60 -12.23 18.25
C PRO A 80 -5.75 -13.20 18.53
N GLU A 81 -5.60 -13.94 19.62
CA GLU A 81 -6.62 -14.90 20.03
C GLU A 81 -7.97 -14.21 20.17
N GLY A 1 0.21 27.23 -17.85
CA GLY A 1 0.94 26.06 -17.37
C GLY A 1 1.07 26.10 -15.84
N PRO A 2 1.56 27.26 -15.32
CA PRO A 2 1.74 27.42 -13.90
C PRO A 2 0.39 27.63 -13.19
N ALA A 3 -0.67 27.62 -13.99
CA ALA A 3 -2.01 27.81 -13.47
C ALA A 3 -2.35 26.66 -12.52
N SER A 4 -2.56 27.02 -11.26
CA SER A 4 -2.88 26.03 -10.25
C SER A 4 -3.15 26.71 -8.91
N THR A 5 -3.40 25.90 -7.90
CA THR A 5 -3.66 26.41 -6.56
C THR A 5 -2.38 26.38 -5.72
N SER A 6 -2.56 26.70 -4.44
CA SER A 6 -1.43 26.71 -3.52
C SER A 6 -1.62 25.63 -2.46
N GLU A 7 -2.87 25.42 -2.09
CA GLU A 7 -3.20 24.42 -1.07
C GLU A 7 -2.48 23.11 -1.39
N THR A 8 -2.24 22.34 -0.33
CA THR A 8 -1.57 21.06 -0.48
C THR A 8 -1.54 20.32 0.87
N PRO A 9 -2.76 19.98 1.36
CA PRO A 9 -2.89 19.27 2.62
C PRO A 9 -2.50 17.80 2.47
N ILE A 10 -2.92 17.01 3.45
CA ILE A 10 -2.63 15.58 3.42
C ILE A 10 -3.53 14.89 2.40
N LYS A 11 -2.90 14.02 1.61
CA LYS A 11 -3.63 13.29 0.59
C LYS A 11 -3.54 11.80 0.88
N LYS A 12 -4.05 11.42 2.05
CA LYS A 12 -4.04 10.02 2.46
C LYS A 12 -4.98 9.22 1.56
N GLY A 13 -4.54 8.02 1.22
CA GLY A 13 -5.33 7.15 0.36
C GLY A 13 -4.66 5.78 0.23
N HIS A 14 -4.49 5.36 -1.02
CA HIS A 14 -3.88 4.07 -1.31
C HIS A 14 -3.05 4.17 -2.58
N ARG A 15 -1.76 3.91 -2.45
CA ARG A 15 -0.86 3.98 -3.58
C ARG A 15 -0.63 2.56 -4.15
N ARG A 16 -1.49 2.19 -5.09
CA ARG A 16 -1.40 0.88 -5.72
C ARG A 16 -0.06 0.74 -6.43
N GLU A 17 0.81 -0.05 -5.81
CA GLU A 17 2.13 -0.28 -6.38
C GLU A 17 2.17 -1.62 -7.12
N ILE A 18 3.24 -1.83 -7.86
CA ILE A 18 3.41 -3.06 -8.62
C ILE A 18 4.78 -3.66 -8.32
N GLY A 19 4.77 -4.80 -7.66
CA GLY A 19 6.00 -5.48 -7.30
C GLY A 19 6.44 -6.44 -8.42
N LEU A 20 7.04 -5.87 -9.44
CA LEU A 20 7.51 -6.66 -10.57
C LEU A 20 8.76 -7.43 -10.16
N ILE A 21 8.65 -8.75 -10.17
CA ILE A 21 9.76 -9.61 -9.82
C ILE A 21 10.35 -10.23 -11.08
N TRP A 22 11.62 -9.96 -11.29
CA TRP A 22 12.32 -10.48 -12.46
C TRP A 22 12.68 -11.95 -12.18
N ASN A 23 12.03 -12.83 -12.93
CA ASN A 23 12.27 -14.25 -12.77
C ASN A 23 12.45 -14.89 -14.16
N GLY A 24 13.69 -14.88 -14.63
CA GLY A 24 14.00 -15.45 -15.92
C GLY A 24 13.53 -14.53 -17.05
N ASP A 25 12.54 -15.02 -17.79
CA ASP A 25 11.99 -14.26 -18.90
C ASP A 25 10.54 -13.88 -18.59
N ARG A 26 10.19 -14.02 -17.32
CA ARG A 26 8.85 -13.69 -16.87
C ARG A 26 8.89 -12.77 -15.65
N VAL A 27 7.83 -12.01 -15.48
CA VAL A 27 7.75 -11.09 -14.36
C VAL A 27 6.44 -11.33 -13.61
N PHE A 28 6.44 -10.93 -12.34
CA PHE A 28 5.26 -11.11 -11.50
C PHE A 28 4.85 -9.78 -10.86
N ILE A 29 3.62 -9.37 -11.16
CA ILE A 29 3.08 -8.13 -10.62
C ILE A 29 2.51 -8.39 -9.23
N ASP A 30 2.82 -7.48 -8.31
CA ASP A 30 2.34 -7.60 -6.95
C ASP A 30 1.63 -6.30 -6.55
N ARG A 31 0.35 -6.44 -6.24
CA ARG A 31 -0.46 -5.30 -5.84
C ARG A 31 -0.60 -5.26 -4.32
N TRP A 32 -0.63 -4.04 -3.79
CA TRP A 32 -0.77 -3.86 -2.36
C TRP A 32 -1.01 -2.37 -2.10
N CYS A 33 -0.67 -1.94 -0.89
CA CYS A 33 -0.83 -0.56 -0.48
C CYS A 33 0.20 -0.17 0.58
N ASN A 34 0.76 1.02 0.44
CA ASN A 34 1.76 1.49 1.39
C ASN A 34 1.12 1.62 2.77
N PRO A 35 -0.15 2.10 2.77
CA PRO A 35 -0.82 2.46 1.53
C PRO A 35 -0.29 3.78 0.98
N MET A 36 -0.23 4.76 1.86
CA MET A 36 0.26 6.08 1.48
C MET A 36 1.16 6.67 2.56
N CYS A 37 0.63 6.72 3.78
CA CYS A 37 1.37 7.24 4.91
C CYS A 37 2.84 6.84 4.85
N SER A 38 3.10 5.69 4.23
CA SER A 38 4.47 5.21 4.10
C SER A 38 4.99 5.48 2.69
N LYS A 39 6.01 6.33 2.62
CA LYS A 39 6.62 6.68 1.35
C LYS A 39 7.18 5.41 0.69
N VAL A 40 6.78 5.21 -0.56
CA VAL A 40 7.24 4.06 -1.31
C VAL A 40 8.77 3.98 -1.24
N THR A 41 9.27 2.75 -1.28
CA THR A 41 10.69 2.52 -1.22
C THR A 41 11.11 1.45 -2.23
N LEU A 42 12.14 1.76 -3.00
CA LEU A 42 12.64 0.85 -4.00
C LEU A 42 11.45 0.16 -4.71
N GLY A 43 10.35 0.88 -4.76
CA GLY A 43 9.15 0.37 -5.39
C GLY A 43 8.57 -0.80 -4.60
N THR A 44 8.94 -2.00 -5.02
CA THR A 44 8.47 -3.21 -4.35
C THR A 44 8.74 -3.13 -2.85
N ILE A 45 7.74 -2.63 -2.12
CA ILE A 45 7.85 -2.50 -0.69
C ILE A 45 6.47 -2.33 -0.08
N ARG A 46 6.24 -3.03 1.02
CA ARG A 46 4.96 -2.98 1.71
C ARG A 46 5.14 -2.41 3.12
N ALA A 47 4.48 -1.29 3.36
CA ALA A 47 4.56 -0.64 4.66
C ALA A 47 3.25 -0.88 5.42
N ARG A 48 3.23 -0.41 6.65
CA ARG A 48 2.05 -0.56 7.50
C ARG A 48 1.30 0.76 7.60
N CYS A 49 0.23 0.74 8.39
CA CYS A 49 -0.58 1.92 8.58
C CYS A 49 -0.68 2.21 10.08
N THR A 50 -0.93 3.47 10.39
CA THR A 50 -1.06 3.88 11.79
C THR A 50 -2.26 4.81 11.97
N CYS A 51 -2.37 5.76 11.05
CA CYS A 51 -3.47 6.71 11.09
C CYS A 51 -4.78 5.93 11.10
N GLY A 52 -4.95 5.12 10.07
CA GLY A 52 -6.16 4.32 9.94
C GLY A 52 -7.27 5.09 9.23
N GLU A 53 -7.09 6.40 9.18
CA GLU A 53 -8.06 7.27 8.53
C GLU A 53 -7.66 7.52 7.08
N CYS A 54 -6.71 6.72 6.61
CA CYS A 54 -6.23 6.84 5.24
C CYS A 54 -7.44 6.88 4.31
N PRO A 55 -8.36 5.90 4.52
CA PRO A 55 -8.17 4.91 5.58
C PRO A 55 -7.11 3.88 5.17
N ARG A 56 -6.48 3.29 6.19
CA ARG A 56 -5.45 2.30 5.94
C ARG A 56 -5.95 1.24 4.96
N VAL A 57 -7.27 1.14 4.87
CA VAL A 57 -7.89 0.18 3.97
C VAL A 57 -8.53 0.93 2.80
N CYS A 58 -8.78 0.18 1.73
CA CYS A 58 -9.38 0.77 0.54
C CYS A 58 -10.44 -0.22 0.02
N GLU A 59 -11.22 0.26 -0.95
CA GLU A 59 -12.25 -0.56 -1.54
C GLU A 59 -11.67 -1.48 -2.62
N GLN A 60 -10.34 -1.52 -2.64
CA GLN A 60 -9.65 -2.35 -3.61
C GLN A 60 -8.74 -3.35 -2.90
N CYS A 61 -8.68 -3.22 -1.58
CA CYS A 61 -7.86 -4.10 -0.77
C CYS A 61 -8.71 -4.66 0.36
N ARG A 62 -9.43 -3.74 1.01
CA ARG A 62 -10.30 -4.12 2.12
C ARG A 62 -11.11 -5.36 1.76
N THR A 63 -11.43 -5.47 0.47
CA THR A 63 -12.22 -6.59 -0.02
C THR A 63 -11.29 -7.74 -0.42
N ASP A 64 -10.07 -7.39 -0.79
CA ASP A 64 -9.09 -8.38 -1.19
C ASP A 64 -9.18 -9.59 -0.26
N THR A 65 -8.67 -10.71 -0.74
CA THR A 65 -8.69 -11.94 0.02
C THR A 65 -7.41 -12.08 0.84
N GLY A 66 -7.47 -11.59 2.07
CA GLY A 66 -6.33 -11.67 2.97
C GLY A 66 -6.13 -10.34 3.70
N VAL A 67 -6.78 -9.30 3.18
CA VAL A 67 -6.69 -7.98 3.78
C VAL A 67 -7.06 -8.06 5.25
N ASP A 68 -7.80 -9.11 5.58
CA ASP A 68 -8.23 -9.31 6.96
C ASP A 68 -7.05 -9.82 7.79
N THR A 69 -6.19 -10.59 7.13
CA THR A 69 -5.02 -11.14 7.79
C THR A 69 -3.88 -10.12 7.78
N ARG A 70 -4.00 -9.15 6.90
CA ARG A 70 -2.99 -8.10 6.78
C ARG A 70 -2.71 -7.48 8.15
N ILE A 71 -1.87 -6.46 8.14
CA ILE A 71 -1.51 -5.76 9.36
C ILE A 71 -2.17 -4.39 9.37
N TRP A 72 -3.34 -4.33 9.99
CA TRP A 72 -4.08 -3.08 10.07
C TRP A 72 -3.13 -2.00 10.58
N TYR A 73 -2.76 -2.12 11.85
CA TYR A 73 -1.87 -1.17 12.48
C TYR A 73 -0.53 -1.82 12.82
N HIS A 74 0.40 -0.99 13.26
CA HIS A 74 1.73 -1.47 13.63
C HIS A 74 1.75 -1.84 15.11
N ASN A 75 0.55 -2.04 15.65
CA ASN A 75 0.42 -2.40 17.04
C ASN A 75 -0.01 -3.86 17.16
N LEU A 76 -0.83 -4.29 16.21
CA LEU A 76 -1.32 -5.65 16.19
C LEU A 76 -1.96 -5.98 17.54
N PRO A 77 -2.60 -7.19 17.59
CA PRO A 77 -3.24 -7.63 18.81
C PRO A 77 -2.22 -8.10 19.84
N GLU A 78 -1.88 -9.38 19.75
CA GLU A 78 -0.91 -9.95 20.67
C GLU A 78 0.08 -10.83 19.90
N ILE A 79 0.57 -11.86 20.59
CA ILE A 79 1.53 -12.78 19.99
C ILE A 79 0.91 -14.17 19.95
N PRO A 80 1.41 -14.99 18.97
CA PRO A 80 0.92 -16.34 18.82
C PRO A 80 1.48 -17.26 19.90
N GLU A 81 2.69 -16.95 20.34
CA GLU A 81 3.34 -17.73 21.37
C GLU A 81 4.11 -16.81 22.33
N GLY A 1 -15.91 25.24 -2.32
CA GLY A 1 -16.41 25.53 -3.65
C GLY A 1 -15.56 26.62 -4.33
N PRO A 2 -15.84 27.89 -3.93
CA PRO A 2 -15.12 29.02 -4.49
C PRO A 2 -13.72 29.11 -3.90
N ALA A 3 -13.65 29.57 -2.66
CA ALA A 3 -12.37 29.70 -1.98
C ALA A 3 -12.44 29.00 -0.63
N SER A 4 -12.94 27.77 -0.66
CA SER A 4 -13.07 26.99 0.57
C SER A 4 -11.72 26.90 1.27
N THR A 5 -11.75 26.31 2.47
CA THR A 5 -10.54 26.16 3.25
C THR A 5 -9.44 25.50 2.42
N SER A 6 -8.20 25.90 2.70
CA SER A 6 -7.05 25.36 1.99
C SER A 6 -6.19 24.54 2.95
N GLU A 7 -6.82 24.07 4.02
CA GLU A 7 -6.11 23.27 5.01
C GLU A 7 -6.39 21.79 4.79
N THR A 8 -5.52 20.97 5.35
CA THR A 8 -5.66 19.52 5.22
C THR A 8 -4.39 18.82 5.70
N PRO A 9 -4.58 17.58 6.24
CA PRO A 9 -3.47 16.80 6.73
C PRO A 9 -2.65 16.21 5.57
N ILE A 10 -1.85 15.21 5.91
CA ILE A 10 -1.02 14.56 4.91
C ILE A 10 -1.90 14.03 3.78
N LYS A 11 -1.29 13.88 2.62
CA LYS A 11 -2.01 13.39 1.45
C LYS A 11 -2.09 11.86 1.52
N LYS A 12 -2.56 11.37 2.65
CA LYS A 12 -2.70 9.94 2.86
C LYS A 12 -3.79 9.39 1.93
N GLY A 13 -3.92 8.07 1.93
CA GLY A 13 -4.93 7.42 1.11
C GLY A 13 -4.45 6.04 0.66
N HIS A 14 -4.76 5.72 -0.59
CA HIS A 14 -4.38 4.44 -1.14
C HIS A 14 -3.98 4.61 -2.61
N ARG A 15 -2.70 4.37 -2.88
CA ARG A 15 -2.18 4.51 -4.23
C ARG A 15 -1.56 3.19 -4.69
N ARG A 16 -2.05 2.70 -5.82
CA ARG A 16 -1.56 1.45 -6.38
C ARG A 16 -0.08 1.57 -6.72
N GLU A 17 0.63 0.46 -6.53
CA GLU A 17 2.06 0.43 -6.83
C GLU A 17 2.40 -0.80 -7.66
N ILE A 18 3.54 -0.71 -8.34
CA ILE A 18 4.00 -1.81 -9.17
C ILE A 18 5.29 -2.39 -8.58
N GLY A 19 5.27 -3.70 -8.35
CA GLY A 19 6.43 -4.38 -7.80
C GLY A 19 6.86 -5.54 -8.71
N LEU A 20 7.56 -5.18 -9.77
CA LEU A 20 8.04 -6.18 -10.72
C LEU A 20 8.86 -7.22 -9.97
N ILE A 21 8.62 -8.48 -10.32
CA ILE A 21 9.33 -9.58 -9.69
C ILE A 21 10.09 -10.37 -10.77
N TRP A 22 11.41 -10.34 -10.65
CA TRP A 22 12.26 -11.04 -11.59
C TRP A 22 12.34 -12.51 -11.16
N ASN A 23 11.61 -13.35 -11.88
CA ASN A 23 11.59 -14.77 -11.59
C ASN A 23 11.63 -15.56 -12.89
N GLY A 24 12.85 -15.84 -13.34
CA GLY A 24 13.04 -16.59 -14.56
C GLY A 24 13.34 -15.65 -15.74
N ASP A 25 12.55 -15.80 -16.79
CA ASP A 25 12.71 -14.98 -17.97
C ASP A 25 11.44 -14.15 -18.20
N ARG A 26 10.75 -13.89 -17.09
CA ARG A 26 9.52 -13.12 -17.16
C ARG A 26 9.36 -12.28 -15.87
N VAL A 27 8.62 -11.20 -16.01
CA VAL A 27 8.38 -10.31 -14.89
C VAL A 27 6.89 -10.36 -14.52
N PHE A 28 6.63 -10.07 -13.25
CA PHE A 28 5.26 -10.07 -12.75
C PHE A 28 4.97 -8.83 -11.92
N ILE A 29 3.89 -8.15 -12.29
CA ILE A 29 3.49 -6.94 -11.60
C ILE A 29 2.64 -7.32 -10.37
N ASP A 30 3.05 -6.79 -9.22
CA ASP A 30 2.34 -7.07 -7.99
C ASP A 30 1.53 -5.83 -7.58
N ARG A 31 0.25 -6.04 -7.32
CA ARG A 31 -0.63 -4.96 -6.92
C ARG A 31 -0.79 -4.94 -5.41
N TRP A 32 -0.79 -3.74 -4.85
CA TRP A 32 -0.94 -3.57 -3.42
C TRP A 32 -0.97 -2.06 -3.12
N CYS A 33 -1.04 -1.74 -1.83
CA CYS A 33 -1.08 -0.36 -1.39
C CYS A 33 -0.04 -0.10 -0.31
N ASN A 34 0.59 1.07 -0.36
CA ASN A 34 1.60 1.41 0.61
C ASN A 34 1.02 1.30 2.02
N PRO A 35 -0.24 1.82 2.16
CA PRO A 35 -0.93 2.41 1.03
C PRO A 35 -0.37 3.79 0.72
N MET A 36 -0.04 4.53 1.78
CA MET A 36 0.50 5.87 1.63
C MET A 36 1.35 6.25 2.85
N CYS A 37 0.80 5.94 4.03
CA CYS A 37 1.47 6.24 5.28
C CYS A 37 2.98 6.02 5.17
N SER A 38 3.36 5.13 4.27
CA SER A 38 4.78 4.84 4.07
C SER A 38 5.27 5.52 2.80
N LYS A 39 6.59 5.69 2.73
CA LYS A 39 7.20 6.32 1.58
C LYS A 39 7.56 5.25 0.54
N VAL A 40 7.01 5.42 -0.64
CA VAL A 40 7.26 4.48 -1.73
C VAL A 40 8.77 4.28 -1.88
N THR A 41 9.13 3.17 -2.52
CA THR A 41 10.52 2.86 -2.75
C THR A 41 10.73 2.33 -4.17
N LEU A 42 11.98 2.39 -4.61
CA LEU A 42 12.32 1.93 -5.94
C LEU A 42 12.39 0.40 -5.94
N GLY A 43 11.25 -0.21 -5.66
CA GLY A 43 11.16 -1.66 -5.62
C GLY A 43 9.77 -2.12 -5.16
N THR A 44 9.76 -2.92 -4.12
CA THR A 44 8.51 -3.43 -3.58
C THR A 44 8.64 -3.66 -2.07
N ILE A 45 7.66 -3.12 -1.34
CA ILE A 45 7.66 -3.26 0.10
C ILE A 45 6.25 -2.95 0.64
N ARG A 46 5.81 -3.78 1.56
CA ARG A 46 4.49 -3.61 2.15
C ARG A 46 4.61 -3.02 3.56
N ALA A 47 4.38 -1.72 3.65
CA ALA A 47 4.46 -1.02 4.92
C ALA A 47 3.12 -1.14 5.65
N ARG A 48 3.13 -0.73 6.91
CA ARG A 48 1.93 -0.79 7.72
C ARG A 48 1.28 0.59 7.80
N CYS A 49 0.21 0.67 8.56
CA CYS A 49 -0.51 1.92 8.73
C CYS A 49 -0.33 2.39 10.18
N THR A 50 -0.61 3.67 10.40
CA THR A 50 -0.48 4.25 11.72
C THR A 50 -1.69 5.14 12.04
N CYS A 51 -1.96 6.06 11.13
CA CYS A 51 -3.07 6.97 11.30
C CYS A 51 -4.34 6.14 11.54
N GLY A 52 -4.54 5.16 10.67
CA GLY A 52 -5.70 4.29 10.78
C GLY A 52 -6.86 4.81 9.93
N GLU A 53 -6.72 6.06 9.49
CA GLU A 53 -7.74 6.68 8.67
C GLU A 53 -7.21 6.92 7.26
N CYS A 54 -6.32 6.04 6.83
CA CYS A 54 -5.74 6.15 5.50
C CYS A 54 -6.86 6.33 4.49
N PRO A 55 -7.90 5.45 4.61
CA PRO A 55 -7.89 4.43 5.64
C PRO A 55 -6.91 3.30 5.29
N ARG A 56 -6.41 2.64 6.33
CA ARG A 56 -5.48 1.54 6.15
C ARG A 56 -6.00 0.58 5.07
N VAL A 57 -7.32 0.60 4.89
CA VAL A 57 -7.95 -0.25 3.91
C VAL A 57 -8.75 0.60 2.92
N CYS A 58 -8.92 0.07 1.72
CA CYS A 58 -9.65 0.77 0.69
C CYS A 58 -10.75 -0.16 0.15
N GLU A 59 -11.31 0.23 -0.97
CA GLU A 59 -12.38 -0.56 -1.59
C GLU A 59 -11.78 -1.72 -2.38
N GLN A 60 -10.47 -1.89 -2.23
CA GLN A 60 -9.77 -2.95 -2.92
C GLN A 60 -9.19 -3.96 -1.92
N CYS A 61 -8.58 -3.42 -0.88
CA CYS A 61 -8.00 -4.26 0.16
C CYS A 61 -9.13 -5.02 0.85
N ARG A 62 -10.18 -4.28 1.18
CA ARG A 62 -11.33 -4.88 1.84
C ARG A 62 -11.80 -6.12 1.08
N THR A 63 -11.51 -6.13 -0.21
CA THR A 63 -11.90 -7.25 -1.05
C THR A 63 -10.83 -8.35 -1.02
N ASP A 64 -9.60 -7.92 -0.76
CA ASP A 64 -8.48 -8.85 -0.68
C ASP A 64 -8.70 -9.81 0.48
N THR A 65 -8.45 -11.08 0.20
CA THR A 65 -8.61 -12.11 1.23
C THR A 65 -7.48 -12.01 2.26
N GLY A 66 -6.39 -11.39 1.84
CA GLY A 66 -5.25 -11.22 2.71
C GLY A 66 -5.39 -9.96 3.58
N VAL A 67 -6.52 -9.30 3.42
CA VAL A 67 -6.80 -8.09 4.17
C VAL A 67 -7.33 -8.47 5.55
N ASP A 68 -7.84 -9.68 5.64
CA ASP A 68 -8.39 -10.17 6.89
C ASP A 68 -7.24 -10.58 7.81
N THR A 69 -6.09 -10.80 7.21
CA THR A 69 -4.91 -11.19 7.97
C THR A 69 -3.90 -10.04 8.03
N ARG A 70 -4.17 -9.02 7.23
CA ARG A 70 -3.30 -7.85 7.19
C ARG A 70 -3.37 -7.08 8.51
N ILE A 71 -2.54 -6.06 8.60
CA ILE A 71 -2.51 -5.24 9.80
C ILE A 71 -3.14 -3.88 9.50
N TRP A 72 -3.93 -3.40 10.45
CA TRP A 72 -4.61 -2.12 10.31
C TRP A 72 -3.88 -1.11 11.19
N TYR A 73 -3.23 -1.62 12.22
CA TYR A 73 -2.49 -0.78 13.14
C TYR A 73 -1.12 -1.37 13.48
N HIS A 74 -0.12 -0.51 13.46
CA HIS A 74 1.24 -0.94 13.74
C HIS A 74 1.26 -1.79 15.02
N ASN A 75 0.25 -1.56 15.85
CA ASN A 75 0.13 -2.29 17.10
C ASN A 75 0.52 -3.76 16.87
N LEU A 76 -0.23 -4.40 15.99
CA LEU A 76 0.03 -5.80 15.67
C LEU A 76 1.49 -5.96 15.25
N PRO A 77 2.09 -7.09 15.69
CA PRO A 77 3.48 -7.38 15.36
C PRO A 77 3.63 -7.83 13.91
N GLU A 78 3.52 -9.14 13.72
CA GLU A 78 3.62 -9.70 12.39
C GLU A 78 2.51 -10.73 12.16
N ILE A 79 2.78 -11.65 11.23
CA ILE A 79 1.81 -12.68 10.90
C ILE A 79 2.53 -13.82 10.18
N PRO A 80 3.01 -14.80 10.99
CA PRO A 80 3.72 -15.95 10.44
C PRO A 80 2.74 -16.93 9.80
N GLU A 81 1.49 -16.86 10.25
CA GLU A 81 0.46 -17.74 9.73
C GLU A 81 -0.91 -17.07 9.87
N GLY A 1 -19.23 5.81 -5.33
CA GLY A 1 -19.00 7.25 -5.43
C GLY A 1 -19.59 7.81 -6.73
N PRO A 2 -19.87 9.13 -6.71
CA PRO A 2 -20.43 9.80 -7.87
C PRO A 2 -19.37 10.00 -8.95
N ALA A 3 -19.67 10.90 -9.88
CA ALA A 3 -18.75 11.20 -10.96
C ALA A 3 -18.27 12.65 -10.85
N SER A 4 -17.83 12.99 -9.64
CA SER A 4 -17.35 14.33 -9.38
C SER A 4 -16.03 14.26 -8.60
N THR A 5 -15.52 15.43 -8.25
CA THR A 5 -14.28 15.52 -7.51
C THR A 5 -14.53 15.33 -6.01
N SER A 6 -13.46 15.46 -5.24
CA SER A 6 -13.55 15.31 -3.81
C SER A 6 -12.63 16.31 -3.11
N GLU A 7 -13.22 17.06 -2.19
CA GLU A 7 -12.46 18.06 -1.46
C GLU A 7 -11.99 17.49 -0.12
N THR A 8 -10.94 18.10 0.43
CA THR A 8 -10.39 17.67 1.69
C THR A 8 -10.43 16.13 1.79
N PRO A 9 -9.54 15.49 0.99
CA PRO A 9 -9.45 14.04 0.99
C PRO A 9 -8.77 13.52 2.25
N ILE A 10 -8.31 12.27 2.17
CA ILE A 10 -7.63 11.65 3.29
C ILE A 10 -6.16 12.06 3.28
N LYS A 11 -5.65 12.33 4.47
CA LYS A 11 -4.26 12.73 4.61
C LYS A 11 -3.36 11.72 3.90
N LYS A 12 -3.90 10.52 3.72
CA LYS A 12 -3.16 9.46 3.05
C LYS A 12 -4.09 8.74 2.07
N GLY A 13 -4.78 7.73 2.59
CA GLY A 13 -5.70 6.95 1.77
C GLY A 13 -5.04 5.66 1.29
N HIS A 14 -5.22 5.39 0.00
CA HIS A 14 -4.66 4.19 -0.59
C HIS A 14 -4.30 4.46 -2.06
N ARG A 15 -3.04 4.23 -2.38
CA ARG A 15 -2.56 4.44 -3.74
C ARG A 15 -1.85 3.19 -4.25
N ARG A 16 -2.29 2.74 -5.42
CA ARG A 16 -1.70 1.56 -6.03
C ARG A 16 -0.22 1.79 -6.33
N GLU A 17 0.56 0.73 -6.15
CA GLU A 17 1.99 0.81 -6.40
C GLU A 17 2.40 -0.21 -7.47
N ILE A 18 3.70 -0.33 -7.65
CA ILE A 18 4.24 -1.27 -8.62
C ILE A 18 5.48 -1.95 -8.06
N GLY A 19 5.45 -3.27 -8.05
CA GLY A 19 6.56 -4.05 -7.54
C GLY A 19 6.70 -5.37 -8.29
N LEU A 20 7.58 -5.36 -9.28
CA LEU A 20 7.82 -6.54 -10.10
C LEU A 20 8.14 -7.72 -9.17
N ILE A 21 7.68 -8.89 -9.60
CA ILE A 21 7.91 -10.11 -8.83
C ILE A 21 8.82 -11.04 -9.62
N TRP A 22 9.99 -11.31 -9.04
CA TRP A 22 10.95 -12.18 -9.67
C TRP A 22 10.65 -13.62 -9.25
N ASN A 23 10.06 -14.37 -10.17
CA ASN A 23 9.72 -15.76 -9.90
C ASN A 23 9.82 -16.56 -11.20
N GLY A 24 10.63 -17.61 -11.14
CA GLY A 24 10.82 -18.47 -12.30
C GLY A 24 11.66 -17.76 -13.36
N ASP A 25 11.14 -17.78 -14.58
CA ASP A 25 11.83 -17.14 -15.69
C ASP A 25 10.95 -16.02 -16.26
N ARG A 26 10.19 -15.41 -15.36
CA ARG A 26 9.30 -14.33 -15.76
C ARG A 26 9.03 -13.40 -14.57
N VAL A 27 8.66 -12.17 -14.88
CA VAL A 27 8.36 -11.19 -13.85
C VAL A 27 6.85 -10.88 -13.86
N PHE A 28 6.38 -10.39 -12.73
CA PHE A 28 4.98 -10.06 -12.59
C PHE A 28 4.79 -8.89 -11.61
N ILE A 29 4.06 -7.89 -12.08
CA ILE A 29 3.80 -6.71 -11.27
C ILE A 29 3.04 -7.13 -10.01
N ASP A 30 3.37 -6.47 -8.91
CA ASP A 30 2.72 -6.76 -7.64
C ASP A 30 1.88 -5.56 -7.21
N ARG A 31 0.60 -5.81 -7.02
CA ARG A 31 -0.31 -4.76 -6.62
C ARG A 31 -0.47 -4.75 -5.09
N TRP A 32 -0.55 -3.54 -4.55
CA TRP A 32 -0.70 -3.38 -3.10
C TRP A 32 -0.92 -1.90 -2.81
N CYS A 33 -0.83 -1.56 -1.53
CA CYS A 33 -1.02 -0.18 -1.10
C CYS A 33 0.12 0.26 -0.18
N ASN A 34 0.54 1.51 -0.32
CA ASN A 34 1.61 2.04 0.51
C ASN A 34 1.24 1.86 1.98
N PRO A 35 -0.03 2.18 2.30
CA PRO A 35 -0.96 2.66 1.29
C PRO A 35 -0.66 4.11 0.90
N MET A 36 -0.29 4.90 1.91
CA MET A 36 0.02 6.29 1.69
C MET A 36 0.85 6.86 2.86
N CYS A 37 0.35 6.62 4.06
CA CYS A 37 1.01 7.09 5.28
C CYS A 37 2.52 6.83 5.20
N SER A 38 2.91 5.87 4.39
CA SER A 38 4.31 5.53 4.24
C SER A 38 4.91 6.30 3.06
N LYS A 39 6.21 6.14 2.88
CA LYS A 39 6.92 6.80 1.80
C LYS A 39 7.41 5.76 0.80
N VAL A 40 6.71 5.69 -0.33
CA VAL A 40 7.08 4.75 -1.37
C VAL A 40 8.56 4.90 -1.70
N THR A 41 9.15 3.80 -2.14
CA THR A 41 10.57 3.79 -2.49
C THR A 41 10.77 3.10 -3.84
N LEU A 42 11.88 3.44 -4.48
CA LEU A 42 12.21 2.86 -5.77
C LEU A 42 11.99 1.34 -5.71
N GLY A 43 11.52 0.81 -6.82
CA GLY A 43 11.26 -0.62 -6.92
C GLY A 43 9.92 -0.98 -6.27
N THR A 44 9.97 -1.19 -4.97
CA THR A 44 8.78 -1.55 -4.21
C THR A 44 9.10 -1.66 -2.72
N ILE A 45 8.08 -1.43 -1.91
CA ILE A 45 8.23 -1.51 -0.46
C ILE A 45 6.85 -1.64 0.18
N ARG A 46 6.81 -2.47 1.22
CA ARG A 46 5.57 -2.70 1.94
C ARG A 46 5.65 -2.09 3.35
N ALA A 47 4.99 -0.96 3.51
CA ALA A 47 4.98 -0.28 4.79
C ALA A 47 3.74 -0.70 5.58
N ARG A 48 3.63 -0.16 6.78
CA ARG A 48 2.50 -0.47 7.65
C ARG A 48 1.58 0.74 7.79
N CYS A 49 0.55 0.57 8.60
CA CYS A 49 -0.40 1.65 8.83
C CYS A 49 -0.18 2.18 10.25
N THR A 50 -0.46 3.47 10.40
CA THR A 50 -0.30 4.12 11.70
C THR A 50 -1.50 5.02 12.00
N CYS A 51 -1.85 5.84 11.01
CA CYS A 51 -2.97 6.74 11.15
C CYS A 51 -4.16 5.96 11.68
N GLY A 52 -4.43 4.83 11.03
CA GLY A 52 -5.54 3.99 11.42
C GLY A 52 -6.87 4.50 10.85
N GLU A 53 -6.75 5.60 10.11
CA GLU A 53 -7.93 6.21 9.51
C GLU A 53 -7.71 6.43 8.01
N CYS A 54 -6.84 5.60 7.44
CA CYS A 54 -6.52 5.70 6.02
C CYS A 54 -7.84 5.75 5.24
N PRO A 55 -8.75 4.80 5.59
CA PRO A 55 -8.45 3.82 6.62
C PRO A 55 -7.48 2.76 6.11
N ARG A 56 -6.77 2.15 7.05
CA ARG A 56 -5.81 1.12 6.71
C ARG A 56 -6.33 0.26 5.56
N VAL A 57 -7.65 0.13 5.51
CA VAL A 57 -8.29 -0.65 4.47
C VAL A 57 -9.03 0.28 3.51
N CYS A 58 -9.05 -0.11 2.25
CA CYS A 58 -9.72 0.68 1.23
C CYS A 58 -10.76 -0.21 0.54
N GLU A 59 -11.32 0.32 -0.54
CA GLU A 59 -12.31 -0.41 -1.30
C GLU A 59 -11.64 -1.44 -2.22
N GLN A 60 -10.33 -1.56 -2.07
CA GLN A 60 -9.56 -2.49 -2.87
C GLN A 60 -9.00 -3.61 -2.00
N CYS A 61 -8.59 -3.23 -0.80
CA CYS A 61 -8.03 -4.19 0.14
C CYS A 61 -9.20 -4.98 0.77
N ARG A 62 -10.11 -4.24 1.38
CA ARG A 62 -11.27 -4.86 2.01
C ARG A 62 -11.88 -5.90 1.08
N THR A 63 -11.94 -5.56 -0.20
CA THR A 63 -12.50 -6.47 -1.19
C THR A 63 -11.46 -7.51 -1.60
N ASP A 64 -10.20 -7.14 -1.45
CA ASP A 64 -9.10 -8.04 -1.81
C ASP A 64 -9.32 -9.39 -1.12
N THR A 65 -8.54 -10.36 -1.55
CA THR A 65 -8.64 -11.70 -0.98
C THR A 65 -7.40 -12.01 -0.14
N GLY A 66 -6.54 -11.01 -0.02
CA GLY A 66 -5.32 -11.16 0.75
C GLY A 66 -5.20 -10.05 1.81
N VAL A 67 -6.24 -9.23 1.89
CA VAL A 67 -6.26 -8.13 2.83
C VAL A 67 -6.29 -8.70 4.26
N ASP A 68 -6.67 -9.95 4.35
CA ASP A 68 -6.74 -10.63 5.64
C ASP A 68 -5.33 -10.91 6.15
N THR A 69 -4.37 -10.79 5.24
CA THR A 69 -2.98 -11.03 5.57
C THR A 69 -2.18 -9.73 5.45
N ARG A 70 -2.62 -8.89 4.55
CA ARG A 70 -1.95 -7.61 4.32
C ARG A 70 -1.77 -6.86 5.64
N ILE A 71 -0.92 -5.85 5.61
CA ILE A 71 -0.65 -5.05 6.79
C ILE A 71 -1.92 -4.30 7.19
N TRP A 72 -2.29 -4.46 8.46
CA TRP A 72 -3.48 -3.81 8.97
C TRP A 72 -3.03 -2.74 9.98
N TYR A 73 -2.00 -3.08 10.74
CA TYR A 73 -1.47 -2.17 11.73
C TYR A 73 0.02 -2.41 11.95
N HIS A 74 0.61 -1.55 12.77
CA HIS A 74 2.02 -1.65 13.07
C HIS A 74 2.36 -3.08 13.52
N ASN A 75 1.33 -3.77 13.99
CA ASN A 75 1.50 -5.14 14.45
C ASN A 75 2.42 -5.88 13.49
N LEU A 76 1.93 -6.07 12.28
CA LEU A 76 2.70 -6.76 11.25
C LEU A 76 4.07 -6.10 11.11
N PRO A 77 5.11 -6.82 11.60
CA PRO A 77 6.47 -6.31 11.53
C PRO A 77 7.02 -6.41 10.11
N GLU A 78 7.54 -7.59 9.78
CA GLU A 78 8.10 -7.82 8.47
C GLU A 78 7.29 -8.90 7.73
N ILE A 79 7.95 -9.51 6.76
CA ILE A 79 7.30 -10.55 5.97
C ILE A 79 5.90 -10.10 5.58
N PRO A 80 5.85 -9.08 4.70
CA PRO A 80 4.58 -8.55 4.24
C PRO A 80 3.91 -9.48 3.24
N GLU A 81 4.76 -10.18 2.49
CA GLU A 81 4.27 -11.12 1.48
C GLU A 81 4.42 -12.56 2.00
N GLY A 1 -4.61 2.06 -23.74
CA GLY A 1 -4.52 3.49 -23.50
C GLY A 1 -4.01 3.78 -22.09
N PRO A 2 -2.67 3.97 -21.99
CA PRO A 2 -2.04 4.24 -20.71
C PRO A 2 -2.31 5.69 -20.27
N ALA A 3 -1.75 6.04 -19.13
CA ALA A 3 -1.91 7.38 -18.59
C ALA A 3 -1.05 7.53 -17.33
N SER A 4 -0.58 8.76 -17.13
CA SER A 4 0.26 9.05 -15.98
C SER A 4 -0.32 10.23 -15.20
N THR A 5 0.24 10.45 -14.02
CA THR A 5 -0.21 11.54 -13.17
C THR A 5 0.98 12.39 -12.71
N SER A 6 1.71 11.85 -11.75
CA SER A 6 2.87 12.55 -11.21
C SER A 6 2.43 13.54 -10.13
N GLU A 7 1.64 13.04 -9.20
CA GLU A 7 1.15 13.87 -8.11
C GLU A 7 1.73 13.39 -6.77
N THR A 8 1.66 14.28 -5.78
CA THR A 8 2.18 13.96 -4.46
C THR A 8 1.39 14.72 -3.39
N PRO A 9 0.09 14.37 -3.30
CA PRO A 9 -0.79 15.00 -2.32
C PRO A 9 -0.51 14.47 -0.91
N ILE A 10 -1.46 14.70 -0.03
CA ILE A 10 -1.33 14.26 1.36
C ILE A 10 -0.79 12.82 1.37
N LYS A 11 -0.38 12.40 2.55
CA LYS A 11 0.17 11.06 2.72
C LYS A 11 -0.96 10.10 3.12
N LYS A 12 -2.17 10.45 2.70
CA LYS A 12 -3.34 9.64 3.01
C LYS A 12 -3.95 9.14 1.71
N GLY A 13 -4.76 8.10 1.84
CA GLY A 13 -5.42 7.50 0.69
C GLY A 13 -4.80 6.15 0.34
N HIS A 14 -4.76 5.87 -0.95
CA HIS A 14 -4.20 4.62 -1.43
C HIS A 14 -3.47 4.85 -2.76
N ARG A 15 -2.17 4.58 -2.76
CA ARG A 15 -1.36 4.76 -3.95
C ARG A 15 -0.95 3.40 -4.51
N ARG A 16 -1.55 3.07 -5.65
CA ARG A 16 -1.25 1.80 -6.31
C ARG A 16 0.24 1.74 -6.69
N GLU A 17 0.99 1.01 -5.88
CA GLU A 17 2.42 0.86 -6.13
C GLU A 17 2.66 -0.14 -7.25
N ILE A 18 3.94 -0.34 -7.56
CA ILE A 18 4.31 -1.27 -8.61
C ILE A 18 5.58 -2.02 -8.19
N GLY A 19 5.44 -3.33 -8.05
CA GLY A 19 6.56 -4.17 -7.65
C GLY A 19 6.73 -5.34 -8.62
N LEU A 20 7.60 -5.15 -9.59
CA LEU A 20 7.85 -6.18 -10.58
C LEU A 20 8.71 -7.28 -9.94
N ILE A 21 8.38 -8.51 -10.27
CA ILE A 21 9.10 -9.66 -9.75
C ILE A 21 9.96 -10.27 -10.85
N TRP A 22 11.25 -9.95 -10.82
CA TRP A 22 12.17 -10.46 -11.80
C TRP A 22 12.40 -11.94 -11.53
N ASN A 23 11.70 -12.77 -12.29
CA ASN A 23 11.81 -14.22 -12.14
C ASN A 23 12.61 -14.78 -13.30
N GLY A 24 13.05 -16.02 -13.13
CA GLY A 24 13.83 -16.69 -14.16
C GLY A 24 12.93 -17.28 -15.24
N ASP A 25 11.66 -16.90 -15.17
CA ASP A 25 10.69 -17.38 -16.14
C ASP A 25 9.97 -16.18 -16.78
N ARG A 26 9.86 -15.11 -16.01
CA ARG A 26 9.21 -13.90 -16.49
C ARG A 26 9.16 -12.86 -15.37
N VAL A 27 8.43 -11.79 -15.65
CA VAL A 27 8.28 -10.71 -14.68
C VAL A 27 6.81 -10.60 -14.27
N PHE A 28 6.61 -10.44 -12.97
CA PHE A 28 5.27 -10.31 -12.42
C PHE A 28 5.13 -9.03 -11.59
N ILE A 29 4.19 -8.20 -12.01
CA ILE A 29 3.94 -6.94 -11.31
C ILE A 29 3.26 -7.24 -9.97
N ASP A 30 3.64 -6.47 -8.97
CA ASP A 30 3.07 -6.63 -7.64
C ASP A 30 2.23 -5.39 -7.30
N ARG A 31 0.94 -5.63 -7.10
CA ARG A 31 0.04 -4.55 -6.77
C ARG A 31 -0.27 -4.55 -5.26
N TRP A 32 -0.44 -3.35 -4.73
CA TRP A 32 -0.72 -3.20 -3.31
C TRP A 32 -0.93 -1.71 -3.02
N CYS A 33 -0.86 -1.36 -1.74
CA CYS A 33 -1.04 0.01 -1.31
C CYS A 33 0.03 0.40 -0.30
N ASN A 34 0.56 1.61 -0.44
CA ASN A 34 1.58 2.09 0.46
C ASN A 34 1.08 2.00 1.90
N PRO A 35 -0.21 2.42 2.08
CA PRO A 35 -0.99 2.92 0.98
C PRO A 35 -0.56 4.32 0.58
N MET A 36 -0.30 5.13 1.59
CA MET A 36 0.13 6.51 1.36
C MET A 36 1.10 6.97 2.45
N CYS A 37 0.60 6.93 3.69
CA CYS A 37 1.40 7.33 4.83
C CYS A 37 2.86 6.95 4.66
N SER A 38 3.09 5.84 3.97
CA SER A 38 4.45 5.36 3.74
C SER A 38 4.93 5.80 2.34
N LYS A 39 6.21 6.13 2.27
CA LYS A 39 6.79 6.56 1.01
C LYS A 39 7.37 5.35 0.28
N VAL A 40 6.64 4.90 -0.72
CA VAL A 40 7.08 3.75 -1.50
C VAL A 40 8.51 3.98 -1.99
N THR A 41 9.28 2.90 -1.98
CA THR A 41 10.67 2.97 -2.42
C THR A 41 11.01 1.77 -3.29
N LEU A 42 11.48 2.07 -4.50
CA LEU A 42 11.85 1.02 -5.44
C LEU A 42 10.79 -0.08 -5.40
N GLY A 43 9.56 0.32 -5.08
CA GLY A 43 8.47 -0.63 -5.01
C GLY A 43 8.81 -1.81 -4.10
N THR A 44 8.07 -2.89 -4.27
CA THR A 44 8.28 -4.08 -3.47
C THR A 44 8.51 -3.71 -2.01
N ILE A 45 7.52 -3.02 -1.44
CA ILE A 45 7.60 -2.60 -0.06
C ILE A 45 6.17 -2.43 0.49
N ARG A 46 5.97 -2.96 1.69
CA ARG A 46 4.67 -2.87 2.34
C ARG A 46 4.82 -2.25 3.73
N ALA A 47 4.39 -0.99 3.82
CA ALA A 47 4.46 -0.28 5.08
C ALA A 47 3.19 -0.54 5.89
N ARG A 48 3.30 -0.37 7.20
CA ARG A 48 2.18 -0.58 8.09
C ARG A 48 1.60 0.76 8.55
N CYS A 49 0.40 1.04 8.08
CA CYS A 49 -0.28 2.28 8.43
C CYS A 49 -0.38 2.36 9.96
N THR A 50 -0.74 3.53 10.44
CA THR A 50 -0.87 3.75 11.87
C THR A 50 -2.16 4.52 12.17
N CYS A 51 -2.39 5.56 11.39
CA CYS A 51 -3.57 6.39 11.56
C CYS A 51 -4.80 5.48 11.50
N GLY A 52 -4.83 4.64 10.48
CA GLY A 52 -5.94 3.72 10.29
C GLY A 52 -7.17 4.44 9.75
N GLU A 53 -7.01 5.75 9.53
CA GLU A 53 -8.10 6.56 9.02
C GLU A 53 -7.75 7.06 7.61
N CYS A 54 -6.77 6.41 7.01
CA CYS A 54 -6.34 6.78 5.66
C CYS A 54 -7.58 6.88 4.78
N PRO A 55 -8.43 5.82 4.85
CA PRO A 55 -8.15 4.70 5.73
C PRO A 55 -7.04 3.81 5.15
N ARG A 56 -6.34 3.13 6.04
CA ARG A 56 -5.26 2.25 5.63
C ARG A 56 -5.77 1.21 4.63
N VAL A 57 -7.09 1.06 4.60
CA VAL A 57 -7.72 0.11 3.71
C VAL A 57 -8.58 0.87 2.70
N CYS A 58 -8.67 0.30 1.49
CA CYS A 58 -9.46 0.90 0.45
C CYS A 58 -10.60 -0.05 0.10
N GLU A 59 -11.41 0.37 -0.88
CA GLU A 59 -12.53 -0.43 -1.31
C GLU A 59 -12.04 -1.68 -2.04
N GLN A 60 -10.73 -1.72 -2.27
CA GLN A 60 -10.13 -2.85 -2.95
C GLN A 60 -9.54 -3.84 -1.93
N CYS A 61 -8.97 -3.28 -0.87
CA CYS A 61 -8.37 -4.09 0.17
C CYS A 61 -9.50 -4.67 1.03
N ARG A 62 -10.41 -3.78 1.41
CA ARG A 62 -11.54 -4.19 2.23
C ARG A 62 -12.21 -5.43 1.66
N THR A 63 -12.01 -5.62 0.35
CA THR A 63 -12.59 -6.76 -0.33
C THR A 63 -11.58 -7.90 -0.39
N ASP A 64 -10.31 -7.55 -0.32
CA ASP A 64 -9.24 -8.53 -0.36
C ASP A 64 -9.36 -9.45 0.86
N THR A 65 -9.26 -10.75 0.60
CA THR A 65 -9.36 -11.73 1.65
C THR A 65 -8.06 -11.78 2.46
N GLY A 66 -7.02 -11.16 1.90
CA GLY A 66 -5.73 -11.11 2.55
C GLY A 66 -5.57 -9.83 3.36
N VAL A 67 -6.60 -9.01 3.32
CA VAL A 67 -6.59 -7.75 4.05
C VAL A 67 -6.74 -8.02 5.54
N ASP A 68 -7.33 -9.17 5.84
CA ASP A 68 -7.54 -9.57 7.22
C ASP A 68 -6.44 -10.54 7.65
N THR A 69 -5.77 -11.09 6.65
CA THR A 69 -4.68 -12.03 6.91
C THR A 69 -3.34 -11.33 6.83
N ARG A 70 -3.35 -10.15 6.22
CA ARG A 70 -2.15 -9.36 6.07
C ARG A 70 -2.04 -8.33 7.20
N ILE A 71 -0.81 -8.14 7.67
CA ILE A 71 -0.57 -7.19 8.74
C ILE A 71 -0.48 -5.78 8.16
N TRP A 72 -1.48 -4.97 8.50
CA TRP A 72 -1.54 -3.60 8.02
C TRP A 72 -1.41 -2.67 9.22
N TYR A 73 -2.29 -2.89 10.19
CA TYR A 73 -2.29 -2.08 11.40
C TYR A 73 -1.36 -2.69 12.46
N HIS A 74 -0.48 -1.85 12.98
CA HIS A 74 0.45 -2.29 14.01
C HIS A 74 -0.32 -2.98 15.13
N ASN A 75 -1.59 -2.66 15.22
CA ASN A 75 -2.44 -3.25 16.25
C ASN A 75 -2.10 -4.73 16.40
N LEU A 76 -2.43 -5.49 15.38
CA LEU A 76 -2.16 -6.92 15.39
C LEU A 76 -0.64 -7.15 15.40
N PRO A 77 -0.25 -8.33 15.95
CA PRO A 77 1.16 -8.68 16.02
C PRO A 77 1.69 -9.11 14.65
N GLU A 78 1.59 -10.39 14.38
CA GLU A 78 2.06 -10.93 13.11
C GLU A 78 1.05 -11.95 12.57
N ILE A 79 1.57 -12.87 11.76
CA ILE A 79 0.73 -13.89 11.18
C ILE A 79 1.45 -15.24 11.26
N PRO A 80 1.18 -15.97 12.38
CA PRO A 80 1.80 -17.26 12.59
C PRO A 80 1.14 -18.34 11.71
N GLU A 81 0.16 -17.90 10.93
CA GLU A 81 -0.54 -18.80 10.04
C GLU A 81 -0.79 -18.12 8.69
N GLY A 1 -12.22 3.11 -18.77
CA GLY A 1 -11.05 3.81 -19.28
C GLY A 1 -10.07 4.14 -18.14
N PRO A 2 -9.03 4.95 -18.50
CA PRO A 2 -8.04 5.36 -17.52
C PRO A 2 -8.60 6.41 -16.56
N ALA A 3 -7.90 6.60 -15.45
CA ALA A 3 -8.31 7.57 -14.47
C ALA A 3 -7.09 7.99 -13.63
N SER A 4 -7.35 8.86 -12.67
CA SER A 4 -6.29 9.36 -11.80
C SER A 4 -5.24 10.09 -12.63
N THR A 5 -5.70 11.11 -13.35
CA THR A 5 -4.81 11.91 -14.18
C THR A 5 -3.97 12.85 -13.31
N SER A 6 -2.81 12.35 -12.92
CA SER A 6 -1.91 13.13 -12.09
C SER A 6 -2.70 13.92 -11.05
N GLU A 7 -2.93 13.25 -9.92
CA GLU A 7 -3.66 13.88 -8.83
C GLU A 7 -2.91 13.73 -7.51
N THR A 8 -3.22 14.61 -6.58
CA THR A 8 -2.58 14.59 -5.28
C THR A 8 -3.62 14.62 -4.16
N PRO A 9 -4.40 13.50 -4.06
CA PRO A 9 -5.43 13.40 -3.05
C PRO A 9 -4.83 13.14 -1.67
N ILE A 10 -5.66 12.65 -0.77
CA ILE A 10 -5.22 12.36 0.58
C ILE A 10 -3.82 11.76 0.54
N LYS A 11 -3.02 12.12 1.54
CA LYS A 11 -1.66 11.63 1.63
C LYS A 11 -1.64 10.31 2.40
N LYS A 12 -2.84 9.84 2.72
CA LYS A 12 -2.99 8.59 3.46
C LYS A 12 -3.95 7.67 2.72
N GLY A 13 -4.05 7.89 1.41
CA GLY A 13 -4.95 7.09 0.59
C GLY A 13 -4.35 5.71 0.32
N HIS A 14 -4.15 5.42 -0.95
CA HIS A 14 -3.60 4.14 -1.36
C HIS A 14 -2.75 4.32 -2.62
N ARG A 15 -1.53 3.81 -2.56
CA ARG A 15 -0.63 3.91 -3.70
C ARG A 15 -0.42 2.53 -4.33
N ARG A 16 -1.14 2.30 -5.42
CA ARG A 16 -1.05 1.04 -6.13
C ARG A 16 0.38 0.83 -6.64
N GLU A 17 1.09 -0.05 -5.95
CA GLU A 17 2.47 -0.36 -6.31
C GLU A 17 2.55 -1.78 -6.86
N ILE A 18 3.50 -1.97 -7.78
CA ILE A 18 3.70 -3.27 -8.39
C ILE A 18 5.11 -3.77 -8.06
N GLY A 19 5.17 -5.03 -7.65
CA GLY A 19 6.44 -5.64 -7.29
C GLY A 19 6.86 -6.68 -8.33
N LEU A 20 7.55 -6.20 -9.36
CA LEU A 20 8.01 -7.07 -10.42
C LEU A 20 9.15 -7.96 -9.89
N ILE A 21 8.94 -9.26 -10.00
CA ILE A 21 9.93 -10.22 -9.53
C ILE A 21 10.56 -10.92 -10.75
N TRP A 22 11.85 -10.72 -10.91
CA TRP A 22 12.57 -11.33 -12.02
C TRP A 22 12.90 -12.77 -11.63
N ASN A 23 12.14 -13.69 -12.20
CA ASN A 23 12.34 -15.10 -11.92
C ASN A 23 12.50 -15.86 -13.25
N GLY A 24 13.74 -15.94 -13.70
CA GLY A 24 14.05 -16.61 -14.95
C GLY A 24 13.85 -15.69 -16.14
N ASP A 25 12.81 -15.97 -16.91
CA ASP A 25 12.50 -15.18 -18.08
C ASP A 25 11.06 -14.67 -17.99
N ARG A 26 10.61 -14.50 -16.75
CA ARG A 26 9.26 -14.02 -16.51
C ARG A 26 9.25 -13.04 -15.33
N VAL A 27 8.17 -12.26 -15.26
CA VAL A 27 8.03 -11.29 -14.20
C VAL A 27 6.64 -11.42 -13.58
N PHE A 28 6.58 -11.20 -12.27
CA PHE A 28 5.33 -11.29 -11.55
C PHE A 28 4.94 -9.94 -10.94
N ILE A 29 3.74 -9.49 -11.28
CA ILE A 29 3.24 -8.23 -10.78
C ILE A 29 2.40 -8.47 -9.53
N ASP A 30 2.69 -7.69 -8.50
CA ASP A 30 1.97 -7.80 -7.24
C ASP A 30 1.46 -6.42 -6.82
N ARG A 31 0.15 -6.31 -6.74
CA ARG A 31 -0.48 -5.07 -6.35
C ARG A 31 -0.75 -5.05 -4.85
N TRP A 32 -0.83 -3.86 -4.30
CA TRP A 32 -1.08 -3.70 -2.87
C TRP A 32 -1.17 -2.19 -2.58
N CYS A 33 -0.86 -1.85 -1.33
CA CYS A 33 -0.90 -0.46 -0.89
C CYS A 33 0.11 -0.22 0.23
N ASN A 34 0.75 0.94 0.20
CA ASN A 34 1.73 1.29 1.21
C ASN A 34 1.06 1.29 2.60
N PRO A 35 -0.20 1.79 2.61
CA PRO A 35 -0.83 2.29 1.40
C PRO A 35 -0.25 3.65 1.00
N MET A 36 -0.26 4.57 1.96
CA MET A 36 0.25 5.90 1.71
C MET A 36 0.99 6.44 2.95
N CYS A 37 0.34 6.24 4.10
CA CYS A 37 0.90 6.70 5.37
C CYS A 37 2.43 6.62 5.35
N SER A 38 2.95 5.59 4.71
CA SER A 38 4.38 5.41 4.63
C SER A 38 4.92 5.99 3.32
N LYS A 39 6.06 6.65 3.41
CA LYS A 39 6.68 7.25 2.25
C LYS A 39 7.15 6.15 1.29
N VAL A 40 6.40 5.99 0.21
CA VAL A 40 6.71 4.98 -0.78
C VAL A 40 8.17 5.15 -1.22
N THR A 41 8.75 4.04 -1.64
CA THR A 41 10.14 4.06 -2.10
C THR A 41 10.22 3.67 -3.58
N LEU A 42 11.06 4.40 -4.30
CA LEU A 42 11.23 4.15 -5.72
C LEU A 42 11.38 2.65 -5.96
N GLY A 43 10.30 2.05 -6.43
CA GLY A 43 10.28 0.62 -6.70
C GLY A 43 9.06 -0.05 -6.07
N THR A 44 9.32 -1.14 -5.36
CA THR A 44 8.25 -1.88 -4.71
C THR A 44 8.62 -2.19 -3.26
N ILE A 45 7.85 -1.61 -2.35
CA ILE A 45 8.09 -1.80 -0.93
C ILE A 45 6.76 -1.77 -0.19
N ARG A 46 6.68 -2.58 0.87
CA ARG A 46 5.48 -2.65 1.67
C ARG A 46 5.70 -2.00 3.04
N ALA A 47 4.87 -1.01 3.33
CA ALA A 47 4.97 -0.30 4.59
C ALA A 47 3.73 -0.61 5.44
N ARG A 48 3.77 -0.12 6.67
CA ARG A 48 2.66 -0.33 7.60
C ARG A 48 1.85 0.95 7.75
N CYS A 49 0.84 0.89 8.61
CA CYS A 49 -0.02 2.03 8.85
C CYS A 49 0.19 2.49 10.30
N THR A 50 -0.14 3.74 10.54
CA THR A 50 0.00 4.31 11.87
C THR A 50 -1.23 5.14 12.23
N CYS A 51 -1.67 5.94 11.29
CA CYS A 51 -2.83 6.79 11.50
C CYS A 51 -4.04 5.88 11.75
N GLY A 52 -4.20 4.90 10.88
CA GLY A 52 -5.31 3.96 10.99
C GLY A 52 -6.49 4.41 10.14
N GLU A 53 -6.58 5.70 9.92
CA GLU A 53 -7.66 6.26 9.12
C GLU A 53 -7.13 6.67 7.74
N CYS A 54 -6.23 5.84 7.21
CA CYS A 54 -5.65 6.10 5.91
C CYS A 54 -6.79 6.38 4.92
N PRO A 55 -7.81 5.47 4.95
CA PRO A 55 -7.78 4.34 5.86
C PRO A 55 -6.79 3.27 5.38
N ARG A 56 -6.26 2.52 6.34
CA ARG A 56 -5.31 1.47 6.03
C ARG A 56 -5.85 0.56 4.93
N VAL A 57 -7.18 0.59 4.80
CA VAL A 57 -7.84 -0.23 3.79
C VAL A 57 -8.55 0.68 2.79
N CYS A 58 -8.70 0.17 1.58
CA CYS A 58 -9.36 0.92 0.53
C CYS A 58 -10.59 0.14 0.07
N GLU A 59 -11.18 0.60 -1.02
CA GLU A 59 -12.37 -0.04 -1.57
C GLU A 59 -11.97 -1.26 -2.40
N GLN A 60 -10.67 -1.56 -2.36
CA GLN A 60 -10.15 -2.69 -3.12
C GLN A 60 -9.61 -3.76 -2.16
N CYS A 61 -9.07 -3.28 -1.04
CA CYS A 61 -8.52 -4.17 -0.05
C CYS A 61 -9.68 -4.80 0.74
N ARG A 62 -10.54 -3.94 1.27
CA ARG A 62 -11.68 -4.39 2.03
C ARG A 62 -12.37 -5.55 1.31
N THR A 63 -12.48 -5.41 0.00
CA THR A 63 -13.13 -6.43 -0.81
C THR A 63 -12.18 -7.61 -1.02
N ASP A 64 -10.89 -7.31 -0.98
CA ASP A 64 -9.87 -8.33 -1.17
C ASP A 64 -10.13 -9.48 -0.19
N THR A 65 -9.46 -10.60 -0.45
CA THR A 65 -9.60 -11.77 0.39
C THR A 65 -8.39 -11.93 1.30
N GLY A 66 -7.37 -11.14 1.02
CA GLY A 66 -6.16 -11.17 1.81
C GLY A 66 -6.12 -10.03 2.82
N VAL A 67 -7.10 -9.15 2.71
CA VAL A 67 -7.19 -8.02 3.61
C VAL A 67 -7.60 -8.50 5.01
N ASP A 68 -8.15 -9.70 5.04
CA ASP A 68 -8.59 -10.30 6.29
C ASP A 68 -7.35 -10.75 7.09
N THR A 69 -6.27 -11.00 6.35
CA THR A 69 -5.04 -11.44 6.97
C THR A 69 -4.02 -10.30 7.00
N ARG A 70 -4.43 -9.17 6.43
CA ARG A 70 -3.57 -8.00 6.38
C ARG A 70 -3.48 -7.35 7.76
N ILE A 71 -2.73 -6.26 7.82
CA ILE A 71 -2.55 -5.54 9.06
C ILE A 71 -3.11 -4.12 8.91
N TRP A 72 -3.75 -3.65 9.97
CA TRP A 72 -4.33 -2.31 9.96
C TRP A 72 -3.42 -1.40 10.80
N TYR A 73 -2.83 -1.99 11.83
CA TYR A 73 -1.95 -1.26 12.71
C TYR A 73 -0.57 -1.91 12.79
N HIS A 74 0.45 -1.07 12.86
CA HIS A 74 1.82 -1.55 12.93
C HIS A 74 2.03 -2.31 14.25
N ASN A 75 1.06 -2.15 15.14
CA ASN A 75 1.12 -2.80 16.44
C ASN A 75 1.64 -4.23 16.26
N LEU A 76 0.84 -5.04 15.59
CA LEU A 76 1.21 -6.43 15.35
C LEU A 76 2.44 -6.47 14.45
N PRO A 77 3.21 -7.60 14.57
CA PRO A 77 4.41 -7.77 13.77
C PRO A 77 4.06 -8.12 12.33
N GLU A 78 3.93 -9.42 12.08
CA GLU A 78 3.61 -9.89 10.75
C GLU A 78 2.51 -10.96 10.82
N ILE A 79 2.45 -11.77 9.78
CA ILE A 79 1.46 -12.83 9.71
C ILE A 79 1.87 -13.84 8.62
N PRO A 80 2.94 -14.62 8.94
CA PRO A 80 3.43 -15.62 8.01
C PRO A 80 2.51 -16.84 7.96
N GLU A 81 1.59 -16.88 8.92
CA GLU A 81 0.65 -17.98 9.00
C GLU A 81 -0.22 -18.03 7.74
N GLY A 1 -9.27 12.56 -21.15
CA GLY A 1 -8.30 13.40 -20.46
C GLY A 1 -7.65 12.65 -19.29
N PRO A 2 -6.52 13.21 -18.80
CA PRO A 2 -5.81 12.60 -17.69
C PRO A 2 -6.54 12.84 -16.37
N ALA A 3 -6.18 13.95 -15.74
CA ALA A 3 -6.79 14.32 -14.47
C ALA A 3 -7.06 15.82 -14.45
N SER A 4 -7.73 16.26 -13.39
CA SER A 4 -8.06 17.67 -13.24
C SER A 4 -7.72 18.13 -11.82
N THR A 5 -8.57 17.74 -10.89
CA THR A 5 -8.38 18.09 -9.50
C THR A 5 -6.90 18.06 -9.13
N SER A 6 -6.51 18.98 -8.26
CA SER A 6 -5.12 19.06 -7.82
C SER A 6 -5.06 19.55 -6.38
N GLU A 7 -5.13 18.59 -5.46
CA GLU A 7 -5.09 18.91 -4.05
C GLU A 7 -3.72 18.53 -3.47
N THR A 8 -3.57 18.81 -2.18
CA THR A 8 -2.32 18.50 -1.50
C THR A 8 -2.59 18.18 -0.03
N PRO A 9 -3.34 17.08 0.19
CA PRO A 9 -3.68 16.66 1.54
C PRO A 9 -2.48 16.01 2.23
N ILE A 10 -2.76 15.27 3.29
CA ILE A 10 -1.72 14.58 4.04
C ILE A 10 -1.44 13.23 3.39
N LYS A 11 -1.28 13.25 2.08
CA LYS A 11 -1.00 12.03 1.34
C LYS A 11 -1.87 10.90 1.90
N LYS A 12 -3.03 11.28 2.42
CA LYS A 12 -3.95 10.30 2.98
C LYS A 12 -4.77 9.66 1.86
N GLY A 13 -5.00 8.37 2.00
CA GLY A 13 -5.76 7.63 1.02
C GLY A 13 -5.14 6.26 0.75
N HIS A 14 -5.21 5.83 -0.49
CA HIS A 14 -4.67 4.54 -0.89
C HIS A 14 -4.16 4.61 -2.34
N ARG A 15 -2.85 4.52 -2.48
CA ARG A 15 -2.23 4.57 -3.78
C ARG A 15 -1.64 3.21 -4.15
N ARG A 16 -2.25 2.58 -5.13
CA ARG A 16 -1.80 1.27 -5.59
C ARG A 16 -0.36 1.35 -6.10
N GLU A 17 0.39 0.29 -5.83
CA GLU A 17 1.77 0.24 -6.25
C GLU A 17 2.00 -0.97 -7.16
N ILE A 18 3.23 -1.09 -7.65
CA ILE A 18 3.59 -2.18 -8.52
C ILE A 18 4.84 -2.87 -7.98
N GLY A 19 4.68 -4.13 -7.61
CA GLY A 19 5.78 -4.91 -7.07
C GLY A 19 6.09 -6.11 -7.96
N LEU A 20 6.33 -5.82 -9.23
CA LEU A 20 6.64 -6.87 -10.20
C LEU A 20 7.78 -7.73 -9.66
N ILE A 21 7.50 -9.02 -9.55
CA ILE A 21 8.49 -9.97 -9.06
C ILE A 21 9.29 -10.53 -10.23
N TRP A 22 10.51 -10.04 -10.36
CA TRP A 22 11.39 -10.48 -11.44
C TRP A 22 11.82 -11.92 -11.12
N ASN A 23 11.14 -12.86 -11.77
CA ASN A 23 11.45 -14.27 -11.59
C ASN A 23 12.27 -14.77 -12.76
N GLY A 24 12.88 -15.93 -12.57
CA GLY A 24 13.70 -16.54 -13.61
C GLY A 24 12.85 -17.33 -14.59
N ASP A 25 11.53 -17.25 -14.38
CA ASP A 25 10.60 -17.96 -15.24
C ASP A 25 9.64 -16.95 -15.87
N ARG A 26 9.49 -15.82 -15.20
CA ARG A 26 8.61 -14.77 -15.69
C ARG A 26 8.56 -13.61 -14.69
N VAL A 27 7.44 -12.90 -14.71
CA VAL A 27 7.25 -11.78 -13.81
C VAL A 27 5.79 -11.70 -13.38
N PHE A 28 5.60 -11.30 -12.13
CA PHE A 28 4.25 -11.19 -11.58
C PHE A 28 4.06 -9.85 -10.86
N ILE A 29 3.01 -9.14 -11.25
CA ILE A 29 2.72 -7.86 -10.65
C ILE A 29 2.22 -8.07 -9.22
N ASP A 30 2.59 -7.14 -8.36
CA ASP A 30 2.20 -7.22 -6.96
C ASP A 30 1.41 -5.96 -6.60
N ARG A 31 0.16 -6.18 -6.19
CA ARG A 31 -0.70 -5.08 -5.81
C ARG A 31 -0.83 -5.01 -4.29
N TRP A 32 -0.89 -3.78 -3.79
CA TRP A 32 -1.01 -3.56 -2.35
C TRP A 32 -1.11 -2.05 -2.12
N CYS A 33 -0.91 -1.67 -0.86
CA CYS A 33 -0.99 -0.26 -0.47
C CYS A 33 0.04 0.05 0.63
N ASN A 34 0.68 1.21 0.52
CA ASN A 34 1.67 1.61 1.50
C ASN A 34 0.99 1.75 2.87
N PRO A 35 -0.26 2.29 2.84
CA PRO A 35 -0.88 2.68 1.58
C PRO A 35 -0.27 3.99 1.07
N MET A 36 -0.24 4.98 1.94
CA MET A 36 0.31 6.28 1.57
C MET A 36 1.15 6.86 2.72
N CYS A 37 0.55 6.86 3.91
CA CYS A 37 1.21 7.38 5.10
C CYS A 37 2.66 6.92 5.16
N SER A 38 2.95 5.81 4.50
CA SER A 38 4.31 5.28 4.48
C SER A 38 5.12 5.95 3.38
N LYS A 39 6.39 5.58 3.32
CA LYS A 39 7.29 6.15 2.32
C LYS A 39 7.63 5.07 1.29
N VAL A 40 6.95 5.16 0.15
CA VAL A 40 7.17 4.19 -0.92
C VAL A 40 8.68 4.12 -1.23
N THR A 41 9.04 3.06 -1.94
CA THR A 41 10.44 2.86 -2.30
C THR A 41 10.54 2.43 -3.77
N LEU A 42 11.37 3.16 -4.51
CA LEU A 42 11.57 2.87 -5.91
C LEU A 42 11.71 1.36 -6.11
N GLY A 43 10.61 0.73 -6.48
CA GLY A 43 10.59 -0.71 -6.70
C GLY A 43 9.40 -1.36 -6.00
N THR A 44 9.71 -2.11 -4.96
CA THR A 44 8.68 -2.79 -4.19
C THR A 44 8.95 -2.65 -2.69
N ILE A 45 7.91 -2.24 -1.98
CA ILE A 45 8.02 -2.05 -0.54
C ILE A 45 6.62 -2.05 0.08
N ARG A 46 6.52 -2.69 1.23
CA ARG A 46 5.25 -2.78 1.94
C ARG A 46 5.35 -2.10 3.30
N ALA A 47 4.37 -1.24 3.58
CA ALA A 47 4.35 -0.52 4.84
C ALA A 47 3.05 -0.86 5.58
N ARG A 48 3.00 -0.45 6.84
CA ARG A 48 1.83 -0.70 7.66
C ARG A 48 1.23 0.63 8.14
N CYS A 49 0.02 0.89 7.66
CA CYS A 49 -0.68 2.12 8.02
C CYS A 49 -0.61 2.28 9.54
N THR A 50 -0.87 3.49 9.99
CA THR A 50 -0.84 3.80 11.41
C THR A 50 -2.04 4.66 11.80
N CYS A 51 -2.21 5.75 11.06
CA CYS A 51 -3.31 6.66 11.31
C CYS A 51 -4.56 5.84 11.60
N GLY A 52 -4.96 5.07 10.60
CA GLY A 52 -6.14 4.23 10.73
C GLY A 52 -7.34 4.85 10.02
N GLU A 53 -7.24 6.16 9.78
CA GLU A 53 -8.30 6.87 9.11
C GLU A 53 -7.96 7.07 7.62
N CYS A 54 -7.01 6.28 7.16
CA CYS A 54 -6.57 6.34 5.77
C CYS A 54 -7.83 6.29 4.89
N PRO A 55 -8.71 5.30 5.19
CA PRO A 55 -8.44 4.38 6.28
C PRO A 55 -7.37 3.36 5.90
N ARG A 56 -6.70 2.83 6.91
CA ARG A 56 -5.65 1.85 6.69
C ARG A 56 -6.04 0.91 5.54
N VAL A 57 -7.33 0.70 5.41
CA VAL A 57 -7.85 -0.17 4.37
C VAL A 57 -8.69 0.65 3.38
N CYS A 58 -8.74 0.15 2.15
CA CYS A 58 -9.50 0.83 1.12
C CYS A 58 -10.50 -0.17 0.53
N GLU A 59 -11.40 0.36 -0.31
CA GLU A 59 -12.40 -0.48 -0.94
C GLU A 59 -11.82 -1.18 -2.16
N GLN A 60 -10.50 -1.05 -2.31
CA GLN A 60 -9.81 -1.66 -3.43
C GLN A 60 -8.82 -2.71 -2.92
N CYS A 61 -8.55 -2.65 -1.62
CA CYS A 61 -7.63 -3.59 -1.00
C CYS A 61 -8.38 -4.37 0.08
N ARG A 62 -9.13 -3.63 0.89
CA ARG A 62 -9.90 -4.25 1.95
C ARG A 62 -10.61 -5.50 1.45
N THR A 63 -11.32 -5.32 0.34
CA THR A 63 -12.05 -6.43 -0.27
C THR A 63 -11.09 -7.47 -0.81
N ASP A 64 -10.01 -6.98 -1.42
CA ASP A 64 -9.01 -7.86 -1.99
C ASP A 64 -8.72 -9.01 -1.01
N THR A 65 -8.26 -10.11 -1.56
CA THR A 65 -7.95 -11.28 -0.75
C THR A 65 -6.51 -11.18 -0.21
N GLY A 66 -5.61 -10.80 -1.10
CA GLY A 66 -4.21 -10.66 -0.74
C GLY A 66 -4.04 -9.68 0.44
N VAL A 67 -5.06 -8.86 0.63
CA VAL A 67 -5.04 -7.88 1.70
C VAL A 67 -4.93 -8.60 3.05
N ASP A 68 -5.20 -9.89 3.00
CA ASP A 68 -5.13 -10.71 4.21
C ASP A 68 -3.70 -10.66 4.77
N THR A 69 -2.76 -10.47 3.87
CA THR A 69 -1.36 -10.41 4.26
C THR A 69 -1.07 -9.10 4.99
N ARG A 70 -2.01 -8.18 4.89
CA ARG A 70 -1.87 -6.89 5.53
C ARG A 70 -2.48 -6.93 6.94
N ILE A 71 -1.89 -6.14 7.82
CA ILE A 71 -2.36 -6.07 9.19
C ILE A 71 -3.12 -4.75 9.41
N TRP A 72 -4.09 -4.79 10.30
CA TRP A 72 -4.88 -3.62 10.62
C TRP A 72 -3.93 -2.51 11.06
N TYR A 73 -3.04 -2.87 11.99
CA TYR A 73 -2.07 -1.92 12.51
C TYR A 73 -0.68 -2.54 12.59
N HIS A 74 0.27 -1.74 13.03
CA HIS A 74 1.64 -2.20 13.16
C HIS A 74 1.78 -3.08 14.40
N ASN A 75 0.67 -3.19 15.13
CA ASN A 75 0.66 -3.99 16.34
C ASN A 75 1.46 -5.28 16.11
N LEU A 76 1.17 -5.91 14.98
CA LEU A 76 1.85 -7.15 14.63
C LEU A 76 3.37 -6.93 14.72
N PRO A 77 4.11 -8.07 14.72
CA PRO A 77 5.56 -8.02 14.79
C PRO A 77 6.16 -7.59 13.46
N GLU A 78 6.44 -8.58 12.62
CA GLU A 78 7.02 -8.32 11.32
C GLU A 78 6.28 -9.12 10.25
N ILE A 79 6.96 -9.33 9.13
CA ILE A 79 6.39 -10.07 8.02
C ILE A 79 7.43 -11.03 7.46
N PRO A 80 7.42 -12.27 8.01
CA PRO A 80 8.36 -13.29 7.57
C PRO A 80 7.96 -13.86 6.21
N GLU A 81 6.94 -14.71 6.24
CA GLU A 81 6.46 -15.33 5.02
C GLU A 81 4.98 -15.73 5.18
#